data_6FCG
#
_entry.id   6FCG
#
_cell.length_a   93.336
_cell.length_b   149.143
_cell.length_c   107.217
_cell.angle_alpha   90.00
_cell.angle_beta   103.35
_cell.angle_gamma   90.00
#
_symmetry.space_group_name_H-M   'P 1 21 1'
#
loop_
_entity.id
_entity.type
_entity.pdbx_description
1 polymer 'Glycoside hydrolase, GH17 family'
2 non-polymer 'CALCIUM ION'
3 water water
#
_entity_poly.entity_id   1
_entity_poly.type   'polypeptide(L)'
_entity_poly.pdbx_seq_one_letter_code
;MRATKHILILILLVFLVISCKNKQSNTQNPNQQNQNEVTAKDILGNSKYLAISYGGYRKKSRDFQPSIEELKEDMKILHA
MNIRILRTYNVRLAHTSNILKAIRELKNEDANFEMYMMVGAWIDCKNAWTDQPLNHHEESENNASEIDRAVALAQEFPDI
VKVIAVGNEAMVKWAASYFVQPAVILKWVNHLQALKKKGDLSKDLWITSSDNFASWGGGDPQYHVEDLTKLIEAVDYLSV
HTYPMHDTHYNPIFWGVFGDETELSSLKRIDIAMNRAKTYAVSQSDSVASYIKSLGINKPIHIGETGWASFSNGYYGAKG
SKATDEYKEAIFYNHIREWTNEANMSCFYFEAFDEPWKDAHNSGGSENHFGLFTVDGKAKYVLWDLVDKGVFEGLTRGGN
PITKTYNGNKEALFLEVELPPVKKEITKNH
;
_entity_poly.pdbx_strand_id   A,B,C,D,E,F
#
# COMPACT_ATOMS: atom_id res chain seq x y z
N VAL A 38 37.30 -33.92 29.23
CA VAL A 38 37.20 -33.81 30.73
C VAL A 38 36.87 -32.32 31.07
N THR A 39 37.60 -31.32 30.55
CA THR A 39 37.45 -29.87 30.99
C THR A 39 36.96 -28.89 29.88
N ALA A 40 36.44 -27.72 30.27
CA ALA A 40 35.96 -26.73 29.26
C ALA A 40 37.03 -26.29 28.26
N LYS A 41 38.23 -26.03 28.78
CA LYS A 41 39.43 -25.81 27.95
C LYS A 41 39.70 -26.92 26.90
N ASP A 42 39.41 -28.17 27.20
CA ASP A 42 39.60 -29.27 26.24
C ASP A 42 38.48 -29.32 25.19
N ILE A 43 37.27 -28.96 25.61
CA ILE A 43 36.06 -29.16 24.83
C ILE A 43 35.78 -28.03 23.83
N LEU A 44 35.91 -26.79 24.30
CA LEU A 44 35.54 -25.66 23.50
C LEU A 44 36.56 -25.48 22.39
N GLY A 45 36.06 -25.32 21.15
CA GLY A 45 36.93 -25.15 19.98
C GLY A 45 37.47 -26.43 19.40
N ASN A 46 36.96 -27.55 19.87
CA ASN A 46 37.44 -28.85 19.50
C ASN A 46 36.31 -29.49 18.76
N SER A 47 36.52 -29.79 17.47
CA SER A 47 35.44 -30.31 16.61
C SER A 47 35.01 -31.75 16.89
N LYS A 48 35.74 -32.46 17.75
CA LYS A 48 35.24 -33.75 18.29
C LYS A 48 34.08 -33.57 19.28
N TYR A 49 33.90 -32.35 19.81
CA TYR A 49 32.79 -32.00 20.73
C TYR A 49 31.87 -30.88 20.16
N LEU A 50 31.10 -31.23 19.13
CA LEU A 50 30.18 -30.27 18.49
C LEU A 50 29.13 -29.79 19.50
N ALA A 51 28.88 -28.48 19.45
CA ALA A 51 27.96 -27.80 20.37
C ALA A 51 26.64 -27.49 19.71
N ILE A 52 25.62 -27.29 20.54
CA ILE A 52 24.28 -26.90 20.11
C ILE A 52 23.58 -26.13 21.22
N SER A 53 22.69 -25.20 20.87
CA SER A 53 21.72 -24.66 21.82
C SER A 53 20.52 -25.63 21.93
N TYR A 54 20.05 -25.89 23.15
CA TYR A 54 19.00 -26.90 23.37
C TYR A 54 17.87 -26.50 24.31
N GLY A 55 16.66 -26.80 23.86
CA GLY A 55 15.48 -26.83 24.68
C GLY A 55 14.65 -28.01 24.24
N GLY A 56 13.94 -28.61 25.19
CA GLY A 56 13.20 -29.87 25.01
C GLY A 56 11.71 -29.73 25.16
N TYR A 57 11.24 -28.51 25.31
CA TYR A 57 9.82 -28.21 25.43
C TYR A 57 9.15 -28.57 24.12
N ARG A 58 7.98 -29.21 24.25
CA ARG A 58 7.21 -29.75 23.10
C ARG A 58 5.86 -29.09 22.87
N LYS A 59 5.46 -28.18 23.76
CA LYS A 59 4.15 -27.54 23.70
C LYS A 59 4.31 -26.03 23.68
N LYS A 60 3.19 -25.33 23.52
CA LYS A 60 3.17 -23.88 23.35
C LYS A 60 3.37 -23.06 24.64
N SER A 61 3.60 -23.74 25.76
CA SER A 61 3.92 -23.08 27.01
C SER A 61 4.98 -23.90 27.77
N ARG A 62 5.87 -23.19 28.42
CA ARG A 62 6.88 -23.81 29.25
C ARG A 62 6.32 -24.32 30.56
N ASP A 63 5.07 -23.97 30.88
CA ASP A 63 4.33 -24.61 31.95
C ASP A 63 4.24 -26.13 31.77
N PHE A 64 4.22 -26.59 30.53
CA PHE A 64 4.30 -28.01 30.20
C PHE A 64 5.77 -28.44 30.10
N GLN A 65 6.35 -28.73 31.26
CA GLN A 65 7.75 -29.21 31.35
C GLN A 65 7.90 -30.59 30.73
N PRO A 66 8.92 -30.78 29.89
CA PRO A 66 9.11 -32.12 29.42
C PRO A 66 9.58 -33.04 30.57
N SER A 67 9.23 -34.30 30.49
CA SER A 67 9.66 -35.30 31.48
C SER A 67 11.11 -35.71 31.24
N ILE A 68 11.70 -36.33 32.25
CA ILE A 68 13.03 -36.92 32.13
C ILE A 68 13.08 -37.95 30.99
N GLU A 69 12.03 -38.77 30.85
CA GLU A 69 11.90 -39.77 29.78
C GLU A 69 11.98 -39.03 28.39
N GLU A 70 11.24 -37.93 28.26
CA GLU A 70 11.26 -37.13 27.02
C GLU A 70 12.63 -36.49 26.72
N LEU A 71 13.26 -35.95 27.74
CA LEU A 71 14.59 -35.38 27.57
C LEU A 71 15.64 -36.42 27.16
N LYS A 72 15.51 -37.65 27.65
CA LYS A 72 16.44 -38.72 27.28
C LYS A 72 16.33 -39.08 25.81
N GLU A 73 15.09 -39.11 25.30
CA GLU A 73 14.86 -39.24 23.87
C GLU A 73 15.72 -38.22 23.08
N ASP A 74 15.68 -36.95 23.48
CA ASP A 74 16.44 -35.89 22.81
C ASP A 74 17.93 -36.09 22.90
N MET A 75 18.38 -36.42 24.11
CA MET A 75 19.79 -36.65 24.33
C MET A 75 20.31 -37.76 23.44
N LYS A 76 19.55 -38.85 23.31
CA LYS A 76 19.98 -39.96 22.47
C LYS A 76 20.11 -39.52 21.02
N ILE A 77 19.11 -38.77 20.52
CA ILE A 77 19.14 -38.19 19.18
C ILE A 77 20.35 -37.28 18.94
N LEU A 78 20.62 -36.37 19.87
CA LEU A 78 21.73 -35.46 19.70
C LEU A 78 23.04 -36.19 19.74
N HIS A 79 23.15 -37.14 20.65
CA HIS A 79 24.38 -37.91 20.82
C HIS A 79 24.70 -38.72 19.57
N ALA A 80 23.67 -39.28 18.95
CA ALA A 80 23.80 -40.03 17.69
C ALA A 80 24.38 -39.16 16.58
N MET A 81 24.04 -37.88 16.58
CA MET A 81 24.55 -36.84 15.66
C MET A 81 25.94 -36.29 15.94
N ASN A 82 26.64 -36.79 16.95
CA ASN A 82 27.94 -36.22 17.40
C ASN A 82 27.90 -34.92 18.18
N ILE A 83 26.72 -34.54 18.68
CA ILE A 83 26.66 -33.41 19.60
C ILE A 83 27.20 -33.92 20.93
N ARG A 84 28.14 -33.18 21.52
CA ARG A 84 28.68 -33.52 22.85
C ARG A 84 28.56 -32.44 23.90
N ILE A 85 28.16 -31.24 23.52
CA ILE A 85 27.93 -30.21 24.54
C ILE A 85 26.69 -29.40 24.19
N LEU A 86 25.85 -29.18 25.18
CA LEU A 86 24.68 -28.35 24.97
C LEU A 86 24.63 -27.15 25.90
N ARG A 87 23.78 -26.20 25.50
CA ARG A 87 23.59 -24.93 26.15
C ARG A 87 22.16 -24.75 26.59
N THR A 88 22.02 -24.07 27.71
CA THR A 88 20.76 -23.91 28.42
C THR A 88 20.62 -22.45 28.88
N TYR A 89 19.40 -22.02 29.21
CA TYR A 89 19.15 -20.55 29.35
C TYR A 89 18.80 -20.03 30.74
N ASN A 90 18.06 -20.82 31.51
CA ASN A 90 17.83 -20.49 32.89
C ASN A 90 17.83 -21.72 33.78
N VAL A 91 17.96 -21.46 35.05
CA VAL A 91 17.88 -22.43 36.14
C VAL A 91 16.76 -22.12 37.14
N ARG A 92 15.78 -21.35 36.69
CA ARG A 92 14.58 -21.01 37.46
C ARG A 92 13.53 -22.12 37.31
N LEU A 93 13.23 -22.48 36.08
CA LEU A 93 12.32 -23.55 35.82
C LEU A 93 13.13 -24.82 35.94
N ALA A 94 12.44 -25.94 36.06
CA ALA A 94 13.03 -27.27 36.32
C ALA A 94 13.83 -27.84 35.15
N HIS A 95 13.53 -27.36 33.95
CA HIS A 95 14.07 -27.86 32.69
C HIS A 95 15.58 -28.20 32.70
N THR A 96 16.44 -27.28 33.13
CA THR A 96 17.87 -27.49 33.07
C THR A 96 18.30 -28.59 34.03
N SER A 97 17.77 -28.53 35.23
CA SER A 97 17.96 -29.53 36.26
C SER A 97 17.54 -30.91 35.75
N ASN A 98 16.41 -30.97 35.07
CA ASN A 98 15.95 -32.25 34.53
C ASN A 98 16.84 -32.78 33.39
N ILE A 99 17.48 -31.88 32.62
CA ILE A 99 18.38 -32.32 31.58
C ILE A 99 19.59 -32.98 32.22
N LEU A 100 20.09 -32.37 33.28
CA LEU A 100 21.22 -32.96 34.02
C LEU A 100 20.84 -34.32 34.58
N LYS A 101 19.63 -34.47 35.13
CA LYS A 101 19.17 -35.77 35.63
C LYS A 101 19.12 -36.83 34.54
N ALA A 102 18.63 -36.40 33.39
CA ALA A 102 18.49 -37.24 32.23
C ALA A 102 19.84 -37.70 31.73
N ILE A 103 20.80 -36.78 31.65
CA ILE A 103 22.13 -37.13 31.19
C ILE A 103 22.76 -38.10 32.19
N ARG A 104 22.58 -37.83 33.48
CA ARG A 104 23.12 -38.73 34.51
C ARG A 104 22.57 -40.14 34.37
N GLU A 105 21.25 -40.28 34.21
CA GLU A 105 20.67 -41.60 33.97
C GLU A 105 21.29 -42.31 32.75
N LEU A 106 21.44 -41.58 31.64
CA LEU A 106 22.02 -42.17 30.43
C LEU A 106 23.49 -42.56 30.59
N LYS A 107 24.25 -41.83 31.40
CA LYS A 107 25.63 -42.19 31.68
C LYS A 107 25.75 -43.44 32.60
N ASN A 108 24.78 -43.65 33.48
CA ASN A 108 24.71 -44.88 34.26
C ASN A 108 24.29 -46.09 33.42
N GLU A 109 23.42 -45.88 32.43
CA GLU A 109 23.01 -46.93 31.50
C GLU A 109 24.11 -47.36 30.55
N ASP A 110 24.94 -46.41 30.17
CA ASP A 110 25.92 -46.61 29.13
C ASP A 110 27.16 -45.84 29.55
N ALA A 111 28.24 -46.57 29.82
CA ALA A 111 29.47 -45.97 30.26
C ALA A 111 30.17 -45.13 29.17
N ASN A 112 29.86 -45.35 27.89
CA ASN A 112 30.40 -44.49 26.79
C ASN A 112 29.60 -43.27 26.43
N PHE A 113 28.41 -43.13 27.00
CA PHE A 113 27.62 -41.93 26.76
C PHE A 113 28.32 -40.74 27.38
N GLU A 114 28.35 -39.64 26.62
CA GLU A 114 29.12 -38.45 26.94
C GLU A 114 28.29 -37.23 26.47
N MET A 115 27.88 -36.38 27.39
CA MET A 115 27.21 -35.12 27.05
C MET A 115 27.59 -34.11 28.10
N TYR A 116 28.03 -32.94 27.67
CA TYR A 116 28.39 -31.84 28.57
C TYR A 116 27.44 -30.68 28.46
N MET A 117 27.47 -29.81 29.45
CA MET A 117 26.53 -28.69 29.52
C MET A 117 27.16 -27.34 29.85
N MET A 118 26.75 -26.33 29.08
CA MET A 118 26.94 -24.89 29.37
C MET A 118 25.67 -24.42 30.02
N VAL A 119 25.70 -24.14 31.33
CA VAL A 119 24.49 -23.78 32.09
C VAL A 119 24.31 -22.29 32.12
N GLY A 120 23.15 -21.84 31.69
CA GLY A 120 22.77 -20.43 31.69
C GLY A 120 22.06 -20.05 32.95
N ALA A 121 22.61 -19.03 33.60
CA ALA A 121 21.96 -18.37 34.71
C ALA A 121 21.35 -17.11 34.12
N TRP A 122 20.04 -16.98 34.19
CA TRP A 122 19.36 -15.83 33.62
C TRP A 122 19.48 -14.62 34.54
N ILE A 123 19.80 -13.47 33.94
CA ILE A 123 19.96 -12.21 34.63
C ILE A 123 18.93 -11.20 34.15
N ASP A 124 18.26 -10.57 35.11
CA ASP A 124 17.25 -9.54 34.86
C ASP A 124 17.63 -8.21 35.50
N CYS A 125 17.14 -7.14 34.90
CA CYS A 125 17.10 -5.83 35.51
C CYS A 125 15.92 -5.74 36.45
N LYS A 126 15.90 -4.68 37.25
CA LYS A 126 14.83 -4.46 38.23
C LYS A 126 13.44 -4.37 37.57
N ASN A 127 12.49 -5.13 38.12
CA ASN A 127 11.09 -5.20 37.66
C ASN A 127 10.85 -5.84 36.31
N ALA A 128 11.86 -6.43 35.72
CA ALA A 128 11.64 -7.27 34.54
C ALA A 128 10.52 -8.31 34.77
N TRP A 129 9.70 -8.48 33.75
CA TRP A 129 8.59 -9.43 33.73
C TRP A 129 7.51 -9.13 34.78
N THR A 130 7.41 -7.88 35.26
CA THR A 130 6.32 -7.45 36.14
C THR A 130 5.57 -6.33 35.45
N ASP A 131 4.59 -5.77 36.14
CA ASP A 131 3.86 -4.57 35.65
C ASP A 131 4.36 -3.25 36.32
N GLN A 132 5.52 -3.32 36.97
CA GLN A 132 6.15 -2.18 37.58
C GLN A 132 7.18 -1.51 36.63
N PRO A 133 7.52 -0.24 36.85
CA PRO A 133 8.47 0.42 35.95
C PRO A 133 9.86 -0.25 35.89
N LEU A 134 10.36 -0.55 34.70
CA LEU A 134 11.67 -1.14 34.55
C LEU A 134 12.76 -0.14 34.89
N ASN A 135 13.85 -0.62 35.49
CA ASN A 135 15.04 0.18 35.72
C ASN A 135 16.25 -0.62 35.27
N HIS A 136 16.81 -0.21 34.14
CA HIS A 136 17.95 -0.90 33.54
C HIS A 136 19.28 -0.56 34.21
N HIS A 137 19.25 0.33 35.20
CA HIS A 137 20.44 0.63 35.99
C HIS A 137 20.41 -0.01 37.37
N GLU A 138 19.40 -0.81 37.66
CA GLU A 138 19.36 -1.63 38.87
C GLU A 138 19.07 -3.08 38.44
N GLU A 139 19.38 -3.98 39.33
CA GLU A 139 19.37 -5.38 39.07
C GLU A 139 18.09 -5.98 39.73
N SER A 140 17.63 -7.13 39.25
CA SER A 140 16.54 -7.83 39.90
C SER A 140 17.01 -8.43 41.23
N GLU A 141 16.18 -8.32 42.25
CA GLU A 141 16.42 -8.98 43.52
C GLU A 141 16.58 -10.53 43.33
N ASN A 142 15.96 -11.09 42.27
CA ASN A 142 16.03 -12.54 42.02
C ASN A 142 17.31 -13.09 41.35
N ASN A 143 18.23 -12.23 40.94
CA ASN A 143 19.46 -12.72 40.32
C ASN A 143 20.28 -13.59 41.31
N ALA A 144 20.34 -13.17 42.58
CA ALA A 144 21.15 -13.88 43.59
C ALA A 144 20.79 -15.37 43.68
N SER A 145 19.50 -15.68 43.81
CA SER A 145 19.11 -17.07 43.95
C SER A 145 19.28 -17.88 42.64
N GLU A 146 19.12 -17.22 41.49
CA GLU A 146 19.40 -17.86 40.21
C GLU A 146 20.89 -18.25 40.13
N ILE A 147 21.77 -17.35 40.53
CA ILE A 147 23.19 -17.69 40.58
C ILE A 147 23.42 -18.86 41.58
N ASP A 148 22.79 -18.79 42.77
CA ASP A 148 22.90 -19.88 43.75
C ASP A 148 22.47 -21.22 43.17
N ARG A 149 21.36 -21.23 42.44
CA ARG A 149 20.88 -22.50 41.88
C ARG A 149 21.82 -23.07 40.80
N ALA A 150 22.47 -22.17 40.07
CA ALA A 150 23.41 -22.54 39.03
C ALA A 150 24.60 -23.20 39.68
N VAL A 151 25.07 -22.58 40.75
CA VAL A 151 26.21 -23.09 41.51
C VAL A 151 25.93 -24.49 42.07
N ALA A 152 24.76 -24.65 42.69
CA ALA A 152 24.31 -25.93 43.22
C ALA A 152 24.31 -27.03 42.15
N LEU A 153 23.83 -26.70 40.95
CA LEU A 153 23.84 -27.67 39.84
C LEU A 153 25.25 -27.99 39.35
N ALA A 154 26.14 -27.02 39.30
CA ALA A 154 27.52 -27.29 38.88
C ALA A 154 28.21 -28.21 39.88
N GLN A 155 27.82 -28.07 41.16
CA GLN A 155 28.32 -28.90 42.25
C GLN A 155 27.73 -30.30 42.23
N GLU A 156 26.43 -30.47 42.07
CA GLU A 156 25.84 -31.82 42.03
C GLU A 156 26.28 -32.57 40.77
N PHE A 157 26.57 -31.87 39.66
CA PHE A 157 26.86 -32.53 38.38
C PHE A 157 28.14 -32.02 37.74
N PRO A 158 29.24 -32.05 38.49
CA PRO A 158 30.51 -31.48 37.96
C PRO A 158 31.11 -32.26 36.77
N ASP A 159 30.67 -33.50 36.58
CA ASP A 159 31.11 -34.32 35.46
C ASP A 159 30.44 -33.92 34.12
N ILE A 160 29.36 -33.14 34.21
CA ILE A 160 28.57 -32.72 33.06
C ILE A 160 28.69 -31.22 32.83
N VAL A 161 28.46 -30.43 33.88
CA VAL A 161 28.50 -28.96 33.81
C VAL A 161 29.95 -28.47 33.69
N LYS A 162 30.28 -27.92 32.53
CA LYS A 162 31.61 -27.38 32.27
C LYS A 162 31.71 -25.86 32.17
N VAL A 163 30.57 -25.18 32.06
CA VAL A 163 30.53 -23.73 31.92
C VAL A 163 29.29 -23.19 32.62
N ILE A 164 29.47 -22.06 33.30
CA ILE A 164 28.34 -21.24 33.70
C ILE A 164 28.39 -19.93 32.92
N ALA A 165 27.28 -19.60 32.26
CA ALA A 165 27.10 -18.33 31.56
C ALA A 165 26.23 -17.41 32.39
N VAL A 166 26.78 -16.25 32.75
CA VAL A 166 26.04 -15.22 33.50
C VAL A 166 25.31 -14.33 32.51
N GLY A 167 24.04 -14.61 32.33
CA GLY A 167 23.20 -13.83 31.42
C GLY A 167 23.11 -14.33 29.99
N ASN A 168 22.00 -14.02 29.36
CA ASN A 168 21.79 -14.29 27.96
C ASN A 168 21.25 -13.07 27.25
N GLU A 169 22.14 -12.41 26.52
CA GLU A 169 21.82 -11.15 25.84
C GLU A 169 21.37 -10.12 26.86
N ALA A 170 21.91 -10.22 28.06
CA ALA A 170 21.44 -9.39 29.14
C ALA A 170 21.99 -7.97 29.11
N MET A 171 23.02 -7.71 28.30
CA MET A 171 23.62 -6.37 28.19
C MET A 171 23.24 -5.63 26.92
N VAL A 172 22.66 -6.33 25.96
CA VAL A 172 22.34 -5.68 24.69
C VAL A 172 21.18 -4.66 24.88
N LYS A 173 21.38 -3.43 24.38
CA LYS A 173 20.49 -2.30 24.72
C LYS A 173 19.09 -2.40 24.10
N TRP A 174 18.93 -3.24 23.07
CA TRP A 174 17.62 -3.52 22.50
C TRP A 174 16.80 -4.62 23.18
N ALA A 175 17.36 -5.32 24.16
CA ALA A 175 16.59 -6.28 24.93
C ALA A 175 15.78 -5.53 26.01
N ALA A 176 14.76 -4.83 25.52
CA ALA A 176 14.00 -3.86 26.30
C ALA A 176 13.34 -4.42 27.54
N SER A 177 12.99 -5.68 27.50
CA SER A 177 12.29 -6.29 28.61
C SER A 177 13.11 -6.51 29.86
N TYR A 178 14.44 -6.59 29.75
CA TYR A 178 15.23 -7.03 30.91
C TYR A 178 16.70 -6.63 31.01
N PHE A 179 17.22 -5.85 30.06
CA PHE A 179 18.66 -5.69 30.00
C PHE A 179 19.23 -4.98 31.21
N VAL A 180 20.49 -5.27 31.47
CA VAL A 180 21.22 -4.71 32.58
C VAL A 180 22.53 -4.06 32.07
N GLN A 181 23.17 -3.31 32.96
CA GLN A 181 24.46 -2.73 32.67
C GLN A 181 25.56 -3.80 32.86
N PRO A 182 26.72 -3.62 32.21
CA PRO A 182 27.77 -4.60 32.38
C PRO A 182 28.26 -4.76 33.82
N ALA A 183 28.13 -3.73 34.66
CA ALA A 183 28.47 -3.83 36.07
C ALA A 183 27.78 -5.00 36.76
N VAL A 184 26.53 -5.25 36.40
CA VAL A 184 25.78 -6.36 37.02
C VAL A 184 26.29 -7.75 36.51
N ILE A 185 26.62 -7.89 35.25
CA ILE A 185 27.26 -9.15 34.82
C ILE A 185 28.62 -9.37 35.50
N LEU A 186 29.45 -8.31 35.56
CA LEU A 186 30.74 -8.32 36.22
C LEU A 186 30.64 -8.76 37.67
N LYS A 187 29.68 -8.21 38.37
CA LYS A 187 29.42 -8.58 39.76
C LYS A 187 29.30 -10.10 39.93
N TRP A 188 28.44 -10.71 39.13
CA TRP A 188 28.18 -12.15 39.27
C TRP A 188 29.28 -13.01 38.68
N VAL A 189 29.91 -12.57 37.60
CA VAL A 189 31.06 -13.31 37.12
C VAL A 189 32.09 -13.32 38.24
N ASN A 190 32.35 -12.17 38.87
CA ASN A 190 33.37 -12.08 39.91
C ASN A 190 33.01 -12.96 41.10
N HIS A 191 31.72 -12.99 41.44
CA HIS A 191 31.23 -13.87 42.49
C HIS A 191 31.59 -15.33 42.21
N LEU A 192 31.36 -15.76 40.98
CA LEU A 192 31.65 -17.12 40.55
C LEU A 192 33.16 -17.42 40.49
N GLN A 193 33.96 -16.48 40.00
CA GLN A 193 35.42 -16.63 40.01
C GLN A 193 36.00 -16.71 41.44
N ALA A 194 35.38 -15.99 42.38
CA ALA A 194 35.73 -16.04 43.81
C ALA A 194 35.38 -17.37 44.46
N LEU A 195 34.19 -17.92 44.17
CA LEU A 195 33.85 -19.29 44.59
C LEU A 195 34.84 -20.34 44.07
N LYS A 196 35.36 -20.16 42.85
CA LYS A 196 36.37 -21.10 42.34
C LYS A 196 37.69 -20.99 43.11
N LYS A 197 38.16 -19.76 43.29
CA LYS A 197 39.34 -19.51 44.08
C LYS A 197 39.26 -20.05 45.51
N LYS A 198 38.12 -19.92 46.16
CA LYS A 198 37.92 -20.39 47.54
C LYS A 198 37.68 -21.93 47.60
N GLY A 199 37.53 -22.60 46.45
CA GLY A 199 37.41 -24.06 46.39
C GLY A 199 35.99 -24.63 46.38
N ASP A 200 34.95 -23.78 46.39
CA ASP A 200 33.56 -24.25 46.30
C ASP A 200 33.15 -24.71 44.88
N LEU A 201 33.92 -24.32 43.88
CA LEU A 201 33.72 -24.78 42.49
C LEU A 201 35.07 -25.18 41.96
N SER A 202 35.06 -26.13 41.03
CA SER A 202 36.28 -26.59 40.39
C SER A 202 37.03 -25.42 39.76
N LYS A 203 38.34 -25.46 39.84
CA LYS A 203 39.17 -24.43 39.19
C LYS A 203 39.13 -24.50 37.66
N ASP A 204 38.71 -25.64 37.12
CA ASP A 204 38.56 -25.82 35.67
C ASP A 204 37.19 -25.44 35.06
N LEU A 205 36.25 -25.06 35.92
CA LEU A 205 34.94 -24.58 35.51
C LEU A 205 35.09 -23.20 34.91
N TRP A 206 34.60 -23.03 33.68
CA TRP A 206 34.78 -21.78 32.98
C TRP A 206 33.56 -20.89 33.16
N ILE A 207 33.80 -19.58 33.31
CA ILE A 207 32.74 -18.61 33.50
C ILE A 207 32.71 -17.67 32.32
N THR A 208 31.52 -17.34 31.86
CA THR A 208 31.34 -16.42 30.71
C THR A 208 30.05 -15.66 30.86
N SER A 209 29.75 -14.84 29.86
CA SER A 209 28.42 -14.29 29.64
C SER A 209 28.11 -14.49 28.18
N SER A 210 26.88 -14.85 27.86
CA SER A 210 26.54 -15.09 26.46
C SER A 210 25.75 -13.89 25.97
N ASP A 211 26.26 -13.22 24.96
CA ASP A 211 25.68 -11.95 24.54
C ASP A 211 25.97 -11.63 23.08
N ASN A 212 25.21 -10.67 22.57
CA ASN A 212 25.37 -10.13 21.23
C ASN A 212 26.76 -9.53 21.02
N PHE A 213 27.24 -9.65 19.80
CA PHE A 213 28.54 -9.13 19.45
C PHE A 213 28.75 -7.67 19.87
N ALA A 214 27.71 -6.86 19.77
CA ALA A 214 27.81 -5.44 20.13
C ALA A 214 28.03 -5.25 21.63
N SER A 215 27.40 -6.09 22.43
CA SER A 215 27.57 -6.05 23.89
C SER A 215 28.99 -6.36 24.33
N TRP A 216 29.68 -7.16 23.55
CA TRP A 216 31.07 -7.47 23.79
C TRP A 216 32.01 -6.50 23.15
N GLY A 217 31.50 -5.37 22.67
CA GLY A 217 32.35 -4.31 22.12
C GLY A 217 32.59 -4.31 20.63
N GLY A 218 31.94 -5.19 19.87
CA GLY A 218 32.17 -5.26 18.44
C GLY A 218 31.30 -4.40 17.55
N GLY A 219 30.54 -3.47 18.12
CA GLY A 219 29.60 -2.65 17.33
C GLY A 219 29.64 -1.20 17.82
N ASP A 220 28.49 -0.64 18.16
CA ASP A 220 28.41 0.76 18.59
C ASP A 220 29.35 1.01 19.75
N PRO A 221 30.19 2.04 19.67
CA PRO A 221 31.15 2.30 20.77
C PRO A 221 30.54 2.81 22.09
N GLN A 222 29.26 3.16 22.08
CA GLN A 222 28.50 3.39 23.30
C GLN A 222 28.74 2.32 24.36
N TYR A 223 28.91 1.08 23.92
CA TYR A 223 29.17 -0.06 24.82
C TYR A 223 30.59 -0.02 25.43
N HIS A 224 31.53 0.70 24.81
CA HIS A 224 32.93 0.73 25.30
C HIS A 224 33.15 1.49 26.60
N VAL A 225 32.70 0.92 27.71
CA VAL A 225 32.79 1.55 29.04
C VAL A 225 33.76 0.74 29.90
N GLU A 226 34.24 1.36 30.97
CA GLU A 226 35.16 0.72 31.89
C GLU A 226 34.65 -0.66 32.39
N ASP A 227 33.38 -0.73 32.82
CA ASP A 227 32.83 -1.99 33.34
C ASP A 227 32.90 -3.16 32.35
N LEU A 228 32.75 -2.90 31.06
CA LEU A 228 32.91 -3.93 30.03
C LEU A 228 34.33 -4.42 29.93
N THR A 229 35.29 -3.51 29.99
CA THR A 229 36.72 -3.90 29.99
C THR A 229 37.00 -4.87 31.15
N LYS A 230 36.50 -4.55 32.35
CA LYS A 230 36.70 -5.40 33.52
C LYS A 230 36.02 -6.75 33.37
N LEU A 231 34.84 -6.77 32.74
CA LEU A 231 34.14 -8.00 32.46
C LEU A 231 34.91 -8.89 31.51
N ILE A 232 35.46 -8.30 30.45
CA ILE A 232 36.30 -9.02 29.51
C ILE A 232 37.53 -9.62 30.20
N GLU A 233 38.12 -8.90 31.19
CA GLU A 233 39.18 -9.46 32.05
C GLU A 233 38.71 -10.60 32.92
N ALA A 234 37.52 -10.49 33.50
CA ALA A 234 37.06 -11.45 34.50
C ALA A 234 36.62 -12.79 33.93
N VAL A 235 36.02 -12.80 32.75
CA VAL A 235 35.51 -14.08 32.15
C VAL A 235 36.65 -14.99 31.69
N ASP A 236 36.39 -16.28 31.62
CA ASP A 236 37.38 -17.22 31.08
C ASP A 236 37.37 -17.17 29.56
N TYR A 237 36.20 -16.91 28.96
CA TYR A 237 36.09 -16.66 27.52
C TYR A 237 34.87 -15.80 27.20
N LEU A 238 34.75 -15.39 25.93
CA LEU A 238 33.61 -14.61 25.44
C LEU A 238 32.70 -15.48 24.61
N SER A 239 31.42 -15.57 25.00
CA SER A 239 30.39 -16.27 24.25
C SER A 239 29.57 -15.21 23.42
N VAL A 240 29.74 -15.23 22.12
CA VAL A 240 29.32 -14.16 21.23
C VAL A 240 28.19 -14.64 20.36
N HIS A 241 27.15 -13.80 20.24
CA HIS A 241 26.04 -14.08 19.32
C HIS A 241 26.09 -13.20 18.06
N THR A 242 25.76 -13.80 16.91
CA THR A 242 25.61 -13.06 15.65
C THR A 242 24.51 -13.67 14.82
N TYR A 243 23.66 -12.82 14.24
CA TYR A 243 22.43 -13.27 13.55
C TYR A 243 22.19 -12.61 12.20
N PRO A 244 22.94 -13.03 11.17
CA PRO A 244 22.67 -12.57 9.81
C PRO A 244 21.20 -12.72 9.40
N MET A 245 20.55 -13.84 9.73
CA MET A 245 19.16 -14.07 9.31
C MET A 245 18.29 -12.88 9.67
N HIS A 246 18.39 -12.43 10.92
CA HIS A 246 17.65 -11.26 11.35
C HIS A 246 18.05 -10.00 10.60
N ASP A 247 19.33 -9.84 10.32
CA ASP A 247 19.80 -8.68 9.62
C ASP A 247 19.40 -8.67 8.14
N THR A 248 19.00 -9.79 7.56
CA THR A 248 18.35 -9.73 6.21
C THR A 248 17.12 -8.78 6.17
N HIS A 249 16.55 -8.47 7.33
CA HIS A 249 15.58 -7.38 7.45
C HIS A 249 16.14 -6.10 8.08
N TYR A 250 16.76 -6.19 9.26
CA TYR A 250 17.19 -5.01 10.04
C TYR A 250 18.44 -4.31 9.53
N ASN A 251 19.25 -4.99 8.73
CA ASN A 251 20.40 -4.35 8.12
C ASN A 251 20.78 -5.10 6.84
N PRO A 252 19.98 -4.90 5.79
CA PRO A 252 20.00 -5.79 4.63
C PRO A 252 21.03 -5.53 3.55
N ILE A 253 22.03 -4.70 3.81
CA ILE A 253 22.97 -4.26 2.75
C ILE A 253 23.77 -5.42 2.14
N PHE A 254 23.96 -6.49 2.91
CA PHE A 254 24.69 -7.72 2.48
C PHE A 254 23.81 -8.76 1.77
N TRP A 255 22.49 -8.58 1.83
CA TRP A 255 21.55 -9.64 1.46
C TRP A 255 20.86 -9.33 0.13
N GLY A 256 21.05 -10.20 -0.84
CA GLY A 256 20.37 -10.10 -2.10
C GLY A 256 21.06 -10.82 -3.23
N VAL A 257 20.51 -10.64 -4.42
CA VAL A 257 21.14 -11.03 -5.67
C VAL A 257 21.51 -9.69 -6.32
N PHE A 258 22.81 -9.49 -6.53
CA PHE A 258 23.37 -8.16 -6.93
C PHE A 258 23.94 -8.21 -8.34
N GLY A 259 23.62 -7.18 -9.12
CA GLY A 259 24.13 -7.00 -10.49
C GLY A 259 24.18 -8.23 -11.39
N ASP A 260 25.37 -8.52 -11.90
CA ASP A 260 25.63 -9.62 -12.84
C ASP A 260 25.18 -10.98 -12.36
N GLU A 261 24.99 -11.15 -11.05
CA GLU A 261 24.49 -12.40 -10.45
C GLU A 261 23.15 -12.89 -11.02
N THR A 262 22.33 -11.96 -11.52
CA THR A 262 21.05 -12.25 -12.20
C THR A 262 21.24 -13.24 -13.36
N GLU A 263 22.35 -13.10 -14.09
CA GLU A 263 22.68 -14.01 -15.21
C GLU A 263 23.13 -15.40 -14.75
N LEU A 264 23.38 -15.61 -13.45
CA LEU A 264 23.80 -16.92 -12.97
C LEU A 264 22.62 -17.84 -12.72
N SER A 265 22.92 -19.13 -12.68
CA SER A 265 21.98 -20.18 -12.24
C SER A 265 21.36 -19.88 -10.84
N SER A 266 20.11 -20.31 -10.65
CA SER A 266 19.39 -20.14 -9.38
C SER A 266 20.10 -20.79 -8.20
N LEU A 267 20.69 -21.94 -8.44
CA LEU A 267 21.53 -22.61 -7.45
C LEU A 267 22.70 -21.74 -7.02
N LYS A 268 23.35 -21.13 -8.00
CA LYS A 268 24.54 -20.31 -7.75
C LYS A 268 24.20 -19.02 -7.05
N ARG A 269 23.08 -18.42 -7.44
CA ARG A 269 22.58 -17.21 -6.77
C ARG A 269 22.36 -17.40 -5.26
N ILE A 270 21.76 -18.53 -4.88
CA ILE A 270 21.56 -18.85 -3.48
C ILE A 270 22.91 -19.07 -2.78
N ASP A 271 23.80 -19.88 -3.36
CA ASP A 271 25.13 -20.11 -2.80
C ASP A 271 25.90 -18.82 -2.50
N ILE A 272 25.91 -17.91 -3.46
CA ILE A 272 26.64 -16.63 -3.35
C ILE A 272 26.02 -15.77 -2.26
N ALA A 273 24.70 -15.72 -2.24
CA ALA A 273 23.99 -14.89 -1.27
C ALA A 273 24.20 -15.42 0.15
N MET A 274 24.08 -16.75 0.30
CA MET A 274 24.29 -17.39 1.57
C MET A 274 25.75 -17.30 2.04
N ASN A 275 26.71 -17.33 1.12
CA ASN A 275 28.08 -17.06 1.49
C ASN A 275 28.28 -15.67 2.09
N ARG A 276 27.60 -14.67 1.54
CA ARG A 276 27.65 -13.34 2.12
C ARG A 276 27.13 -13.32 3.58
N ALA A 277 26.11 -14.12 3.86
CA ALA A 277 25.53 -14.22 5.18
C ALA A 277 26.52 -14.82 6.16
N LYS A 278 27.22 -15.86 5.72
CA LYS A 278 28.29 -16.46 6.53
C LYS A 278 29.38 -15.43 6.82
N THR A 279 29.84 -14.77 5.79
CA THR A 279 30.89 -13.77 5.93
C THR A 279 30.53 -12.64 6.87
N TYR A 280 29.27 -12.25 6.81
CA TYR A 280 28.75 -11.21 7.69
C TYR A 280 28.92 -11.61 9.16
N ALA A 281 28.57 -12.84 9.49
CA ALA A 281 28.73 -13.38 10.84
C ALA A 281 30.19 -13.42 11.26
N VAL A 282 31.05 -13.83 10.33
CA VAL A 282 32.46 -13.89 10.60
C VAL A 282 32.97 -12.47 10.95
N SER A 283 32.52 -11.47 10.20
CA SER A 283 32.93 -10.07 10.45
C SER A 283 32.54 -9.58 11.81
N GLN A 284 31.32 -9.93 12.25
CA GLN A 284 30.84 -9.53 13.57
C GLN A 284 31.64 -10.19 14.69
N SER A 285 31.91 -11.49 14.53
CA SER A 285 32.79 -12.19 15.49
C SER A 285 34.19 -11.55 15.52
N ASP A 286 34.76 -11.29 14.35
CA ASP A 286 36.10 -10.72 14.25
C ASP A 286 36.19 -9.30 14.85
N SER A 287 35.10 -8.53 14.72
CA SER A 287 34.98 -7.21 15.32
C SER A 287 35.12 -7.27 16.85
N VAL A 288 34.60 -8.31 17.47
CA VAL A 288 34.81 -8.57 18.90
C VAL A 288 36.29 -8.90 19.21
N ALA A 289 36.89 -9.75 18.40
CA ALA A 289 38.32 -10.07 18.53
C ALA A 289 39.22 -8.83 18.41
N SER A 290 38.92 -7.96 17.45
CA SER A 290 39.61 -6.67 17.29
C SER A 290 39.48 -5.76 18.49
N TYR A 291 38.29 -5.71 19.06
CA TYR A 291 38.07 -4.85 20.22
C TYR A 291 38.90 -5.29 21.43
N ILE A 292 38.94 -6.59 21.71
CA ILE A 292 39.68 -7.08 22.90
C ILE A 292 41.18 -6.94 22.66
N LYS A 293 41.63 -7.15 21.42
CA LYS A 293 43.02 -6.89 21.04
C LYS A 293 43.41 -5.43 21.32
N SER A 294 42.54 -4.49 20.97
CA SER A 294 42.77 -3.05 21.23
C SER A 294 42.87 -2.73 22.74
N LEU A 295 42.26 -3.54 23.60
CA LEU A 295 42.43 -3.41 25.05
C LEU A 295 43.66 -4.12 25.60
N GLY A 296 44.46 -4.75 24.75
CA GLY A 296 45.57 -5.59 25.19
C GLY A 296 45.16 -6.82 25.99
N ILE A 297 44.05 -7.46 25.62
CA ILE A 297 43.54 -8.64 26.32
C ILE A 297 43.45 -9.79 25.34
N ASN A 298 43.94 -10.94 25.75
CA ASN A 298 43.86 -12.16 24.94
C ASN A 298 42.94 -13.16 25.60
N LYS A 299 41.78 -13.38 24.99
CA LYS A 299 40.80 -14.36 25.50
C LYS A 299 40.26 -15.13 24.33
N PRO A 300 39.94 -16.40 24.54
CA PRO A 300 39.21 -17.09 23.49
C PRO A 300 37.81 -16.49 23.25
N ILE A 301 37.35 -16.59 22.00
CA ILE A 301 36.00 -16.26 21.63
C ILE A 301 35.38 -17.54 21.07
N HIS A 302 34.15 -17.81 21.53
CA HIS A 302 33.29 -18.87 20.96
C HIS A 302 31.93 -18.34 20.58
N ILE A 303 31.28 -18.99 19.62
CA ILE A 303 29.95 -18.58 19.19
C ILE A 303 28.92 -19.25 20.08
N GLY A 304 28.30 -18.44 20.93
CA GLY A 304 27.25 -18.90 21.81
C GLY A 304 25.88 -19.02 21.19
N GLU A 305 25.63 -18.32 20.09
CA GLU A 305 24.33 -18.40 19.45
C GLU A 305 24.39 -17.86 18.03
N THR A 306 23.94 -18.66 17.09
CA THR A 306 23.55 -18.19 15.76
C THR A 306 22.62 -19.24 15.15
N GLY A 307 21.81 -18.83 14.20
CA GLY A 307 20.82 -19.72 13.61
C GLY A 307 20.06 -19.09 12.45
N TRP A 308 19.35 -19.93 11.70
CA TRP A 308 18.63 -19.51 10.51
C TRP A 308 17.32 -20.33 10.40
N ALA A 309 16.19 -19.69 10.63
CA ALA A 309 14.93 -20.39 10.72
C ALA A 309 14.45 -20.94 9.39
N SER A 310 13.70 -22.03 9.44
CA SER A 310 13.19 -22.70 8.25
C SER A 310 11.84 -22.17 7.81
N PHE A 311 11.22 -21.29 8.58
CA PHE A 311 9.95 -20.71 8.19
C PHE A 311 9.71 -19.37 8.87
N SER A 312 9.05 -18.44 8.17
CA SER A 312 8.61 -17.17 8.76
C SER A 312 7.40 -16.61 8.03
N ASN A 313 6.40 -16.22 8.81
CA ASN A 313 5.25 -15.50 8.24
C ASN A 313 5.29 -13.98 8.52
N GLY A 314 6.44 -13.45 8.98
CA GLY A 314 6.66 -12.02 9.15
C GLY A 314 7.75 -11.56 8.21
N TYR A 315 8.75 -10.92 8.79
CA TYR A 315 9.78 -10.23 8.04
C TYR A 315 10.77 -11.07 7.25
N TYR A 316 10.97 -12.33 7.65
CA TYR A 316 12.08 -13.12 7.11
C TYR A 316 11.69 -14.18 6.05
N GLY A 317 10.39 -14.34 5.76
CA GLY A 317 9.92 -15.31 4.76
C GLY A 317 9.39 -14.71 3.46
N ALA A 318 8.36 -15.34 2.91
CA ALA A 318 7.73 -14.87 1.65
C ALA A 318 7.21 -13.43 1.68
N LYS A 319 6.77 -12.95 2.85
CA LYS A 319 6.21 -11.60 2.97
C LYS A 319 7.28 -10.56 3.30
N GLY A 320 8.55 -10.94 3.27
CA GLY A 320 9.67 -10.05 3.58
C GLY A 320 10.93 -10.49 2.84
N SER A 321 11.99 -10.79 3.58
CA SER A 321 13.35 -10.92 3.01
C SER A 321 13.66 -12.22 2.28
N LYS A 322 12.73 -13.17 2.24
CA LYS A 322 12.93 -14.46 1.53
C LYS A 322 14.10 -15.29 2.09
N ALA A 323 14.36 -15.16 3.39
CA ALA A 323 15.48 -15.85 4.01
C ALA A 323 15.13 -17.27 4.47
N THR A 324 13.94 -17.43 5.03
CA THR A 324 13.60 -18.63 5.74
C THR A 324 13.05 -19.79 4.89
N ASP A 325 13.77 -20.92 4.91
CA ASP A 325 13.33 -22.22 4.38
C ASP A 325 14.41 -23.24 4.77
N GLU A 326 14.11 -24.53 4.62
CA GLU A 326 15.03 -25.57 5.09
C GLU A 326 16.33 -25.67 4.31
N TYR A 327 16.31 -25.23 3.05
CA TYR A 327 17.50 -25.28 2.19
C TYR A 327 18.52 -24.24 2.62
N LYS A 328 18.06 -23.01 2.77
CA LYS A 328 18.97 -21.96 3.20
C LYS A 328 19.46 -22.19 4.62
N GLU A 329 18.62 -22.79 5.47
CA GLU A 329 19.04 -23.17 6.82
C GLU A 329 20.20 -24.15 6.77
N ALA A 330 20.07 -25.17 5.93
CA ALA A 330 21.14 -26.15 5.77
C ALA A 330 22.44 -25.51 5.26
N ILE A 331 22.33 -24.64 4.26
CA ILE A 331 23.51 -23.95 3.78
C ILE A 331 24.19 -23.13 4.90
N PHE A 332 23.40 -22.42 5.67
CA PHE A 332 23.94 -21.61 6.75
C PHE A 332 24.59 -22.48 7.82
N TYR A 333 23.88 -23.53 8.26
CA TYR A 333 24.38 -24.45 9.27
C TYR A 333 25.76 -25.01 8.90
N ASN A 334 25.88 -25.50 7.65
CA ASN A 334 27.14 -26.07 7.16
C ASN A 334 28.26 -25.06 7.00
N HIS A 335 27.94 -23.85 6.54
CA HIS A 335 28.94 -22.78 6.48
C HIS A 335 29.46 -22.43 7.87
N ILE A 336 28.57 -22.38 8.86
CA ILE A 336 28.93 -21.99 10.24
C ILE A 336 29.80 -23.10 10.85
N ARG A 337 29.44 -24.36 10.57
CA ARG A 337 30.24 -25.49 11.02
C ARG A 337 31.64 -25.46 10.42
N GLU A 338 31.74 -25.27 9.10
CA GLU A 338 33.08 -25.18 8.44
C GLU A 338 33.93 -24.02 9.00
N TRP A 339 33.34 -22.85 9.09
CA TRP A 339 34.03 -21.69 9.66
C TRP A 339 34.54 -21.95 11.09
N THR A 340 33.65 -22.42 11.96
CA THR A 340 33.98 -22.56 13.36
C THR A 340 35.00 -23.65 13.59
N ASN A 341 34.88 -24.76 12.87
CA ASN A 341 35.82 -25.85 13.06
C ASN A 341 37.23 -25.47 12.52
N GLU A 342 37.32 -24.69 11.43
CA GLU A 342 38.62 -24.15 10.92
C GLU A 342 39.21 -23.05 11.82
N ALA A 343 38.37 -22.31 12.53
CA ALA A 343 38.83 -21.27 13.46
C ALA A 343 38.99 -21.75 14.91
N ASN A 344 38.79 -23.04 15.15
CA ASN A 344 38.74 -23.64 16.52
C ASN A 344 37.82 -22.89 17.50
N MET A 345 36.58 -22.68 17.06
CA MET A 345 35.51 -22.17 17.90
C MET A 345 34.43 -23.24 18.03
N SER A 346 33.89 -23.39 19.22
CA SER A 346 32.58 -23.97 19.41
C SER A 346 31.48 -23.07 18.83
N CYS A 347 30.44 -23.69 18.34
CA CYS A 347 29.25 -23.00 17.94
C CYS A 347 28.04 -23.71 18.54
N PHE A 348 27.39 -23.05 19.51
CA PHE A 348 26.18 -23.57 20.12
C PHE A 348 25.05 -23.19 19.19
N TYR A 349 24.88 -23.93 18.10
CA TYR A 349 24.04 -23.49 17.02
C TYR A 349 22.58 -23.49 17.50
N PHE A 350 21.81 -22.49 17.06
CA PHE A 350 20.41 -22.37 17.45
C PHE A 350 19.48 -22.90 16.35
N GLU A 351 18.78 -24.03 16.56
CA GLU A 351 18.74 -24.83 17.80
C GLU A 351 18.51 -26.31 17.45
N ALA A 352 18.51 -27.20 18.43
CA ALA A 352 18.31 -28.62 18.15
C ALA A 352 16.91 -28.91 17.59
N PHE A 353 15.89 -28.53 18.35
CA PHE A 353 14.47 -28.81 18.00
C PHE A 353 13.65 -27.53 17.97
N ASP A 354 12.72 -27.44 17.03
CA ASP A 354 11.71 -26.38 17.03
C ASP A 354 11.04 -26.36 18.39
N GLU A 355 10.83 -25.14 18.88
CA GLU A 355 10.23 -24.91 20.17
C GLU A 355 9.05 -23.95 19.97
N PRO A 356 7.83 -24.51 19.92
CA PRO A 356 6.67 -23.69 19.60
C PRO A 356 6.11 -22.78 20.71
N TRP A 357 6.73 -22.74 21.89
CA TRP A 357 6.34 -21.77 22.94
C TRP A 357 6.91 -20.35 22.73
N LYS A 358 7.87 -20.17 21.81
CA LYS A 358 8.64 -18.94 21.75
C LYS A 358 7.85 -17.82 21.14
N ASP A 359 7.02 -18.14 20.16
CA ASP A 359 6.01 -17.23 19.64
C ASP A 359 4.68 -18.02 19.73
N ALA A 360 4.20 -18.14 20.97
CA ALA A 360 3.11 -19.04 21.31
C ALA A 360 1.84 -18.79 20.51
N HIS A 361 1.46 -17.52 20.34
CA HIS A 361 0.22 -17.15 19.67
C HIS A 361 0.34 -17.02 18.17
N ASN A 362 1.48 -17.33 17.61
CA ASN A 362 1.65 -17.32 16.15
C ASN A 362 2.58 -18.42 15.69
N SER A 363 2.03 -19.58 15.34
CA SER A 363 2.88 -20.75 15.04
C SER A 363 3.81 -20.58 13.84
N GLY A 364 3.42 -19.74 12.88
CA GLY A 364 4.27 -19.38 11.75
C GLY A 364 5.42 -18.42 12.05
N GLY A 365 5.49 -17.88 13.26
CA GLY A 365 6.58 -17.02 13.66
C GLY A 365 7.92 -17.72 13.64
N SER A 366 8.94 -17.03 13.14
CA SER A 366 10.25 -17.63 12.93
C SER A 366 10.88 -18.17 14.20
N GLU A 367 10.57 -17.58 15.34
CA GLU A 367 11.05 -18.09 16.63
C GLU A 367 10.74 -19.58 16.89
N ASN A 368 9.64 -20.07 16.33
CA ASN A 368 9.24 -21.46 16.47
C ASN A 368 9.89 -22.40 15.46
N HIS A 369 10.83 -21.93 14.64
CA HIS A 369 11.29 -22.74 13.52
C HIS A 369 12.79 -22.78 13.38
N PHE A 370 13.49 -22.60 14.48
CA PHE A 370 14.95 -22.61 14.44
C PHE A 370 15.60 -24.02 14.55
N GLY A 371 14.80 -25.06 14.76
CA GLY A 371 15.30 -26.40 14.91
C GLY A 371 15.99 -26.96 13.69
N LEU A 372 16.87 -27.94 13.93
CA LEU A 372 17.31 -28.86 12.89
C LEU A 372 16.25 -29.94 12.71
N PHE A 373 15.48 -30.19 13.76
CA PHE A 373 14.33 -31.11 13.72
C PHE A 373 13.06 -30.33 13.96
N THR A 374 11.93 -30.91 13.53
CA THR A 374 10.60 -30.37 13.78
C THR A 374 10.21 -30.77 15.19
N VAL A 375 9.13 -30.20 15.72
CA VAL A 375 8.70 -30.57 17.08
C VAL A 375 8.38 -32.10 17.13
N ASP A 376 7.82 -32.65 16.07
CA ASP A 376 7.45 -34.08 15.97
C ASP A 376 8.63 -35.02 15.68
N GLY A 377 9.83 -34.49 15.52
CA GLY A 377 11.01 -35.30 15.36
C GLY A 377 11.36 -35.58 13.92
N LYS A 378 10.75 -34.88 12.98
CA LYS A 378 11.17 -34.97 11.59
C LYS A 378 12.48 -34.20 11.35
N ALA A 379 13.38 -34.81 10.60
CA ALA A 379 14.65 -34.18 10.26
C ALA A 379 14.45 -33.28 9.06
N LYS A 380 14.79 -32.00 9.23
CA LYS A 380 14.75 -31.03 8.14
C LYS A 380 15.89 -31.28 7.18
N TYR A 381 15.79 -30.67 6.00
CA TYR A 381 16.74 -30.87 4.91
C TYR A 381 18.20 -31.01 5.33
N VAL A 382 18.62 -30.10 6.21
CA VAL A 382 19.98 -30.11 6.77
C VAL A 382 20.49 -31.49 7.24
N LEU A 383 19.60 -32.32 7.80
CA LEU A 383 19.95 -33.65 8.32
C LEU A 383 19.46 -34.87 7.53
N TRP A 384 18.85 -34.66 6.36
CA TRP A 384 18.35 -35.79 5.54
C TRP A 384 19.42 -36.81 5.28
N ASP A 385 20.63 -36.32 5.02
CA ASP A 385 21.74 -37.19 4.69
C ASP A 385 22.01 -38.16 5.86
N LEU A 386 22.00 -37.66 7.08
CA LEU A 386 22.16 -38.50 8.26
C LEU A 386 21.04 -39.50 8.48
N VAL A 387 19.81 -39.14 8.16
CA VAL A 387 18.73 -40.12 8.24
C VAL A 387 19.02 -41.32 7.33
N ASP A 388 19.44 -41.02 6.09
CA ASP A 388 19.76 -42.06 5.09
C ASP A 388 20.90 -42.98 5.53
N LYS A 389 21.89 -42.43 6.20
CA LYS A 389 22.99 -43.24 6.70
C LYS A 389 22.55 -44.13 7.88
N GLY A 390 21.33 -43.96 8.40
CA GLY A 390 20.85 -44.78 9.50
C GLY A 390 21.23 -44.30 10.90
N VAL A 391 21.78 -43.11 11.02
CA VAL A 391 22.26 -42.56 12.28
C VAL A 391 21.18 -42.53 13.39
N PHE A 392 19.92 -42.33 13.03
CA PHE A 392 18.83 -42.24 14.01
C PHE A 392 17.98 -43.49 14.07
N GLU A 393 18.45 -44.58 13.48
CA GLU A 393 17.65 -45.79 13.44
C GLU A 393 17.40 -46.40 14.86
N GLY A 394 16.14 -46.73 15.14
CA GLY A 394 15.72 -47.22 16.45
C GLY A 394 15.37 -46.13 17.46
N LEU A 395 15.63 -44.87 17.11
CA LEU A 395 15.37 -43.74 18.00
C LEU A 395 14.05 -43.14 17.68
N THR A 396 13.49 -42.51 18.69
CA THR A 396 12.11 -42.08 18.70
C THR A 396 12.03 -40.69 19.37
N ARG A 397 11.10 -39.83 18.92
CA ARG A 397 10.66 -38.68 19.73
C ARG A 397 9.14 -38.70 19.85
N GLY A 398 8.66 -38.85 21.09
CA GLY A 398 7.21 -38.87 21.41
C GLY A 398 6.44 -39.98 20.73
N GLY A 399 7.08 -41.13 20.52
CA GLY A 399 6.53 -42.19 19.68
C GLY A 399 6.87 -42.19 18.19
N ASN A 400 7.33 -41.08 17.61
CA ASN A 400 7.62 -41.02 16.17
C ASN A 400 9.05 -41.40 15.81
N PRO A 401 9.25 -42.18 14.72
CA PRO A 401 10.62 -42.38 14.24
C PRO A 401 11.15 -41.11 13.56
N ILE A 402 12.47 -41.02 13.44
CA ILE A 402 13.08 -39.86 12.82
C ILE A 402 13.01 -39.98 11.31
N THR A 403 12.04 -39.26 10.77
CA THR A 403 11.69 -39.25 9.36
C THR A 403 12.19 -37.97 8.70
N LYS A 404 12.43 -38.03 7.40
CA LYS A 404 12.76 -36.83 6.61
C LYS A 404 11.52 -35.96 6.38
N THR A 405 11.69 -34.63 6.51
CA THR A 405 10.65 -33.66 6.08
C THR A 405 10.49 -33.78 4.57
N TYR A 406 9.32 -33.38 4.05
CA TYR A 406 9.01 -33.48 2.59
C TYR A 406 9.12 -34.90 1.99
N ASN A 407 9.15 -35.94 2.83
CA ASN A 407 9.44 -37.30 2.36
C ASN A 407 10.75 -37.45 1.66
N GLY A 408 11.70 -36.60 2.02
CA GLY A 408 13.00 -36.63 1.40
C GLY A 408 13.02 -36.23 -0.05
N ASN A 409 11.98 -35.50 -0.47
CA ASN A 409 11.85 -35.09 -1.87
C ASN A 409 12.39 -33.69 -2.08
N LYS A 410 13.61 -33.63 -2.63
CA LYS A 410 14.31 -32.38 -2.83
C LYS A 410 13.53 -31.44 -3.78
N GLU A 411 12.91 -32.00 -4.80
CA GLU A 411 12.09 -31.20 -5.72
C GLU A 411 10.97 -30.50 -5.01
N ALA A 412 10.30 -31.19 -4.10
CA ALA A 412 9.17 -30.59 -3.36
C ALA A 412 9.62 -29.44 -2.46
N LEU A 413 10.82 -29.54 -1.93
CA LEU A 413 11.41 -28.46 -1.16
C LEU A 413 11.70 -27.25 -2.04
N PHE A 414 12.38 -27.50 -3.14
CA PHE A 414 12.80 -26.45 -4.03
C PHE A 414 11.65 -25.61 -4.56
N LEU A 415 10.50 -26.22 -4.79
CA LEU A 415 9.32 -25.44 -5.19
C LEU A 415 8.95 -24.39 -4.16
N GLU A 416 9.06 -24.73 -2.88
CA GLU A 416 8.73 -23.81 -1.80
C GLU A 416 9.82 -22.77 -1.56
N VAL A 417 11.07 -23.05 -1.92
CA VAL A 417 12.16 -22.09 -1.72
C VAL A 417 12.04 -20.91 -2.72
N GLU A 418 12.19 -19.69 -2.20
CA GLU A 418 12.27 -18.49 -3.02
C GLU A 418 13.70 -17.98 -3.07
N LEU A 419 14.02 -17.21 -4.10
CA LEU A 419 15.34 -16.57 -4.21
C LEU A 419 15.40 -15.29 -3.40
N PRO A 420 16.63 -14.89 -3.02
CA PRO A 420 16.75 -13.59 -2.36
C PRO A 420 16.31 -12.46 -3.30
N PRO A 421 15.89 -11.32 -2.73
CA PRO A 421 15.46 -10.24 -3.58
C PRO A 421 16.62 -9.69 -4.42
N VAL A 422 16.30 -9.27 -5.64
CA VAL A 422 17.24 -8.61 -6.53
C VAL A 422 17.52 -7.18 -6.03
N LYS A 423 18.81 -6.80 -5.97
CA LYS A 423 19.18 -5.41 -5.58
C LYS A 423 20.14 -4.79 -6.60
N LYS A 424 20.19 -3.48 -6.72
CA LYS A 424 21.14 -2.99 -7.70
C LYS A 424 22.29 -2.44 -6.80
N GLU A 425 23.48 -2.55 -7.34
CA GLU A 425 24.71 -2.18 -6.64
C GLU A 425 25.15 -0.83 -7.25
N ILE A 426 25.53 0.11 -6.39
CA ILE A 426 26.21 1.33 -6.80
C ILE A 426 27.71 1.03 -6.84
N THR A 427 28.41 1.43 -7.91
CA THR A 427 29.83 1.25 -8.02
C THR A 427 30.49 2.51 -7.46
N LYS A 428 31.40 2.34 -6.51
CA LYS A 428 32.21 3.45 -6.00
C LYS A 428 33.43 3.63 -6.87
N ASN A 429 33.99 4.86 -6.89
CA ASN A 429 35.06 5.22 -7.83
C ASN A 429 36.42 4.84 -7.27
N HIS A 430 36.54 3.58 -6.89
CA HIS A 430 37.76 3.05 -6.26
C HIS A 430 38.63 2.35 -7.30
N VAL B 38 -51.66 -25.02 10.14
CA VAL B 38 -51.84 -26.37 9.49
C VAL B 38 -51.11 -26.33 8.11
N THR B 39 -51.34 -25.34 7.24
CA THR B 39 -50.80 -25.34 5.83
C THR B 39 -49.81 -24.19 5.49
N ALA B 40 -49.03 -24.34 4.43
CA ALA B 40 -48.05 -23.26 4.05
C ALA B 40 -48.72 -21.89 3.80
N LYS B 41 -49.83 -21.91 3.08
CA LYS B 41 -50.68 -20.74 2.91
C LYS B 41 -51.10 -20.05 4.21
N ASP B 42 -51.31 -20.80 5.28
CA ASP B 42 -51.64 -20.21 6.58
C ASP B 42 -50.42 -19.63 7.29
N ILE B 43 -49.26 -20.27 7.10
CA ILE B 43 -48.05 -19.99 7.86
C ILE B 43 -47.23 -18.83 7.31
N LEU B 44 -47.03 -18.83 6.00
CA LEU B 44 -46.16 -17.86 5.39
C LEU B 44 -46.79 -16.46 5.40
N GLY B 45 -46.03 -15.46 5.84
CA GLY B 45 -46.53 -14.12 5.95
C GLY B 45 -47.37 -13.82 7.17
N ASN B 46 -47.38 -14.75 8.11
CA ASN B 46 -48.18 -14.66 9.33
C ASN B 46 -47.20 -14.54 10.48
N SER B 47 -47.22 -13.39 11.17
CA SER B 47 -46.23 -13.12 12.20
C SER B 47 -46.37 -13.94 13.47
N LYS B 48 -47.46 -14.71 13.60
CA LYS B 48 -47.52 -15.74 14.65
C LYS B 48 -46.59 -16.93 14.38
N TYR B 49 -46.13 -17.09 13.14
CA TYR B 49 -45.18 -18.17 12.76
C TYR B 49 -43.84 -17.64 12.19
N LEU B 50 -43.02 -17.07 13.09
CA LEU B 50 -41.73 -16.47 12.71
C LEU B 50 -40.82 -17.51 12.15
N ALA B 51 -40.13 -17.15 11.07
CA ALA B 51 -39.25 -18.05 10.33
C ALA B 51 -37.80 -17.75 10.63
N ILE B 52 -36.96 -18.74 10.37
CA ILE B 52 -35.51 -18.65 10.52
C ILE B 52 -34.79 -19.66 9.61
N SER B 53 -33.60 -19.32 9.15
CA SER B 53 -32.73 -20.31 8.51
C SER B 53 -31.96 -21.06 9.58
N TYR B 54 -31.89 -22.38 9.45
CA TYR B 54 -31.30 -23.23 10.52
C TYR B 54 -30.30 -24.29 10.06
N GLY B 55 -29.20 -24.33 10.80
CA GLY B 55 -28.28 -25.47 10.83
C GLY B 55 -27.81 -25.68 12.26
N GLY B 56 -27.60 -26.94 12.61
CA GLY B 56 -27.34 -27.39 13.96
C GLY B 56 -25.94 -27.95 14.16
N TYR B 57 -25.11 -27.86 13.12
CA TYR B 57 -23.74 -28.28 13.16
C TYR B 57 -22.98 -27.43 14.15
N ARG B 58 -22.16 -28.09 14.96
CA ARG B 58 -21.41 -27.46 16.06
C ARG B 58 -19.88 -27.46 15.88
N LYS B 59 -19.38 -28.12 14.84
CA LYS B 59 -17.95 -28.26 14.60
C LYS B 59 -17.59 -27.70 13.22
N LYS B 60 -16.30 -27.71 12.92
CA LYS B 60 -15.75 -27.13 11.69
C LYS B 60 -15.92 -27.99 10.44
N SER B 61 -16.58 -29.14 10.57
CA SER B 61 -16.90 -29.98 9.43
C SER B 61 -18.30 -30.57 9.62
N ARG B 62 -19.03 -30.65 8.52
CA ARG B 62 -20.33 -31.28 8.50
C ARG B 62 -20.25 -32.81 8.58
N ASP B 63 -19.04 -33.36 8.45
CA ASP B 63 -18.78 -34.75 8.80
C ASP B 63 -19.18 -35.08 10.25
N PHE B 64 -19.07 -34.09 11.14
CA PHE B 64 -19.57 -34.19 12.52
C PHE B 64 -21.04 -33.79 12.59
N GLN B 65 -21.91 -34.74 12.26
CA GLN B 65 -23.36 -34.54 12.29
C GLN B 65 -23.81 -34.36 13.71
N PRO B 66 -24.65 -33.36 13.97
CA PRO B 66 -25.21 -33.29 15.30
C PRO B 66 -26.19 -34.44 15.56
N SER B 67 -26.27 -34.88 16.80
CA SER B 67 -27.16 -35.97 17.19
C SER B 67 -28.59 -35.43 17.32
N ILE B 68 -29.54 -36.36 17.35
CA ILE B 68 -30.95 -36.01 17.57
C ILE B 68 -31.11 -35.27 18.88
N GLU B 69 -30.38 -35.71 19.91
CA GLU B 69 -30.47 -35.04 21.22
C GLU B 69 -30.00 -33.60 21.10
N GLU B 70 -28.91 -33.37 20.37
CA GLU B 70 -28.39 -32.00 20.16
C GLU B 70 -29.37 -31.11 19.39
N LEU B 71 -29.96 -31.66 18.33
CA LEU B 71 -30.96 -30.94 17.55
C LEU B 71 -32.20 -30.58 18.38
N LYS B 72 -32.59 -31.43 19.32
CA LYS B 72 -33.73 -31.12 20.18
C LYS B 72 -33.45 -29.93 21.06
N GLU B 73 -32.24 -29.86 21.58
CA GLU B 73 -31.80 -28.68 22.33
C GLU B 73 -32.10 -27.40 21.53
N ASP B 74 -31.71 -27.41 20.26
CA ASP B 74 -31.91 -26.22 19.38
C ASP B 74 -33.36 -25.91 19.13
N MET B 75 -34.11 -26.96 18.82
CA MET B 75 -35.55 -26.81 18.62
C MET B 75 -36.22 -26.19 19.83
N LYS B 76 -35.84 -26.62 21.04
CA LYS B 76 -36.47 -26.06 22.26
C LYS B 76 -36.16 -24.59 22.38
N ILE B 77 -34.91 -24.23 22.14
CA ILE B 77 -34.46 -22.81 22.16
C ILE B 77 -35.21 -21.96 21.15
N LEU B 78 -35.32 -22.44 19.94
CA LEU B 78 -36.00 -21.67 18.89
C LEU B 78 -37.47 -21.52 19.18
N HIS B 79 -38.08 -22.60 19.65
CA HIS B 79 -39.50 -22.61 19.99
C HIS B 79 -39.81 -21.61 21.12
N ALA B 80 -38.93 -21.54 22.11
CA ALA B 80 -39.07 -20.59 23.22
C ALA B 80 -39.10 -19.15 22.72
N MET B 81 -38.32 -18.87 21.66
CA MET B 81 -38.24 -17.58 20.98
C MET B 81 -39.39 -17.23 20.03
N ASN B 82 -40.40 -18.09 19.91
CA ASN B 82 -41.49 -17.91 18.93
C ASN B 82 -41.16 -18.24 17.50
N ILE B 83 -40.06 -18.93 17.27
CA ILE B 83 -39.81 -19.44 15.93
C ILE B 83 -40.74 -20.63 15.74
N ARG B 84 -41.46 -20.64 14.63
CA ARG B 84 -42.36 -21.78 14.28
C ARG B 84 -42.11 -22.44 12.92
N ILE B 85 -41.25 -21.86 12.10
CA ILE B 85 -40.87 -22.53 10.88
C ILE B 85 -39.39 -22.35 10.58
N LEU B 86 -38.73 -23.44 10.20
CA LEU B 86 -37.35 -23.35 9.83
C LEU B 86 -37.08 -23.85 8.42
N ARG B 87 -35.90 -23.47 7.94
CA ARG B 87 -35.42 -23.73 6.59
C ARG B 87 -34.14 -24.53 6.62
N THR B 88 -34.00 -25.37 5.62
CA THR B 88 -32.92 -26.34 5.48
C THR B 88 -32.40 -26.32 4.02
N TYR B 89 -31.21 -26.86 3.79
CA TYR B 89 -30.54 -26.62 2.50
C TYR B 89 -30.32 -27.84 1.59
N ASN B 90 -30.05 -29.00 2.18
CA ASN B 90 -29.99 -30.20 1.42
C ASN B 90 -30.57 -31.36 2.17
N VAL B 91 -30.81 -32.41 1.41
CA VAL B 91 -31.32 -33.70 1.85
C VAL B 91 -30.37 -34.85 1.47
N ARG B 92 -29.11 -34.51 1.21
CA ARG B 92 -28.05 -35.47 0.93
C ARG B 92 -27.39 -36.00 2.21
N LEU B 93 -27.02 -35.09 3.09
CA LEU B 93 -26.52 -35.43 4.39
C LEU B 93 -27.72 -35.68 5.30
N ALA B 94 -27.48 -36.34 6.42
CA ALA B 94 -28.52 -36.82 7.35
C ALA B 94 -29.23 -35.73 8.11
N HIS B 95 -28.54 -34.60 8.23
CA HIS B 95 -28.97 -33.43 9.00
C HIS B 95 -30.48 -33.07 8.92
N THR B 96 -31.02 -32.95 7.72
CA THR B 96 -32.41 -32.52 7.56
C THR B 96 -33.39 -33.57 8.04
N SER B 97 -33.12 -34.80 7.66
CA SER B 97 -33.82 -35.98 8.15
C SER B 97 -33.77 -36.08 9.70
N ASN B 98 -32.63 -35.77 10.31
CA ASN B 98 -32.54 -35.82 11.76
C ASN B 98 -33.31 -34.72 12.43
N ILE B 99 -33.39 -33.56 11.80
CA ILE B 99 -34.18 -32.47 12.36
C ILE B 99 -35.65 -32.90 12.41
N LEU B 100 -36.12 -33.52 11.34
CA LEU B 100 -37.51 -34.00 11.30
C LEU B 100 -37.76 -35.05 12.39
N LYS B 101 -36.82 -35.97 12.59
CA LYS B 101 -36.92 -36.96 13.68
C LYS B 101 -37.00 -36.31 15.05
N ALA B 102 -36.16 -35.30 15.24
CA ALA B 102 -36.10 -34.52 16.48
C ALA B 102 -37.39 -33.79 16.76
N ILE B 103 -37.95 -33.15 15.72
CA ILE B 103 -39.21 -32.42 15.88
C ILE B 103 -40.31 -33.43 16.19
N ARG B 104 -40.31 -34.56 15.49
CA ARG B 104 -41.31 -35.61 15.78
C ARG B 104 -41.25 -36.08 17.23
N GLU B 105 -40.06 -36.39 17.74
CA GLU B 105 -39.93 -36.76 19.15
C GLU B 105 -40.48 -35.67 20.07
N LEU B 106 -40.16 -34.40 19.82
CA LEU B 106 -40.66 -33.34 20.68
C LEU B 106 -42.15 -33.15 20.61
N LYS B 107 -42.76 -33.40 19.46
CA LYS B 107 -44.23 -33.34 19.35
C LYS B 107 -44.94 -34.49 20.06
N ASN B 108 -44.28 -35.65 20.12
CA ASN B 108 -44.78 -36.78 20.93
C ASN B 108 -44.67 -36.50 22.41
N GLU B 109 -43.60 -35.82 22.84
CA GLU B 109 -43.39 -35.48 24.25
C GLU B 109 -44.37 -34.42 24.72
N ASP B 110 -44.73 -33.51 23.83
CA ASP B 110 -45.48 -32.31 24.18
C ASP B 110 -46.44 -32.00 23.04
N ALA B 111 -47.72 -32.12 23.30
CA ALA B 111 -48.74 -31.94 22.27
C ALA B 111 -48.87 -30.50 21.81
N ASN B 112 -48.43 -29.55 22.61
CA ASN B 112 -48.39 -28.13 22.18
C ASN B 112 -47.16 -27.69 21.42
N PHE B 113 -46.12 -28.54 21.34
CA PHE B 113 -44.95 -28.21 20.54
C PHE B 113 -45.31 -28.20 19.07
N GLU B 114 -44.82 -27.19 18.38
CA GLU B 114 -45.21 -26.90 17.01
C GLU B 114 -43.93 -26.36 16.32
N MET B 115 -43.42 -27.06 15.31
CA MET B 115 -42.33 -26.54 14.46
C MET B 115 -42.56 -27.07 13.07
N TYR B 116 -42.46 -26.18 12.09
CA TYR B 116 -42.62 -26.55 10.68
C TYR B 116 -41.33 -26.38 9.91
N MET B 117 -41.28 -26.98 8.73
CA MET B 117 -40.06 -26.99 7.94
C MET B 117 -40.27 -26.66 6.45
N MET B 118 -39.39 -25.79 5.94
CA MET B 118 -39.14 -25.58 4.52
C MET B 118 -37.94 -26.42 4.16
N VAL B 119 -38.13 -27.49 3.39
CA VAL B 119 -37.04 -28.44 3.07
C VAL B 119 -36.39 -28.11 1.74
N GLY B 120 -35.09 -27.92 1.78
CA GLY B 120 -34.29 -27.59 0.62
C GLY B 120 -33.74 -28.82 -0.04
N ALA B 121 -34.04 -28.92 -1.32
CA ALA B 121 -33.45 -29.92 -2.18
C ALA B 121 -32.35 -29.16 -2.94
N TRP B 122 -31.09 -29.61 -2.76
CA TRP B 122 -29.96 -28.98 -3.42
C TRP B 122 -29.86 -29.40 -4.88
N ILE B 123 -29.72 -28.39 -5.75
CA ILE B 123 -29.58 -28.59 -7.19
C ILE B 123 -28.19 -28.17 -7.67
N ASP B 124 -27.57 -29.03 -8.46
CA ASP B 124 -26.27 -28.80 -9.04
C ASP B 124 -26.32 -28.85 -10.57
N CYS B 125 -25.39 -28.16 -11.20
CA CYS B 125 -25.06 -28.34 -12.61
C CYS B 125 -24.14 -29.52 -12.76
N LYS B 126 -23.94 -29.92 -14.01
CA LYS B 126 -23.06 -31.05 -14.31
C LYS B 126 -21.62 -30.86 -13.85
N ASN B 127 -21.08 -31.90 -13.18
CA ASN B 127 -19.73 -31.93 -12.62
C ASN B 127 -19.44 -30.99 -11.46
N ALA B 128 -20.44 -30.29 -10.94
CA ALA B 128 -20.27 -29.55 -9.70
C ALA B 128 -19.58 -30.44 -8.63
N TRP B 129 -18.66 -29.82 -7.90
CA TRP B 129 -17.95 -30.44 -6.78
C TRP B 129 -17.08 -31.64 -7.19
N THR B 130 -16.73 -31.74 -8.48
CA THR B 130 -15.75 -32.74 -8.96
C THR B 130 -14.55 -32.02 -9.54
N ASP B 131 -13.61 -32.77 -10.08
CA ASP B 131 -12.45 -32.19 -10.79
C ASP B 131 -12.62 -32.22 -12.33
N GLN B 132 -13.85 -32.43 -12.78
CA GLN B 132 -14.19 -32.43 -14.20
C GLN B 132 -14.76 -31.07 -14.65
N PRO B 133 -14.72 -30.76 -15.94
CA PRO B 133 -15.19 -29.45 -16.41
C PRO B 133 -16.65 -29.20 -16.08
N LEU B 134 -16.94 -28.08 -15.46
CA LEU B 134 -18.33 -27.71 -15.19
C LEU B 134 -19.08 -27.38 -16.48
N ASN B 135 -20.34 -27.74 -16.53
CA ASN B 135 -21.23 -27.34 -17.61
C ASN B 135 -22.52 -26.78 -16.98
N HIS B 136 -22.68 -25.46 -17.04
CA HIS B 136 -23.82 -24.78 -16.45
C HIS B 136 -25.05 -24.86 -17.31
N HIS B 137 -24.93 -25.46 -18.50
CA HIS B 137 -26.11 -25.73 -19.36
C HIS B 137 -26.57 -27.18 -19.30
N GLU B 138 -25.96 -28.03 -18.46
CA GLU B 138 -26.46 -29.38 -18.16
C GLU B 138 -26.53 -29.53 -16.63
N GLU B 139 -27.28 -30.53 -16.22
CA GLU B 139 -27.68 -30.72 -14.82
C GLU B 139 -26.85 -31.85 -14.28
N SER B 140 -26.68 -31.89 -12.96
CA SER B 140 -26.06 -33.05 -12.31
C SER B 140 -26.99 -34.28 -12.35
N GLU B 141 -26.42 -35.43 -12.64
CA GLU B 141 -27.18 -36.69 -12.57
C GLU B 141 -27.71 -36.97 -11.18
N ASN B 142 -27.09 -36.40 -10.14
CA ASN B 142 -27.56 -36.58 -8.78
C ASN B 142 -28.78 -35.75 -8.36
N ASN B 143 -29.28 -34.86 -9.19
CA ASN B 143 -30.44 -34.06 -8.78
C ASN B 143 -31.64 -34.95 -8.54
N ALA B 144 -31.84 -35.92 -9.42
CA ALA B 144 -33.05 -36.75 -9.39
C ALA B 144 -33.20 -37.41 -8.01
N SER B 145 -32.16 -38.03 -7.50
CA SER B 145 -32.28 -38.73 -6.24
C SER B 145 -32.44 -37.74 -5.04
N GLU B 146 -31.84 -36.55 -5.15
CA GLU B 146 -32.06 -35.53 -4.15
C GLU B 146 -33.55 -35.11 -4.13
N ILE B 147 -34.16 -34.91 -5.28
CA ILE B 147 -35.58 -34.60 -5.33
C ILE B 147 -36.38 -35.77 -4.76
N ASP B 148 -36.03 -37.02 -5.13
CA ASP B 148 -36.68 -38.22 -4.54
C ASP B 148 -36.60 -38.23 -3.01
N ARG B 149 -35.44 -37.93 -2.45
CA ARG B 149 -35.29 -37.98 -1.01
C ARG B 149 -36.13 -36.89 -0.31
N ALA B 150 -36.26 -35.74 -0.98
CA ALA B 150 -37.04 -34.61 -0.47
C ALA B 150 -38.50 -35.02 -0.42
N VAL B 151 -38.95 -35.66 -1.49
CA VAL B 151 -40.31 -36.16 -1.61
C VAL B 151 -40.63 -37.19 -0.52
N ALA B 152 -39.73 -38.16 -0.33
CA ALA B 152 -39.85 -39.18 0.75
C ALA B 152 -40.01 -38.56 2.15
N LEU B 153 -39.21 -37.52 2.44
CA LEU B 153 -39.32 -36.81 3.70
C LEU B 153 -40.63 -36.03 3.83
N ALA B 154 -41.10 -35.38 2.76
CA ALA B 154 -42.38 -34.68 2.82
C ALA B 154 -43.54 -35.66 3.09
N GLN B 155 -43.38 -36.88 2.58
CA GLN B 155 -44.34 -37.96 2.78
C GLN B 155 -44.25 -38.55 4.19
N GLU B 156 -43.06 -38.87 4.72
CA GLU B 156 -42.98 -39.44 6.06
C GLU B 156 -43.41 -38.41 7.12
N PHE B 157 -43.22 -37.11 6.86
CA PHE B 157 -43.45 -36.05 7.89
C PHE B 157 -44.33 -34.91 7.37
N PRO B 158 -45.53 -35.24 6.86
CA PRO B 158 -46.38 -34.22 6.22
C PRO B 158 -46.93 -33.21 7.22
N ASP B 159 -46.89 -33.55 8.51
CA ASP B 159 -47.34 -32.67 9.58
C ASP B 159 -46.34 -31.57 9.91
N ILE B 160 -45.10 -31.73 9.43
CA ILE B 160 -43.99 -30.79 9.67
C ILE B 160 -43.57 -30.07 8.38
N VAL B 161 -43.32 -30.86 7.32
CA VAL B 161 -42.86 -30.34 6.04
C VAL B 161 -43.97 -29.64 5.32
N LYS B 162 -43.85 -28.32 5.17
CA LYS B 162 -44.86 -27.52 4.47
C LYS B 162 -44.43 -26.96 3.16
N VAL B 163 -43.14 -27.00 2.87
CA VAL B 163 -42.57 -26.41 1.62
C VAL B 163 -41.39 -27.24 1.17
N ILE B 164 -41.30 -27.46 -0.15
CA ILE B 164 -40.08 -27.91 -0.75
C ILE B 164 -39.53 -26.82 -1.62
N ALA B 165 -38.26 -26.51 -1.42
CA ALA B 165 -37.55 -25.54 -2.24
C ALA B 165 -36.59 -26.25 -3.15
N VAL B 166 -36.79 -26.06 -4.46
CA VAL B 166 -35.93 -26.61 -5.49
C VAL B 166 -34.78 -25.63 -5.72
N GLY B 167 -33.65 -25.93 -5.09
CA GLY B 167 -32.42 -25.17 -5.25
C GLY B 167 -32.22 -24.08 -4.22
N ASN B 168 -30.95 -23.77 -3.99
CA ASN B 168 -30.57 -22.66 -3.16
C ASN B 168 -29.51 -21.80 -3.88
N GLU B 169 -29.97 -20.68 -4.40
CA GLU B 169 -29.14 -19.79 -5.19
C GLU B 169 -28.59 -20.51 -6.40
N ALA B 170 -29.36 -21.46 -6.91
CA ALA B 170 -28.87 -22.31 -7.93
C ALA B 170 -28.92 -21.69 -9.32
N MET B 171 -29.62 -20.57 -9.50
CA MET B 171 -29.70 -19.87 -10.81
C MET B 171 -28.81 -18.61 -10.89
N VAL B 172 -28.30 -18.14 -9.76
CA VAL B 172 -27.57 -16.89 -9.74
C VAL B 172 -26.21 -17.09 -10.45
N LYS B 173 -25.89 -16.21 -11.40
CA LYS B 173 -24.78 -16.43 -12.34
C LYS B 173 -23.39 -16.34 -11.70
N TRP B 174 -23.32 -15.76 -10.50
CA TRP B 174 -22.08 -15.71 -9.75
C TRP B 174 -21.82 -16.94 -8.88
N ALA B 175 -22.75 -17.88 -8.79
CA ALA B 175 -22.53 -19.12 -7.98
C ALA B 175 -21.76 -20.11 -8.85
N ALA B 176 -20.49 -19.75 -9.08
CA ALA B 176 -19.63 -20.38 -10.10
C ALA B 176 -19.46 -21.86 -9.93
N SER B 177 -19.52 -22.33 -8.69
CA SER B 177 -19.31 -23.73 -8.44
C SER B 177 -20.41 -24.66 -8.90
N TYR B 178 -21.65 -24.19 -9.07
CA TYR B 178 -22.77 -25.12 -9.29
C TYR B 178 -24.02 -24.64 -10.05
N PHE B 179 -24.03 -23.39 -10.52
CA PHE B 179 -25.28 -22.81 -10.97
C PHE B 179 -25.83 -23.50 -12.21
N VAL B 180 -27.14 -23.44 -12.33
CA VAL B 180 -27.87 -24.04 -13.43
C VAL B 180 -28.75 -22.98 -14.09
N GLN B 181 -29.26 -23.34 -15.26
CA GLN B 181 -30.21 -22.50 -15.98
C GLN B 181 -31.61 -22.67 -15.38
N PRO B 182 -32.48 -21.67 -15.58
CA PRO B 182 -33.79 -21.77 -14.99
C PRO B 182 -34.59 -22.97 -15.49
N ALA B 183 -34.30 -23.45 -16.70
CA ALA B 183 -34.97 -24.66 -17.23
C ALA B 183 -34.84 -25.86 -16.30
N VAL B 184 -33.71 -26.01 -15.64
CA VAL B 184 -33.51 -27.13 -14.72
C VAL B 184 -34.32 -26.93 -13.41
N ILE B 185 -34.42 -25.74 -12.86
CA ILE B 185 -35.33 -25.54 -11.71
C ILE B 185 -36.79 -25.78 -12.09
N LEU B 186 -37.20 -25.27 -13.24
CA LEU B 186 -38.55 -25.47 -13.81
C LEU B 186 -38.89 -26.93 -13.94
N LYS B 187 -37.96 -27.69 -14.49
CA LYS B 187 -38.13 -29.12 -14.62
C LYS B 187 -38.54 -29.79 -13.30
N TRP B 188 -37.77 -29.55 -12.24
CA TRP B 188 -38.04 -30.18 -10.95
C TRP B 188 -39.23 -29.56 -10.21
N VAL B 189 -39.45 -28.27 -10.34
CA VAL B 189 -40.67 -27.69 -9.79
C VAL B 189 -41.89 -28.34 -10.46
N ASN B 190 -41.88 -28.46 -11.79
CA ASN B 190 -42.95 -29.11 -12.52
C ASN B 190 -43.15 -30.59 -12.16
N HIS B 191 -42.05 -31.32 -11.97
CA HIS B 191 -42.10 -32.67 -11.41
C HIS B 191 -42.86 -32.75 -10.07
N LEU B 192 -42.53 -31.84 -9.14
CA LEU B 192 -43.15 -31.79 -7.83
C LEU B 192 -44.64 -31.36 -7.90
N GLN B 193 -44.96 -30.40 -8.75
CA GLN B 193 -46.35 -30.00 -8.95
C GLN B 193 -47.17 -31.15 -9.56
N ALA B 194 -46.54 -31.97 -10.43
CA ALA B 194 -47.20 -33.13 -11.04
C ALA B 194 -47.46 -34.25 -10.01
N LEU B 195 -46.48 -34.52 -9.13
CA LEU B 195 -46.71 -35.43 -8.00
C LEU B 195 -47.86 -34.97 -7.10
N LYS B 196 -48.04 -33.66 -6.91
CA LYS B 196 -49.17 -33.18 -6.12
C LYS B 196 -50.50 -33.45 -6.83
N LYS B 197 -50.55 -33.09 -8.11
CA LYS B 197 -51.73 -33.33 -8.91
C LYS B 197 -52.14 -34.81 -8.95
N LYS B 198 -51.17 -35.71 -9.05
CA LYS B 198 -51.43 -37.14 -9.13
C LYS B 198 -51.75 -37.74 -7.74
N GLY B 199 -51.60 -36.96 -6.65
CA GLY B 199 -51.94 -37.40 -5.29
C GLY B 199 -50.83 -38.02 -4.44
N ASP B 200 -49.59 -38.08 -4.95
CA ASP B 200 -48.44 -38.58 -4.16
C ASP B 200 -47.93 -37.57 -3.10
N LEU B 201 -48.30 -36.31 -3.24
CA LEU B 201 -48.00 -35.28 -2.25
C LEU B 201 -49.27 -34.52 -2.01
N SER B 202 -49.39 -33.94 -0.81
CA SER B 202 -50.54 -33.12 -0.46
C SER B 202 -50.73 -31.96 -1.42
N LYS B 203 -51.98 -31.66 -1.77
CA LYS B 203 -52.29 -30.49 -2.63
C LYS B 203 -51.91 -29.18 -1.98
N ASP B 204 -51.79 -29.16 -0.65
CA ASP B 204 -51.42 -27.95 0.10
C ASP B 204 -49.92 -27.70 0.33
N LEU B 205 -49.11 -28.67 -0.10
CA LEU B 205 -47.65 -28.54 -0.05
C LEU B 205 -47.21 -27.51 -1.09
N TRP B 206 -46.47 -26.50 -0.64
CA TRP B 206 -46.05 -25.42 -1.52
C TRP B 206 -44.65 -25.66 -2.07
N ILE B 207 -44.48 -25.33 -3.35
CA ILE B 207 -43.23 -25.54 -4.05
C ILE B 207 -42.65 -24.19 -4.42
N THR B 208 -41.34 -24.05 -4.26
CA THR B 208 -40.64 -22.82 -4.59
C THR B 208 -39.21 -23.13 -4.99
N SER B 209 -38.46 -22.08 -5.26
CA SER B 209 -37.02 -22.13 -5.38
C SER B 209 -36.51 -20.96 -4.59
N SER B 210 -35.43 -21.16 -3.86
CA SER B 210 -34.91 -20.08 -3.02
C SER B 210 -33.68 -19.51 -3.71
N ASP B 211 -33.73 -18.23 -4.04
CA ASP B 211 -32.70 -17.65 -4.87
C ASP B 211 -32.56 -16.15 -4.67
N ASN B 212 -31.43 -15.65 -5.15
CA ASN B 212 -31.12 -14.21 -5.16
C ASN B 212 -32.17 -13.40 -5.92
N PHE B 213 -32.41 -12.19 -5.44
CA PHE B 213 -33.36 -11.29 -6.08
C PHE B 213 -33.15 -11.17 -7.60
N ALA B 214 -31.91 -11.18 -8.05
CA ALA B 214 -31.62 -11.03 -9.47
C ALA B 214 -32.06 -12.25 -10.28
N SER B 215 -31.91 -13.43 -9.70
CA SER B 215 -32.35 -14.67 -10.35
C SER B 215 -33.85 -14.69 -10.58
N TRP B 216 -34.61 -14.04 -9.71
CA TRP B 216 -36.03 -13.93 -9.84
C TRP B 216 -36.44 -12.75 -10.70
N GLY B 217 -35.51 -12.12 -11.40
CA GLY B 217 -35.82 -11.05 -12.29
C GLY B 217 -35.77 -9.64 -11.77
N GLY B 218 -35.28 -9.43 -10.56
CA GLY B 218 -35.23 -8.07 -9.98
C GLY B 218 -33.97 -7.26 -10.21
N GLY B 219 -33.10 -7.73 -11.09
CA GLY B 219 -31.78 -7.06 -11.29
C GLY B 219 -31.42 -7.03 -12.77
N ASP B 220 -30.24 -7.52 -13.13
CA ASP B 220 -29.79 -7.48 -14.53
C ASP B 220 -30.81 -8.17 -15.43
N PRO B 221 -31.23 -7.51 -16.53
CA PRO B 221 -32.27 -8.12 -17.41
C PRO B 221 -31.81 -9.33 -18.24
N GLN B 222 -30.52 -9.62 -18.23
CA GLN B 222 -29.96 -10.87 -18.73
C GLN B 222 -30.75 -12.10 -18.25
N TYR B 223 -31.22 -12.02 -17.01
CA TYR B 223 -32.04 -13.10 -16.43
C TYR B 223 -33.45 -13.22 -17.04
N HIS B 224 -33.97 -12.16 -17.68
CA HIS B 224 -35.36 -12.15 -18.18
C HIS B 224 -35.60 -13.03 -19.41
N VAL B 225 -35.57 -14.34 -19.23
CA VAL B 225 -35.71 -15.30 -20.33
C VAL B 225 -37.02 -16.05 -20.15
N GLU B 226 -37.48 -16.66 -21.24
CA GLU B 226 -38.74 -17.40 -21.24
C GLU B 226 -38.83 -18.44 -20.09
N ASP B 227 -37.77 -19.23 -19.87
CA ASP B 227 -37.79 -20.26 -18.83
C ASP B 227 -38.02 -19.72 -17.42
N LEU B 228 -37.52 -18.54 -17.12
CA LEU B 228 -37.81 -17.86 -15.85
C LEU B 228 -39.27 -17.47 -15.69
N THR B 229 -39.87 -16.94 -16.75
CA THR B 229 -41.31 -16.62 -16.75
C THR B 229 -42.14 -17.89 -16.43
N LYS B 230 -41.82 -19.02 -17.05
CA LYS B 230 -42.52 -20.29 -16.78
C LYS B 230 -42.31 -20.78 -15.36
N LEU B 231 -41.10 -20.58 -14.84
CA LEU B 231 -40.79 -20.93 -13.45
C LEU B 231 -41.61 -20.11 -12.47
N ILE B 232 -41.71 -18.82 -12.74
CA ILE B 232 -42.52 -17.93 -11.92
C ILE B 232 -43.98 -18.36 -11.93
N GLU B 233 -44.49 -18.82 -13.07
CA GLU B 233 -45.82 -19.44 -13.17
C GLU B 233 -45.94 -20.73 -12.37
N ALA B 234 -44.94 -21.59 -12.42
CA ALA B 234 -45.03 -22.94 -11.86
C ALA B 234 -44.97 -22.95 -10.33
N VAL B 235 -44.19 -22.06 -9.71
CA VAL B 235 -44.03 -22.10 -8.24
C VAL B 235 -45.27 -21.62 -7.52
N ASP B 236 -45.46 -22.05 -6.29
CA ASP B 236 -46.55 -21.54 -5.49
C ASP B 236 -46.22 -20.13 -4.97
N TYR B 237 -44.93 -19.87 -4.67
CA TYR B 237 -44.46 -18.54 -4.28
C TYR B 237 -42.96 -18.39 -4.62
N LEU B 238 -42.45 -17.15 -4.47
CA LEU B 238 -41.03 -16.82 -4.71
C LEU B 238 -40.30 -16.60 -3.41
N SER B 239 -39.25 -17.39 -3.17
CA SER B 239 -38.39 -17.27 -2.02
C SER B 239 -37.10 -16.47 -2.41
N VAL B 240 -37.01 -15.23 -1.91
CA VAL B 240 -36.09 -14.23 -2.44
C VAL B 240 -35.03 -13.92 -1.45
N HIS B 241 -33.78 -13.89 -1.91
CA HIS B 241 -32.65 -13.50 -1.03
C HIS B 241 -32.15 -12.12 -1.34
N THR B 242 -31.81 -11.36 -0.29
CA THR B 242 -31.19 -10.04 -0.44
C THR B 242 -30.20 -9.82 0.69
N TYR B 243 -29.01 -9.33 0.35
CA TYR B 243 -27.90 -9.21 1.32
C TYR B 243 -27.17 -7.85 1.31
N PRO B 244 -27.78 -6.81 1.88
CA PRO B 244 -27.10 -5.54 2.06
C PRO B 244 -25.71 -5.66 2.72
N MET B 245 -25.56 -6.49 3.75
CA MET B 245 -24.26 -6.64 4.43
C MET B 245 -23.13 -6.90 3.45
N HIS B 246 -23.33 -7.86 2.56
CA HIS B 246 -22.36 -8.14 1.52
C HIS B 246 -22.14 -6.98 0.58
N ASP B 247 -23.21 -6.29 0.20
CA ASP B 247 -23.10 -5.14 -0.67
C ASP B 247 -22.41 -3.93 -0.01
N THR B 248 -22.28 -3.87 1.32
CA THR B 248 -21.38 -2.85 1.92
C THR B 248 -19.95 -2.89 1.37
N HIS B 249 -19.58 -4.01 0.76
CA HIS B 249 -18.35 -4.12 0.01
C HIS B 249 -18.56 -4.13 -1.52
N TYR B 250 -19.42 -5.02 -2.02
CA TYR B 250 -19.56 -5.25 -3.47
C TYR B 250 -20.38 -4.20 -4.21
N ASN B 251 -21.18 -3.42 -3.51
CA ASN B 251 -21.88 -2.29 -4.12
C ASN B 251 -22.21 -1.23 -3.06
N PRO B 252 -21.18 -0.49 -2.64
CA PRO B 252 -21.23 0.27 -1.41
C PRO B 252 -21.85 1.65 -1.45
N ILE B 253 -22.56 1.99 -2.53
CA ILE B 253 -23.02 3.38 -2.72
C ILE B 253 -24.01 3.83 -1.62
N PHE B 254 -24.71 2.88 -1.02
CA PHE B 254 -25.70 3.12 0.04
C PHE B 254 -25.11 3.16 1.44
N TRP B 255 -23.87 2.74 1.59
CA TRP B 255 -23.28 2.45 2.89
C TRP B 255 -22.26 3.49 3.29
N GLY B 256 -22.52 4.17 4.41
CA GLY B 256 -21.59 5.13 4.94
C GLY B 256 -22.24 6.17 5.84
N VAL B 257 -21.41 7.13 6.25
CA VAL B 257 -21.85 8.34 6.90
C VAL B 257 -21.59 9.44 5.88
N PHE B 258 -22.66 10.11 5.47
CA PHE B 258 -22.63 11.02 4.30
C PHE B 258 -22.86 12.47 4.74
N GLY B 259 -22.06 13.37 4.17
CA GLY B 259 -22.18 14.82 4.39
C GLY B 259 -22.45 15.28 5.81
N ASP B 260 -23.56 16.01 5.96
CA ASP B 260 -23.99 16.61 7.24
C ASP B 260 -24.12 15.66 8.41
N GLU B 261 -24.25 14.35 8.11
CA GLU B 261 -24.34 13.31 9.14
C GLU B 261 -23.15 13.24 10.09
N THR B 262 -21.97 13.68 9.63
CA THR B 262 -20.74 13.78 10.47
C THR B 262 -20.97 14.63 11.73
N GLU B 263 -21.80 15.68 11.63
CA GLU B 263 -22.17 16.51 12.78
C GLU B 263 -23.14 15.84 13.75
N LEU B 264 -23.74 14.71 13.39
CA LEU B 264 -24.70 14.04 14.29
C LEU B 264 -23.99 13.15 15.31
N SER B 265 -24.72 12.84 16.36
CA SER B 265 -24.31 11.85 17.37
C SER B 265 -23.91 10.50 16.71
N SER B 266 -22.96 9.80 17.32
CA SER B 266 -22.53 8.47 16.87
C SER B 266 -23.66 7.44 16.82
N LEU B 267 -24.55 7.50 17.82
CA LEU B 267 -25.74 6.67 17.84
C LEU B 267 -26.60 6.92 16.61
N LYS B 268 -26.79 8.20 16.29
CA LYS B 268 -27.66 8.60 15.17
C LYS B 268 -27.07 8.22 13.84
N ARG B 269 -25.76 8.39 13.72
CA ARG B 269 -25.05 7.97 12.51
C ARG B 269 -25.23 6.49 12.17
N ILE B 270 -25.14 5.63 13.18
CA ILE B 270 -25.38 4.20 12.98
C ILE B 270 -26.84 3.93 12.60
N ASP B 271 -27.79 4.51 13.33
CA ASP B 271 -29.21 4.37 13.01
C ASP B 271 -29.53 4.73 11.55
N ILE B 272 -29.03 5.86 11.10
CA ILE B 272 -29.28 6.35 9.74
C ILE B 272 -28.67 5.42 8.70
N ALA B 273 -27.45 4.97 8.97
CA ALA B 273 -26.73 4.14 8.02
C ALA B 273 -27.42 2.79 7.91
N MET B 274 -27.79 2.24 9.06
CA MET B 274 -28.50 0.95 9.10
C MET B 274 -29.86 1.01 8.48
N ASN B 275 -30.55 2.14 8.62
CA ASN B 275 -31.82 2.32 7.93
C ASN B 275 -31.65 2.26 6.42
N ARG B 276 -30.56 2.82 5.90
CA ARG B 276 -30.29 2.70 4.45
C ARG B 276 -30.10 1.25 4.00
N ALA B 277 -29.50 0.44 4.87
CA ALA B 277 -29.30 -0.99 4.62
C ALA B 277 -30.63 -1.76 4.54
N LYS B 278 -31.54 -1.43 5.45
CA LYS B 278 -32.87 -2.01 5.44
C LYS B 278 -33.60 -1.62 4.18
N THR B 279 -33.63 -0.35 3.88
CA THR B 279 -34.27 0.16 2.69
C THR B 279 -33.72 -0.43 1.38
N TYR B 280 -32.43 -0.67 1.34
CA TYR B 280 -31.77 -1.34 0.22
C TYR B 280 -32.34 -2.73 -0.02
N ALA B 281 -32.50 -3.50 1.05
CA ALA B 281 -33.14 -4.83 0.97
C ALA B 281 -34.60 -4.77 0.51
N VAL B 282 -35.32 -3.79 1.03
CA VAL B 282 -36.70 -3.60 0.64
C VAL B 282 -36.78 -3.32 -0.87
N SER B 283 -35.87 -2.49 -1.39
CA SER B 283 -35.84 -2.15 -2.82
C SER B 283 -35.60 -3.35 -3.70
N GLN B 284 -34.68 -4.23 -3.28
CA GLN B 284 -34.39 -5.44 -4.01
C GLN B 284 -35.57 -6.41 -4.03
N SER B 285 -36.22 -6.62 -2.89
CA SER B 285 -37.45 -7.41 -2.83
C SER B 285 -38.56 -6.80 -3.72
N ASP B 286 -38.76 -5.49 -3.63
CA ASP B 286 -39.78 -4.80 -4.43
C ASP B 286 -39.52 -4.89 -5.94
N SER B 287 -38.24 -4.87 -6.32
CA SER B 287 -37.84 -5.01 -7.69
C SER B 287 -38.33 -6.36 -8.27
N VAL B 288 -38.30 -7.41 -7.46
CA VAL B 288 -38.86 -8.72 -7.88
C VAL B 288 -40.38 -8.63 -8.04
N ALA B 289 -41.05 -7.97 -7.11
CA ALA B 289 -42.51 -7.75 -7.20
C ALA B 289 -42.90 -6.97 -8.45
N SER B 290 -42.15 -5.93 -8.78
CA SER B 290 -42.34 -5.19 -10.03
C SER B 290 -42.16 -6.04 -11.28
N TYR B 291 -41.14 -6.92 -11.28
CA TYR B 291 -40.87 -7.75 -12.44
C TYR B 291 -42.03 -8.73 -12.72
N ILE B 292 -42.56 -9.38 -11.69
CA ILE B 292 -43.64 -10.35 -11.86
C ILE B 292 -44.92 -9.61 -12.26
N LYS B 293 -45.15 -8.42 -11.68
CA LYS B 293 -46.30 -7.56 -12.08
C LYS B 293 -46.24 -7.21 -13.57
N SER B 294 -45.04 -6.89 -14.07
CA SER B 294 -44.84 -6.64 -15.50
C SER B 294 -45.15 -7.85 -16.41
N LEU B 295 -45.01 -9.07 -15.88
CA LEU B 295 -45.40 -10.28 -16.60
C LEU B 295 -46.89 -10.62 -16.47
N GLY B 296 -47.66 -9.80 -15.75
CA GLY B 296 -49.07 -10.11 -15.45
C GLY B 296 -49.28 -11.32 -14.59
N ILE B 297 -48.39 -11.54 -13.61
CA ILE B 297 -48.44 -12.71 -12.72
C ILE B 297 -48.54 -12.20 -11.28
N ASN B 298 -49.48 -12.78 -10.53
CA ASN B 298 -49.63 -12.45 -9.13
C ASN B 298 -49.21 -13.64 -8.29
N LYS B 299 -48.09 -13.53 -7.61
CA LYS B 299 -47.63 -14.58 -6.68
C LYS B 299 -47.15 -13.92 -5.40
N PRO B 300 -47.34 -14.60 -4.26
CA PRO B 300 -46.66 -14.11 -3.07
C PRO B 300 -45.12 -14.14 -3.16
N ILE B 301 -44.49 -13.19 -2.48
CA ILE B 301 -43.05 -13.16 -2.32
C ILE B 301 -42.77 -13.26 -0.83
N HIS B 302 -41.83 -14.14 -0.48
CA HIS B 302 -41.28 -14.23 0.88
C HIS B 302 -39.75 -14.14 0.89
N ILE B 303 -39.18 -13.66 1.97
CA ILE B 303 -37.72 -13.56 2.08
C ILE B 303 -37.17 -14.87 2.59
N GLY B 304 -36.51 -15.57 1.69
CA GLY B 304 -35.89 -16.85 2.01
C GLY B 304 -34.55 -16.77 2.67
N GLU B 305 -33.88 -15.64 2.55
CA GLU B 305 -32.57 -15.48 3.17
C GLU B 305 -32.11 -14.02 3.22
N THR B 306 -31.80 -13.55 4.42
CA THR B 306 -31.03 -12.34 4.60
C THR B 306 -30.40 -12.38 5.99
N GLY B 307 -29.33 -11.62 6.18
CA GLY B 307 -28.57 -11.68 7.43
C GLY B 307 -27.42 -10.71 7.50
N TRP B 308 -26.92 -10.50 8.71
CA TRP B 308 -25.86 -9.52 8.99
C TRP B 308 -24.93 -10.05 10.06
N ALA B 309 -23.72 -10.43 9.67
CA ALA B 309 -22.81 -11.12 10.58
C ALA B 309 -22.27 -10.21 11.68
N SER B 310 -21.96 -10.83 12.82
CA SER B 310 -21.49 -10.12 14.00
C SER B 310 -19.97 -9.97 14.03
N PHE B 311 -19.25 -10.61 13.09
CA PHE B 311 -17.84 -10.49 13.03
C PHE B 311 -17.30 -10.79 11.64
N SER B 312 -16.22 -10.11 11.23
CA SER B 312 -15.51 -10.39 9.99
C SER B 312 -14.05 -9.94 10.06
N ASN B 313 -13.14 -10.81 9.64
CA ASN B 313 -11.74 -10.46 9.50
C ASN B 313 -11.33 -10.27 8.03
N GLY B 314 -12.31 -10.16 7.13
CA GLY B 314 -12.06 -9.82 5.73
C GLY B 314 -12.73 -8.50 5.41
N TYR B 315 -13.56 -8.51 4.37
CA TYR B 315 -14.09 -7.29 3.77
C TYR B 315 -15.09 -6.52 4.59
N TYR B 316 -15.76 -7.17 5.54
CA TYR B 316 -16.96 -6.59 6.17
C TYR B 316 -16.76 -6.06 7.60
N GLY B 317 -15.55 -6.24 8.15
CA GLY B 317 -15.25 -5.81 9.54
C GLY B 317 -14.30 -4.63 9.65
N ALA B 318 -13.46 -4.65 10.68
CA ALA B 318 -12.44 -3.61 10.90
C ALA B 318 -11.48 -3.37 9.71
N LYS B 319 -11.17 -4.41 8.94
CA LYS B 319 -10.23 -4.26 7.82
C LYS B 319 -10.92 -3.94 6.49
N GLY B 320 -12.22 -3.63 6.54
CA GLY B 320 -12.99 -3.28 5.36
C GLY B 320 -14.13 -2.35 5.71
N SER B 321 -15.35 -2.77 5.45
CA SER B 321 -16.51 -1.89 5.45
C SER B 321 -17.07 -1.50 6.83
N LYS B 322 -16.54 -2.03 7.91
CA LYS B 322 -17.03 -1.72 9.28
C LYS B 322 -18.51 -2.10 9.52
N ALA B 323 -18.99 -3.14 8.84
CA ALA B 323 -20.38 -3.56 8.96
C ALA B 323 -20.62 -4.49 10.15
N THR B 324 -19.70 -5.43 10.39
CA THR B 324 -19.96 -6.57 11.26
C THR B 324 -19.68 -6.31 12.72
N ASP B 325 -20.72 -6.42 13.53
CA ASP B 325 -20.66 -6.47 15.01
C ASP B 325 -22.09 -6.77 15.53
N GLU B 326 -22.23 -7.11 16.81
CA GLU B 326 -23.53 -7.57 17.32
C GLU B 326 -24.60 -6.49 17.37
N TYR B 327 -24.17 -5.24 17.47
CA TYR B 327 -25.09 -4.11 17.57
C TYR B 327 -25.74 -3.85 16.21
N LYS B 328 -24.95 -3.78 15.17
CA LYS B 328 -25.51 -3.57 13.84
C LYS B 328 -26.34 -4.75 13.42
N GLU B 329 -25.96 -5.96 13.84
CA GLU B 329 -26.74 -7.16 13.53
C GLU B 329 -28.12 -7.05 14.15
N ALA B 330 -28.18 -6.62 15.40
CA ALA B 330 -29.43 -6.44 16.09
C ALA B 330 -30.32 -5.39 15.39
N ILE B 331 -29.72 -4.28 15.03
CA ILE B 331 -30.46 -3.25 14.31
C ILE B 331 -31.05 -3.84 13.01
N PHE B 332 -30.23 -4.58 12.26
CA PHE B 332 -30.67 -5.12 10.98
C PHE B 332 -31.80 -6.14 11.20
N TYR B 333 -31.60 -7.06 12.15
CA TYR B 333 -32.58 -8.10 12.45
C TYR B 333 -33.96 -7.50 12.76
N ASN B 334 -33.99 -6.47 13.63
CA ASN B 334 -35.22 -5.81 14.05
C ASN B 334 -35.88 -5.04 12.94
N HIS B 335 -35.08 -4.35 12.11
CA HIS B 335 -35.61 -3.67 10.94
C HIS B 335 -36.25 -4.66 9.98
N ILE B 336 -35.61 -5.81 9.79
CA ILE B 336 -36.10 -6.83 8.83
C ILE B 336 -37.40 -7.46 9.36
N ARG B 337 -37.45 -7.70 10.67
CA ARG B 337 -38.64 -8.20 11.32
C ARG B 337 -39.82 -7.20 11.19
N GLU B 338 -39.59 -5.93 11.50
CA GLU B 338 -40.64 -4.90 11.35
C GLU B 338 -41.13 -4.83 9.92
N TRP B 339 -40.20 -4.74 8.97
CA TRP B 339 -40.59 -4.65 7.55
C TRP B 339 -41.40 -5.86 7.08
N THR B 340 -40.92 -7.06 7.38
CA THR B 340 -41.57 -8.28 6.93
C THR B 340 -42.92 -8.52 7.58
N ASN B 341 -43.04 -8.23 8.86
CA ASN B 341 -44.32 -8.40 9.56
C ASN B 341 -45.38 -7.40 9.08
N GLU B 342 -44.98 -6.17 8.77
CA GLU B 342 -45.89 -5.17 8.17
C GLU B 342 -46.25 -5.45 6.73
N ALA B 343 -45.37 -6.10 5.99
CA ALA B 343 -45.62 -6.47 4.60
C ALA B 343 -46.22 -7.89 4.44
N ASN B 344 -46.52 -8.57 5.55
CA ASN B 344 -46.96 -9.96 5.54
C ASN B 344 -46.05 -10.91 4.71
N MET B 345 -44.75 -10.84 4.99
CA MET B 345 -43.77 -11.75 4.46
C MET B 345 -43.14 -12.53 5.61
N SER B 346 -42.95 -13.82 5.40
CA SER B 346 -42.00 -14.59 6.16
C SER B 346 -40.56 -14.15 5.84
N CYS B 347 -39.72 -14.21 6.86
CA CYS B 347 -38.31 -13.98 6.68
C CYS B 347 -37.56 -15.09 7.36
N PHE B 348 -36.94 -15.94 6.56
CA PHE B 348 -36.13 -17.04 7.08
C PHE B 348 -34.75 -16.47 7.37
N TYR B 349 -34.62 -15.79 8.51
CA TYR B 349 -33.49 -14.91 8.76
C TYR B 349 -32.24 -15.79 8.96
N PHE B 350 -31.12 -15.33 8.42
CA PHE B 350 -29.88 -16.07 8.45
C PHE B 350 -28.96 -15.53 9.55
N GLU B 351 -28.75 -16.29 10.64
CA GLU B 351 -29.25 -17.66 10.87
C GLU B 351 -29.46 -17.85 12.40
N ALA B 352 -29.96 -19.01 12.80
CA ALA B 352 -30.20 -19.23 14.23
C ALA B 352 -28.89 -19.24 15.05
N PHE B 353 -27.98 -20.14 14.69
CA PHE B 353 -26.74 -20.36 15.42
C PHE B 353 -25.53 -20.17 14.50
N ASP B 354 -24.46 -19.58 15.03
CA ASP B 354 -23.16 -19.59 14.33
C ASP B 354 -22.82 -21.02 13.91
N GLU B 355 -22.35 -21.15 12.67
CA GLU B 355 -21.95 -22.42 12.14
C GLU B 355 -20.50 -22.34 11.65
N PRO B 356 -19.57 -22.86 12.45
CA PRO B 356 -18.16 -22.65 12.12
C PRO B 356 -17.55 -23.54 11.00
N TRP B 357 -18.34 -24.41 10.37
CA TRP B 357 -17.85 -25.18 9.20
C TRP B 357 -17.86 -24.40 7.87
N LYS B 358 -18.50 -23.24 7.86
CA LYS B 358 -18.78 -22.55 6.59
C LYS B 358 -17.55 -21.89 5.98
N ASP B 359 -16.68 -21.37 6.85
CA ASP B 359 -15.35 -20.95 6.48
C ASP B 359 -14.44 -21.69 7.46
N ALA B 360 -14.30 -22.98 7.21
CA ALA B 360 -13.64 -23.90 8.15
C ALA B 360 -12.21 -23.50 8.54
N HIS B 361 -11.41 -23.09 7.56
CA HIS B 361 -10.01 -22.75 7.76
C HIS B 361 -9.76 -21.31 8.20
N ASN B 362 -10.81 -20.55 8.46
CA ASN B 362 -10.65 -19.22 8.96
C ASN B 362 -11.80 -18.85 9.91
N SER B 363 -11.60 -19.06 11.21
CA SER B 363 -12.71 -18.87 12.16
C SER B 363 -13.27 -17.46 12.22
N GLY B 364 -12.43 -16.47 11.93
CA GLY B 364 -12.87 -15.07 11.86
C GLY B 364 -13.66 -14.69 10.60
N GLY B 365 -13.79 -15.59 9.64
CA GLY B 365 -14.59 -15.34 8.45
C GLY B 365 -16.05 -15.11 8.80
N SER B 366 -16.66 -14.15 8.11
CA SER B 366 -18.02 -13.74 8.41
C SER B 366 -19.05 -14.87 8.27
N GLU B 367 -18.80 -15.80 7.36
CA GLU B 367 -19.66 -16.97 7.20
C GLU B 367 -19.93 -17.73 8.50
N ASN B 368 -18.98 -17.71 9.43
CA ASN B 368 -19.10 -18.39 10.73
C ASN B 368 -19.81 -17.56 11.80
N HIS B 369 -20.33 -16.38 11.46
CA HIS B 369 -20.82 -15.46 12.49
C HIS B 369 -22.19 -14.87 12.22
N PHE B 370 -23.01 -15.60 11.47
CA PHE B 370 -24.36 -15.13 11.16
C PHE B 370 -25.44 -15.45 12.18
N GLY B 371 -25.10 -16.23 13.20
CA GLY B 371 -26.05 -16.59 14.24
C GLY B 371 -26.63 -15.46 15.06
N LEU B 372 -27.80 -15.70 15.63
CA LEU B 372 -28.31 -14.89 16.74
C LEU B 372 -27.67 -15.39 18.05
N PHE B 373 -27.26 -16.64 18.07
CA PHE B 373 -26.51 -17.23 19.16
C PHE B 373 -25.14 -17.62 18.67
N THR B 374 -24.23 -17.73 19.64
CA THR B 374 -22.85 -18.23 19.39
C THR B 374 -22.92 -19.73 19.26
N VAL B 375 -21.84 -20.37 18.82
CA VAL B 375 -21.82 -21.83 18.76
C VAL B 375 -22.05 -22.45 20.19
N ASP B 376 -21.52 -21.82 21.23
CA ASP B 376 -21.69 -22.26 22.63
C ASP B 376 -23.05 -21.94 23.30
N GLY B 377 -23.93 -21.28 22.57
CA GLY B 377 -25.25 -21.01 23.06
C GLY B 377 -25.38 -19.69 23.77
N LYS B 378 -24.39 -18.81 23.65
CA LYS B 378 -24.53 -17.45 24.17
C LYS B 378 -25.42 -16.59 23.25
N ALA B 379 -26.31 -15.80 23.86
CA ALA B 379 -27.20 -14.93 23.11
C ALA B 379 -26.47 -13.64 22.82
N LYS B 380 -26.36 -13.32 21.53
CA LYS B 380 -25.76 -12.06 21.08
C LYS B 380 -26.70 -10.91 21.38
N TYR B 381 -26.16 -9.69 21.31
CA TYR B 381 -26.88 -8.46 21.69
C TYR B 381 -28.35 -8.43 21.29
N VAL B 382 -28.60 -8.82 20.04
CA VAL B 382 -29.95 -8.92 19.50
C VAL B 382 -31.00 -9.63 20.39
N LEU B 383 -30.59 -10.66 21.14
CA LEU B 383 -31.48 -11.41 22.05
C LEU B 383 -31.27 -11.21 23.56
N TRP B 384 -30.39 -10.28 23.96
CA TRP B 384 -30.18 -10.02 25.40
C TRP B 384 -31.49 -9.76 26.13
N ASP B 385 -32.36 -9.00 25.50
CA ASP B 385 -33.61 -8.62 26.11
C ASP B 385 -34.42 -9.89 26.49
N LEU B 386 -34.47 -10.87 25.57
CA LEU B 386 -35.15 -12.14 25.83
C LEU B 386 -34.53 -12.96 26.92
N VAL B 387 -33.20 -12.94 27.06
CA VAL B 387 -32.56 -13.64 28.17
C VAL B 387 -33.04 -13.04 29.51
N ASP B 388 -33.09 -11.71 29.59
CA ASP B 388 -33.55 -11.02 30.80
C ASP B 388 -35.00 -11.31 31.16
N LYS B 389 -35.87 -11.46 30.18
CA LYS B 389 -37.25 -11.84 30.45
C LYS B 389 -37.40 -13.29 30.91
N GLY B 390 -36.35 -14.10 30.85
CA GLY B 390 -36.41 -15.49 31.27
C GLY B 390 -36.87 -16.51 30.24
N VAL B 391 -36.96 -16.09 28.99
CA VAL B 391 -37.45 -16.92 27.89
C VAL B 391 -36.67 -18.25 27.76
N PHE B 392 -35.37 -18.26 28.03
CA PHE B 392 -34.57 -19.47 27.86
C PHE B 392 -34.26 -20.17 29.16
N GLU B 393 -34.95 -19.82 30.24
CA GLU B 393 -34.65 -20.48 31.56
C GLU B 393 -34.90 -21.96 31.51
N GLY B 394 -33.94 -22.71 32.04
CA GLY B 394 -34.03 -24.17 32.06
C GLY B 394 -33.48 -24.84 30.83
N LEU B 395 -33.20 -24.05 29.78
CA LEU B 395 -32.72 -24.57 28.51
C LEU B 395 -31.19 -24.51 28.42
N THR B 396 -30.66 -25.39 27.59
CA THR B 396 -29.25 -25.71 27.56
C THR B 396 -28.81 -25.95 26.11
N ARG B 397 -27.58 -25.58 25.76
CA ARG B 397 -26.95 -26.07 24.53
C ARG B 397 -25.60 -26.64 24.90
N GLY B 398 -25.44 -27.94 24.70
CA GLY B 398 -24.17 -28.65 24.94
C GLY B 398 -23.71 -28.57 26.38
N GLY B 399 -24.67 -28.53 27.31
CA GLY B 399 -24.37 -28.30 28.70
C GLY B 399 -24.42 -26.86 29.19
N ASN B 400 -24.36 -25.87 28.31
CA ASN B 400 -24.29 -24.46 28.74
C ASN B 400 -25.68 -23.84 28.86
N PRO B 401 -25.91 -23.05 29.92
CA PRO B 401 -27.13 -22.25 29.93
C PRO B 401 -27.04 -21.08 28.93
N ILE B 402 -28.19 -20.53 28.57
CA ILE B 402 -28.23 -19.45 27.61
C ILE B 402 -27.91 -18.13 28.31
N THR B 403 -26.67 -17.70 28.09
CA THR B 403 -26.06 -16.55 28.71
C THR B 403 -25.97 -15.43 27.70
N LYS B 404 -25.94 -14.19 28.20
CA LYS B 404 -25.65 -13.02 27.35
C LYS B 404 -24.16 -12.94 26.97
N THR B 405 -23.88 -12.60 25.70
CA THR B 405 -22.50 -12.25 25.24
C THR B 405 -22.09 -10.97 25.97
N TYR B 406 -20.76 -10.74 26.13
CA TYR B 406 -20.21 -9.56 26.86
C TYR B 406 -20.66 -9.42 28.31
N ASN B 407 -21.20 -10.48 28.93
CA ASN B 407 -21.85 -10.38 30.24
C ASN B 407 -22.97 -9.36 30.30
N GLY B 408 -23.61 -9.12 29.16
CA GLY B 408 -24.70 -8.17 29.09
C GLY B 408 -24.28 -6.75 29.29
N ASN B 409 -22.99 -6.49 29.07
CA ASN B 409 -22.43 -5.15 29.26
C ASN B 409 -22.39 -4.36 27.94
N LYS B 410 -23.36 -3.47 27.80
CA LYS B 410 -23.54 -2.68 26.58
C LYS B 410 -22.31 -1.81 26.29
N GLU B 411 -21.70 -1.27 27.35
CA GLU B 411 -20.51 -0.45 27.18
C GLU B 411 -19.38 -1.24 26.57
N ALA B 412 -19.21 -2.46 27.00
CA ALA B 412 -18.12 -3.27 26.47
C ALA B 412 -18.32 -3.56 24.99
N LEU B 413 -19.58 -3.69 24.58
CA LEU B 413 -19.89 -3.94 23.19
C LEU B 413 -19.55 -2.72 22.37
N PHE B 414 -20.04 -1.59 22.85
CA PHE B 414 -19.87 -0.33 22.13
C PHE B 414 -18.42 0.04 21.87
N LEU B 415 -17.53 -0.30 22.79
CA LEU B 415 -16.10 -0.12 22.53
C LEU B 415 -15.62 -0.85 21.27
N GLU B 416 -16.12 -2.07 21.06
CA GLU B 416 -15.72 -2.89 19.91
C GLU B 416 -16.42 -2.46 18.61
N VAL B 417 -17.58 -1.81 18.70
CA VAL B 417 -18.28 -1.34 17.52
C VAL B 417 -17.56 -0.15 16.87
N GLU B 418 -17.38 -0.19 15.56
CA GLU B 418 -16.87 0.93 14.79
C GLU B 418 -17.99 1.59 14.00
N LEU B 419 -17.80 2.85 13.62
CA LEU B 419 -18.75 3.54 12.75
C LEU B 419 -18.55 3.18 11.30
N PRO B 420 -19.61 3.32 10.51
CA PRO B 420 -19.40 3.20 9.08
C PRO B 420 -18.40 4.23 8.52
N PRO B 421 -17.74 3.90 7.40
CA PRO B 421 -16.81 4.87 6.83
C PRO B 421 -17.50 6.15 6.37
N VAL B 422 -16.81 7.27 6.53
CA VAL B 422 -17.27 8.57 6.04
C VAL B 422 -17.17 8.59 4.51
N LYS B 423 -18.21 9.06 3.82
CA LYS B 423 -18.14 9.24 2.34
C LYS B 423 -18.57 10.61 1.88
N LYS B 424 -17.94 10.93 0.75
CA LYS B 424 -18.25 12.02 -0.20
C LYS B 424 -19.69 11.98 -0.62
N GLU B 425 -20.42 13.06 -0.36
CA GLU B 425 -21.75 13.26 -0.94
C GLU B 425 -21.72 14.34 -2.00
N ILE B 426 -22.08 13.98 -3.22
CA ILE B 426 -22.30 14.94 -4.29
C ILE B 426 -23.77 15.32 -4.25
N THR B 427 -24.06 16.61 -4.32
CA THR B 427 -25.43 17.08 -4.41
C THR B 427 -25.77 17.21 -5.89
N LYS B 428 -26.88 16.61 -6.30
CA LYS B 428 -27.40 16.78 -7.65
C LYS B 428 -28.27 18.01 -7.71
N ASN B 429 -28.42 18.59 -8.89
CA ASN B 429 -29.08 19.88 -9.04
C ASN B 429 -30.58 19.76 -9.19
N HIS B 430 -31.18 19.01 -8.27
CA HIS B 430 -32.60 18.62 -8.35
C HIS B 430 -33.40 19.56 -7.51
N VAL C 38 3.27 29.78 49.99
CA VAL C 38 4.09 31.04 49.82
C VAL C 38 5.24 30.74 48.86
N THR C 39 6.03 29.67 49.02
CA THR C 39 7.28 29.46 48.25
C THR C 39 7.29 28.23 47.30
N ALA C 40 8.19 28.19 46.32
CA ALA C 40 8.25 27.03 45.40
C ALA C 40 8.48 25.69 46.12
N LYS C 41 9.42 25.68 47.07
CA LYS C 41 9.63 24.54 47.98
C LYS C 41 8.35 24.04 48.69
N ASP C 42 7.45 24.94 49.05
CA ASP C 42 6.16 24.56 49.69
C ASP C 42 5.15 24.01 48.66
N ILE C 43 5.18 24.54 47.45
CA ILE C 43 4.18 24.27 46.42
C ILE C 43 4.44 22.99 45.62
N LEU C 44 5.68 22.81 45.19
CA LEU C 44 5.98 21.72 44.31
C LEU C 44 5.94 20.40 45.06
N GLY C 45 5.25 19.42 44.49
CA GLY C 45 5.12 18.11 45.10
C GLY C 45 4.03 18.01 46.14
N ASN C 46 3.22 19.05 46.26
CA ASN C 46 2.23 19.15 47.27
C ASN C 46 0.91 19.12 46.55
N SER C 47 0.12 18.08 46.81
CA SER C 47 -1.12 17.88 46.07
C SER C 47 -2.24 18.88 46.39
N LYS C 48 -2.07 19.72 47.42
CA LYS C 48 -2.97 20.86 47.61
C LYS C 48 -2.76 21.97 46.57
N TYR C 49 -1.65 21.93 45.84
CA TYR C 49 -1.35 22.87 44.74
C TYR C 49 -1.12 22.16 43.37
N LEU C 50 -2.22 21.66 42.79
CA LEU C 50 -2.16 20.96 41.49
C LEU C 50 -1.66 21.88 40.42
N ALA C 51 -0.80 21.34 39.57
CA ALA C 51 -0.17 22.07 38.48
C ALA C 51 -0.79 21.73 37.12
N ILE C 52 -0.61 22.63 36.16
CA ILE C 52 -1.05 22.45 34.79
C ILE C 52 -0.18 23.27 33.85
N SER C 53 -0.01 22.79 32.63
CA SER C 53 0.52 23.64 31.57
C SER C 53 -0.63 24.51 30.98
N TYR C 54 -0.38 25.81 30.74
CA TYR C 54 -1.43 26.72 30.28
C TYR C 54 -1.09 27.66 29.15
N GLY C 55 -2.02 27.73 28.21
CA GLY C 55 -2.07 28.76 27.17
C GLY C 55 -3.53 29.12 26.95
N GLY C 56 -3.76 30.39 26.69
CA GLY C 56 -5.09 31.00 26.67
C GLY C 56 -5.49 31.51 25.27
N TYR C 57 -4.65 31.21 24.28
CA TYR C 57 -4.92 31.54 22.89
C TYR C 57 -6.16 30.75 22.42
N ARG C 58 -7.03 31.44 21.70
CA ARG C 58 -8.31 30.89 21.25
C ARG C 58 -8.44 30.77 19.74
N LYS C 59 -7.47 31.27 18.99
CA LYS C 59 -7.54 31.29 17.53
C LYS C 59 -6.32 30.57 16.94
N LYS C 60 -6.30 30.46 15.62
CA LYS C 60 -5.29 29.68 14.91
C LYS C 60 -3.94 30.38 14.73
N SER C 61 -3.81 31.57 15.28
CA SER C 61 -2.53 32.27 15.31
C SER C 61 -2.36 32.97 16.68
N ARG C 62 -1.11 32.95 17.16
CA ARG C 62 -0.75 33.67 18.38
C ARG C 62 -0.70 35.19 18.17
N ASP C 63 -0.77 35.63 16.92
CA ASP C 63 -1.01 37.05 16.59
C ASP C 63 -2.30 37.58 17.22
N PHE C 64 -3.30 36.73 17.39
CA PHE C 64 -4.52 37.03 18.14
C PHE C 64 -4.31 36.73 19.64
N GLN C 65 -3.72 37.68 20.34
CA GLN C 65 -3.48 37.60 21.77
C GLN C 65 -4.80 37.63 22.51
N PRO C 66 -4.97 36.76 23.51
CA PRO C 66 -6.18 36.88 24.28
C PRO C 66 -6.09 38.13 25.15
N SER C 67 -7.25 38.72 25.45
CA SER C 67 -7.35 39.88 26.32
C SER C 67 -7.25 39.47 27.79
N ILE C 68 -6.98 40.45 28.65
CA ILE C 68 -6.91 40.21 30.10
C ILE C 68 -8.26 39.66 30.59
N GLU C 69 -9.35 40.15 30.03
CA GLU C 69 -10.68 39.67 30.42
C GLU C 69 -10.82 38.19 30.07
N GLU C 70 -10.36 37.79 28.88
CA GLU C 70 -10.41 36.39 28.46
C GLU C 70 -9.55 35.49 29.34
N LEU C 71 -8.34 35.95 29.65
CA LEU C 71 -7.47 35.22 30.56
C LEU C 71 -8.06 35.03 31.98
N LYS C 72 -8.78 36.03 32.49
CA LYS C 72 -9.45 35.91 33.79
C LYS C 72 -10.52 34.84 33.79
N GLU C 73 -11.28 34.75 32.71
CA GLU C 73 -12.20 33.63 32.52
C GLU C 73 -11.50 32.28 32.78
N ASP C 74 -10.34 32.10 32.15
CA ASP C 74 -9.56 30.82 32.26
C ASP C 74 -9.07 30.59 33.67
N MET C 75 -8.51 31.63 34.26
CA MET C 75 -8.04 31.55 35.62
C MET C 75 -9.17 31.14 36.59
N LYS C 76 -10.37 31.70 36.43
CA LYS C 76 -11.48 31.33 37.32
C LYS C 76 -11.84 29.87 37.17
N ILE C 77 -11.92 29.40 35.93
CA ILE C 77 -12.17 27.97 35.61
C ILE C 77 -11.10 27.02 36.23
N LEU C 78 -9.82 27.35 36.07
CA LEU C 78 -8.76 26.52 36.58
C LEU C 78 -8.75 26.54 38.09
N HIS C 79 -8.96 27.70 38.68
CA HIS C 79 -9.03 27.84 40.12
C HIS C 79 -10.16 26.99 40.73
N ALA C 80 -11.31 26.99 40.05
CA ALA C 80 -12.45 26.22 40.50
C ALA C 80 -12.15 24.73 40.58
N MET C 81 -11.32 24.26 39.65
CA MET C 81 -10.81 22.88 39.57
C MET C 81 -9.72 22.50 40.56
N ASN C 82 -9.29 23.40 41.45
CA ASN C 82 -8.13 23.21 42.33
C ASN C 82 -6.76 23.28 41.69
N ILE C 83 -6.68 23.87 40.51
CA ILE C 83 -5.36 24.20 39.95
C ILE C 83 -4.85 25.45 40.70
N ARG C 84 -3.62 25.37 41.22
CA ARG C 84 -3.00 26.49 41.92
C ARG C 84 -1.67 26.95 41.35
N ILE C 85 -1.10 26.22 40.39
CA ILE C 85 0.09 26.70 39.73
C ILE C 85 0.03 26.40 38.26
N LEU C 86 0.38 27.39 37.44
CA LEU C 86 0.47 27.16 36.03
C LEU C 86 1.84 27.48 35.45
N ARG C 87 2.03 26.97 34.23
CA ARG C 87 3.28 27.00 33.50
C ARG C 87 3.09 27.71 32.16
N THR C 88 4.14 28.41 31.75
CA THR C 88 4.15 29.28 30.61
C THR C 88 5.46 29.06 29.84
N TYR C 89 5.52 29.50 28.58
CA TYR C 89 6.59 29.05 27.68
C TYR C 89 7.56 30.09 27.20
N ASN C 90 7.05 31.29 26.96
CA ASN C 90 7.93 32.41 26.63
C ASN C 90 7.45 33.68 27.27
N VAL C 91 8.37 34.65 27.25
CA VAL C 91 8.18 36.02 27.68
C VAL C 91 8.46 37.04 26.57
N ARG C 92 8.44 36.59 25.33
CA ARG C 92 8.61 37.41 24.11
C ARG C 92 7.29 38.06 23.65
N LEU C 93 6.26 37.24 23.54
CA LEU C 93 4.95 37.73 23.29
C LEU C 93 4.36 38.18 24.61
N ALA C 94 3.30 38.97 24.52
CA ALA C 94 2.64 39.59 25.68
C ALA C 94 1.91 38.63 26.64
N HIS C 95 1.56 37.46 26.10
CA HIS C 95 0.73 36.46 26.77
C HIS C 95 1.07 36.22 28.24
N THR C 96 2.34 35.98 28.57
CA THR C 96 2.71 35.61 29.93
C THR C 96 2.51 36.78 30.88
N SER C 97 2.98 37.93 30.42
CA SER C 97 2.80 39.19 31.11
C SER C 97 1.30 39.46 31.36
N ASN C 98 0.45 39.20 30.36
CA ASN C 98 -0.97 39.42 30.56
C ASN C 98 -1.61 38.45 31.53
N ILE C 99 -1.09 37.24 31.61
CA ILE C 99 -1.61 36.29 32.59
C ILE C 99 -1.30 36.79 34.00
N LEU C 100 -0.08 37.25 34.22
CA LEU C 100 0.27 37.83 35.52
C LEU C 100 -0.65 39.03 35.86
N LYS C 101 -0.92 39.92 34.90
CA LYS C 101 -1.84 41.05 35.11
C LYS C 101 -3.23 40.60 35.50
N ALA C 102 -3.70 39.56 34.82
CA ALA C 102 -5.00 38.94 35.07
C ALA C 102 -5.08 38.34 36.44
N ILE C 103 -4.05 37.61 36.85
CA ILE C 103 -4.04 37.00 38.18
C ILE C 103 -4.03 38.11 39.22
N ARG C 104 -3.21 39.15 39.00
CA ARG C 104 -3.16 40.28 39.93
C ARG C 104 -4.54 40.94 40.11
N GLU C 105 -5.24 41.22 39.01
CA GLU C 105 -6.59 41.77 39.10
C GLU C 105 -7.50 40.86 39.92
N LEU C 106 -7.44 39.55 39.70
CA LEU C 106 -8.31 38.63 40.45
C LEU C 106 -7.96 38.54 41.90
N LYS C 107 -6.68 38.70 42.24
CA LYS C 107 -6.28 38.72 43.66
C LYS C 107 -6.72 40.02 44.38
N ASN C 108 -6.82 41.13 43.64
CA ASN C 108 -7.37 42.37 44.17
C ASN C 108 -8.88 42.29 44.39
N GLU C 109 -9.59 41.60 43.48
CA GLU C 109 -11.03 41.40 43.59
C GLU C 109 -11.39 40.47 44.74
N ASP C 110 -10.52 39.50 45.02
CA ASP C 110 -10.82 38.43 45.95
C ASP C 110 -9.52 38.09 46.66
N ALA C 111 -9.50 38.34 47.95
CA ALA C 111 -8.32 38.08 48.76
C ALA C 111 -8.00 36.59 48.91
N ASN C 112 -8.98 35.70 48.76
CA ASN C 112 -8.71 34.26 48.78
C ASN C 112 -8.27 33.62 47.46
N PHE C 113 -8.32 34.37 46.36
CA PHE C 113 -7.86 33.87 45.08
C PHE C 113 -6.34 33.68 45.14
N GLU C 114 -5.89 32.54 44.62
CA GLU C 114 -4.52 32.06 44.76
C GLU C 114 -4.17 31.36 43.45
N MET C 115 -3.20 31.89 42.70
CA MET C 115 -2.67 31.22 41.51
C MET C 115 -1.20 31.58 41.40
N TYR C 116 -0.36 30.57 41.22
CA TYR C 116 1.08 30.76 41.08
C TYR C 116 1.54 30.42 39.69
N MET C 117 2.75 30.87 39.35
CA MET C 117 3.30 30.69 38.01
C MET C 117 4.74 30.22 37.94
N MET C 118 4.97 29.24 37.07
CA MET C 118 6.28 28.82 36.58
C MET C 118 6.48 29.52 35.26
N VAL C 119 7.38 30.51 35.22
CA VAL C 119 7.57 31.31 34.02
C VAL C 119 8.66 30.72 33.16
N GLY C 120 8.34 30.50 31.89
CA GLY C 120 9.27 30.01 30.91
C GLY C 120 9.95 31.14 30.17
N ALA C 121 11.27 31.10 30.20
CA ALA C 121 12.11 31.91 29.36
C ALA C 121 12.52 31.02 28.22
N TRP C 122 12.15 31.40 27.00
CA TRP C 122 12.49 30.59 25.83
C TRP C 122 13.95 30.82 25.42
N ILE C 123 14.66 29.72 25.15
CA ILE C 123 16.06 29.71 24.71
C ILE C 123 16.19 29.14 23.31
N ASP C 124 16.90 29.88 22.46
CA ASP C 124 17.13 29.51 21.09
C ASP C 124 18.62 29.37 20.83
N CYS C 125 18.95 28.55 19.85
CA CYS C 125 20.26 28.52 19.22
C CYS C 125 20.35 29.65 18.19
N LYS C 126 21.58 29.86 17.69
CA LYS C 126 21.83 30.90 16.68
C LYS C 126 21.02 30.69 15.39
N ASN C 127 20.37 31.77 14.93
CA ASN C 127 19.52 31.80 13.73
C ASN C 127 18.23 30.99 13.77
N ALA C 128 17.88 30.42 14.91
CA ALA C 128 16.54 29.85 15.03
C ALA C 128 15.43 30.81 14.56
N TRP C 129 14.46 30.24 13.89
CA TRP C 129 13.30 30.96 13.38
C TRP C 129 13.64 32.04 12.33
N THR C 130 14.79 31.95 11.68
CA THR C 130 15.14 32.83 10.57
C THR C 130 15.35 31.96 9.34
N ASP C 131 15.76 32.59 8.24
CA ASP C 131 16.13 31.88 7.02
C ASP C 131 17.67 31.74 6.85
N GLN C 132 18.40 31.95 7.93
CA GLN C 132 19.85 31.80 7.96
C GLN C 132 20.25 30.43 8.50
N PRO C 133 21.46 29.96 8.18
CA PRO C 133 21.89 28.63 8.68
C PRO C 133 21.90 28.50 10.19
N LEU C 134 21.26 27.48 10.71
CA LEU C 134 21.25 27.22 12.15
C LEU C 134 22.63 26.78 12.63
N ASN C 135 22.98 27.18 13.84
CA ASN C 135 24.17 26.67 14.53
C ASN C 135 23.79 26.28 15.96
N HIS C 136 23.74 24.97 16.21
CA HIS C 136 23.33 24.45 17.50
C HIS C 136 24.46 24.50 18.54
N HIS C 137 25.65 24.96 18.13
CA HIS C 137 26.74 25.14 19.07
C HIS C 137 26.93 26.59 19.43
N GLU C 138 26.07 27.46 18.96
CA GLU C 138 26.05 28.84 19.39
C GLU C 138 24.63 29.21 19.77
N GLU C 139 24.52 30.28 20.52
CA GLU C 139 23.29 30.70 21.15
C GLU C 139 22.69 31.87 20.35
N SER C 140 21.39 32.08 20.46
CA SER C 140 20.77 33.27 19.89
C SER C 140 21.22 34.52 20.66
N GLU C 141 21.57 35.57 19.93
CA GLU C 141 21.83 36.91 20.50
C GLU C 141 20.56 37.37 21.35
N ASN C 142 19.36 36.87 21.04
CA ASN C 142 18.12 37.28 21.77
C ASN C 142 17.79 36.60 23.08
N ASN C 143 18.60 35.62 23.47
CA ASN C 143 18.37 34.96 24.77
C ASN C 143 18.51 35.93 25.95
N ALA C 144 19.53 36.80 25.89
CA ALA C 144 19.79 37.76 26.95
C ALA C 144 18.56 38.58 27.31
N SER C 145 17.89 39.19 26.33
CA SER C 145 16.73 40.02 26.63
C SER C 145 15.51 39.22 27.11
N GLU C 146 15.36 37.99 26.62
CA GLU C 146 14.33 37.10 27.10
C GLU C 146 14.57 36.76 28.58
N ILE C 147 15.79 36.45 28.96
CA ILE C 147 16.11 36.28 30.38
C ILE C 147 15.84 37.57 31.17
N ASP C 148 16.27 38.73 30.63
CA ASP C 148 15.96 40.03 31.28
C ASP C 148 14.45 40.23 31.49
N ARG C 149 13.65 39.92 30.50
CA ARG C 149 12.21 40.14 30.65
C ARG C 149 11.57 39.20 31.69
N ALA C 150 12.12 37.98 31.79
CA ALA C 150 11.66 36.99 32.76
C ALA C 150 11.97 37.50 34.16
N VAL C 151 13.19 37.99 34.33
CA VAL C 151 13.62 38.57 35.61
C VAL C 151 12.70 39.72 36.02
N ALA C 152 12.46 40.65 35.09
CA ALA C 152 11.56 41.84 35.35
C ALA C 152 10.17 41.39 35.82
N LEU C 153 9.63 40.34 35.21
CA LEU C 153 8.34 39.82 35.62
C LEU C 153 8.37 39.15 36.96
N ALA C 154 9.43 38.42 37.29
CA ALA C 154 9.55 37.82 38.62
C ALA C 154 9.63 38.90 39.72
N GLN C 155 10.27 40.01 39.38
CA GLN C 155 10.37 41.19 40.24
C GLN C 155 9.06 41.99 40.37
N GLU C 156 8.34 42.28 39.29
CA GLU C 156 7.05 42.99 39.39
C GLU C 156 5.99 42.10 40.07
N PHE C 157 6.08 40.78 39.94
CA PHE C 157 5.00 39.88 40.48
C PHE C 157 5.57 38.74 41.35
N PRO C 158 6.33 39.07 42.40
CA PRO C 158 7.00 38.05 43.20
C PRO C 158 6.03 37.24 44.03
N ASP C 159 4.83 37.74 44.21
CA ASP C 159 3.76 37.02 44.93
C ASP C 159 3.11 35.88 44.11
N ILE C 160 3.37 35.87 42.80
CA ILE C 160 2.81 34.91 41.86
C ILE C 160 3.91 34.03 41.28
N VAL C 161 4.96 34.65 40.75
CA VAL C 161 6.02 33.95 40.07
C VAL C 161 6.88 33.22 41.10
N LYS C 162 6.87 31.90 41.08
CA LYS C 162 7.65 31.08 42.00
C LYS C 162 8.79 30.28 41.37
N VAL C 163 8.83 30.21 40.04
CA VAL C 163 9.85 29.47 39.32
C VAL C 163 10.15 30.19 38.00
N ILE C 164 11.44 30.22 37.64
CA ILE C 164 11.82 30.50 36.28
C ILE C 164 12.43 29.25 35.69
N ALA C 165 11.94 28.88 34.51
CA ALA C 165 12.48 27.80 33.73
C ALA C 165 13.27 28.37 32.56
N VAL C 166 14.54 28.00 32.50
CA VAL C 166 15.44 28.37 31.40
C VAL C 166 15.35 27.33 30.29
N GLY C 167 14.54 27.64 29.29
CA GLY C 167 14.35 26.79 28.14
C GLY C 167 13.16 25.84 28.25
N ASN C 168 12.64 25.48 27.08
CA ASN C 168 11.65 24.43 26.96
C ASN C 168 12.02 23.41 25.88
N GLU C 169 12.50 22.24 26.31
CA GLU C 169 13.01 21.22 25.41
C GLU C 169 14.16 21.78 24.57
N ALA C 170 14.91 22.70 25.15
CA ALA C 170 15.91 23.41 24.39
C ALA C 170 17.20 22.63 24.22
N MET C 171 17.40 21.55 24.97
CA MET C 171 18.58 20.68 24.84
C MET C 171 18.33 19.37 24.05
N VAL C 172 17.07 19.01 23.78
CA VAL C 172 16.78 17.71 23.16
C VAL C 172 17.20 17.76 21.70
N LYS C 173 17.96 16.75 21.29
CA LYS C 173 18.68 16.80 20.00
C LYS C 173 17.76 16.71 18.78
N TRP C 174 16.52 16.25 18.97
CA TRP C 174 15.52 16.22 17.92
C TRP C 174 14.74 17.53 17.74
N ALA C 175 14.92 18.53 18.61
CA ALA C 175 14.22 19.84 18.44
C ALA C 175 15.01 20.66 17.45
N ALA C 176 14.94 20.20 16.20
CA ALA C 176 15.81 20.65 15.09
C ALA C 176 15.75 22.15 14.83
N SER C 177 14.61 22.77 15.11
CA SER C 177 14.47 24.19 14.84
C SER C 177 15.27 25.12 15.73
N TYR C 178 15.65 24.69 16.94
CA TYR C 178 16.21 25.64 17.91
C TYR C 178 17.16 25.12 19.01
N PHE C 179 17.49 23.83 19.04
CA PHE C 179 18.13 23.29 20.23
C PHE C 179 19.54 23.83 20.44
N VAL C 180 19.94 23.84 21.70
CA VAL C 180 21.21 24.34 22.14
C VAL C 180 21.92 23.26 22.94
N GLN C 181 23.19 23.51 23.19
CA GLN C 181 23.98 22.66 24.06
C GLN C 181 23.68 22.98 25.53
N PRO C 182 23.92 22.02 26.44
CA PRO C 182 23.68 22.29 27.85
C PRO C 182 24.51 23.44 28.42
N ALA C 183 25.69 23.75 27.85
CA ALA C 183 26.46 24.93 28.27
C ALA C 183 25.66 26.26 28.25
N VAL C 184 24.79 26.40 27.27
CA VAL C 184 23.92 27.58 27.18
C VAL C 184 22.86 27.60 28.26
N ILE C 185 22.23 26.50 28.55
CA ILE C 185 21.28 26.53 29.66
C ILE C 185 21.97 26.82 30.99
N LEU C 186 23.11 26.17 31.22
CA LEU C 186 23.95 26.37 32.42
C LEU C 186 24.32 27.84 32.60
N LYS C 187 24.74 28.46 31.52
CA LYS C 187 25.07 29.89 31.53
C LYS C 187 23.93 30.74 32.13
N TRP C 188 22.71 30.53 31.63
CA TRP C 188 21.59 31.33 32.11
C TRP C 188 21.01 30.91 33.44
N VAL C 189 21.04 29.64 33.73
CA VAL C 189 20.69 29.21 35.07
C VAL C 189 21.65 29.86 36.06
N ASN C 190 22.95 29.80 35.76
CA ASN C 190 23.95 30.42 36.66
C ASN C 190 23.75 31.92 36.82
N HIS C 191 23.44 32.59 35.72
CA HIS C 191 23.10 34.03 35.75
C HIS C 191 21.97 34.34 36.72
N LEU C 192 20.92 33.52 36.67
CA LEU C 192 19.78 33.66 37.57
C LEU C 192 20.11 33.33 39.02
N GLN C 193 20.91 32.28 39.25
CA GLN C 193 21.31 31.94 40.62
C GLN C 193 22.18 33.04 41.23
N ALA C 194 22.98 33.71 40.38
CA ALA C 194 23.83 34.83 40.80
C ALA C 194 23.01 36.05 41.16
N LEU C 195 21.99 36.38 40.35
CA LEU C 195 21.05 37.44 40.72
C LEU C 195 20.36 37.18 42.04
N LYS C 196 20.07 35.92 42.36
CA LYS C 196 19.49 35.61 43.67
C LYS C 196 20.47 35.83 44.81
N LYS C 197 21.70 35.33 44.63
CA LYS C 197 22.82 35.52 45.59
C LYS C 197 23.07 36.98 45.91
N LYS C 198 23.05 37.81 44.89
CA LYS C 198 23.34 39.22 45.07
C LYS C 198 22.11 40.03 45.52
N GLY C 199 20.93 39.42 45.66
CA GLY C 199 19.73 40.07 46.19
C GLY C 199 18.73 40.67 45.21
N ASP C 200 18.97 40.58 43.89
CA ASP C 200 18.04 41.12 42.87
C ASP C 200 16.80 40.25 42.65
N LEU C 201 16.87 39.00 43.13
CA LEU C 201 15.72 38.08 43.11
C LEU C 201 15.66 37.41 44.44
N SER C 202 14.46 37.01 44.83
CA SER C 202 14.24 36.35 46.12
C SER C 202 15.07 35.09 46.22
N LYS C 203 15.61 34.81 47.40
CA LYS C 203 16.41 33.58 47.65
C LYS C 203 15.54 32.33 47.56
N ASP C 204 14.22 32.47 47.70
CA ASP C 204 13.27 31.35 47.54
C ASP C 204 12.74 31.05 46.14
N LEU C 205 13.09 31.88 45.16
CA LEU C 205 12.72 31.67 43.79
C LEU C 205 13.53 30.50 43.28
N TRP C 206 12.84 29.49 42.73
CA TRP C 206 13.50 28.31 42.20
C TRP C 206 13.80 28.40 40.70
N ILE C 207 14.97 27.92 40.30
CA ILE C 207 15.39 27.97 38.90
C ILE C 207 15.48 26.55 38.38
N THR C 208 15.04 26.34 37.15
CA THR C 208 15.11 25.03 36.51
C THR C 208 15.29 25.19 35.02
N SER C 209 15.31 24.05 34.32
CA SER C 209 15.11 24.00 32.87
C SER C 209 14.08 22.90 32.61
N SER C 210 13.17 23.12 31.67
CA SER C 210 12.13 22.13 31.44
C SER C 210 12.45 21.41 30.16
N ASP C 211 12.66 20.11 30.26
CA ASP C 211 13.21 19.38 29.14
C ASP C 211 12.83 17.90 29.16
N ASN C 212 13.01 17.29 28.00
CA ASN C 212 12.81 15.86 27.81
C ASN C 212 13.69 15.01 28.76
N PHE C 213 13.16 13.88 29.18
CA PHE C 213 13.89 12.97 30.07
C PHE C 213 15.28 12.66 29.59
N ALA C 214 15.45 12.52 28.29
CA ALA C 214 16.75 12.18 27.70
C ALA C 214 17.77 13.34 27.83
N SER C 215 17.30 14.57 27.71
CA SER C 215 18.12 15.75 27.94
C SER C 215 18.66 15.85 29.36
N TRP C 216 17.89 15.33 30.32
CA TRP C 216 18.31 15.29 31.70
C TRP C 216 19.12 14.03 32.03
N GLY C 217 19.54 13.28 31.02
CA GLY C 217 20.39 12.13 31.24
C GLY C 217 19.73 10.78 31.37
N GLY C 218 18.41 10.70 31.18
CA GLY C 218 17.71 9.43 31.38
C GLY C 218 17.58 8.53 30.15
N GLY C 219 18.30 8.83 29.07
CA GLY C 219 18.17 8.10 27.82
C GLY C 219 19.55 7.90 27.19
N ASP C 220 19.70 8.23 25.92
CA ASP C 220 20.97 8.00 25.20
C ASP C 220 22.14 8.64 25.97
N PRO C 221 23.24 7.90 26.19
CA PRO C 221 24.36 8.45 26.96
C PRO C 221 25.22 9.51 26.24
N GLN C 222 24.99 9.72 24.96
CA GLN C 222 25.47 10.88 24.25
C GLN C 222 25.26 12.21 25.00
N TYR C 223 24.14 12.32 25.70
CA TYR C 223 23.84 13.47 26.54
C TYR C 223 24.75 13.61 27.78
N HIS C 224 25.35 12.51 28.25
CA HIS C 224 26.14 12.51 29.51
C HIS C 224 27.48 13.24 29.42
N VAL C 225 27.44 14.57 29.38
CA VAL C 225 28.59 15.44 29.19
C VAL C 225 28.82 16.24 30.47
N GLU C 226 30.04 16.76 30.66
CA GLU C 226 30.37 17.55 31.87
C GLU C 226 29.36 18.70 32.06
N ASP C 227 29.02 19.44 31.00
CA ASP C 227 28.12 20.59 31.15
C ASP C 227 26.76 20.24 31.69
N LEU C 228 26.25 19.04 31.36
CA LEU C 228 24.98 18.57 31.92
C LEU C 228 25.10 18.30 33.40
N THR C 229 26.20 17.68 33.83
CA THR C 229 26.42 17.46 35.25
C THR C 229 26.39 18.79 36.01
N LYS C 230 27.07 19.82 35.49
CA LYS C 230 27.11 21.15 36.14
C LYS C 230 25.72 21.79 36.18
N LEU C 231 24.94 21.60 35.11
CA LEU C 231 23.58 22.09 35.05
C LEU C 231 22.71 21.42 36.12
N ILE C 232 22.84 20.11 36.29
CA ILE C 232 22.11 19.38 37.33
C ILE C 232 22.47 19.87 38.72
N GLU C 233 23.73 20.24 38.94
CA GLU C 233 24.14 20.95 40.17
C GLU C 233 23.55 22.35 40.33
N ALA C 234 23.49 23.13 39.26
CA ALA C 234 23.08 24.53 39.35
C ALA C 234 21.59 24.75 39.56
N VAL C 235 20.74 23.89 39.01
CA VAL C 235 19.28 24.08 39.15
C VAL C 235 18.79 23.76 40.55
N ASP C 236 17.65 24.34 40.93
CA ASP C 236 17.03 24.00 42.22
C ASP C 236 16.27 22.67 42.12
N TYR C 237 15.71 22.37 40.94
CA TYR C 237 15.12 21.06 40.68
C TYR C 237 15.13 20.77 39.17
N LEU C 238 14.78 19.53 38.81
CA LEU C 238 14.71 19.08 37.41
C LEU C 238 13.26 18.97 36.94
N SER C 239 12.90 19.68 35.88
CA SER C 239 11.57 19.66 35.28
C SER C 239 11.64 18.74 34.04
N VAL C 240 11.02 17.58 34.16
CA VAL C 240 11.23 16.48 33.23
C VAL C 240 9.98 16.25 32.41
N HIS C 241 10.16 16.07 31.09
CA HIS C 241 9.04 15.74 30.19
C HIS C 241 9.09 14.30 29.73
N THR C 242 7.91 13.67 29.65
CA THR C 242 7.79 12.30 29.15
C THR C 242 6.46 12.18 28.44
N TYR C 243 6.47 11.54 27.28
CA TYR C 243 5.30 11.46 26.42
C TYR C 243 5.02 10.05 25.83
N PRO C 244 4.49 9.14 26.66
CA PRO C 244 4.02 7.84 26.16
C PRO C 244 3.11 7.94 24.91
N MET C 245 2.17 8.88 24.90
CA MET C 245 1.26 9.03 23.74
C MET C 245 2.03 9.08 22.41
N HIS C 246 3.04 9.92 22.34
CA HIS C 246 3.87 10.00 21.16
C HIS C 246 4.62 8.71 20.87
N ASP C 247 5.12 8.07 21.90
CA ASP C 247 5.81 6.81 21.73
C ASP C 247 4.90 5.64 21.31
N THR C 248 3.59 5.74 21.46
CA THR C 248 2.71 4.73 20.82
C THR C 248 2.95 4.60 19.31
N HIS C 249 3.57 5.61 18.72
CA HIS C 249 4.07 5.52 17.36
C HIS C 249 5.58 5.34 17.27
N TYR C 250 6.34 6.23 17.90
CA TYR C 250 7.81 6.27 17.73
C TYR C 250 8.59 5.21 18.49
N ASN C 251 7.97 4.60 19.50
CA ASN C 251 8.58 3.47 20.17
C ASN C 251 7.49 2.61 20.81
N PRO C 252 6.80 1.83 19.98
CA PRO C 252 5.53 1.23 20.36
C PRO C 252 5.58 -0.09 21.12
N ILE C 253 6.73 -0.50 21.63
CA ILE C 253 6.93 -1.82 22.23
C ILE C 253 6.02 -2.08 23.46
N PHE C 254 5.66 -1.01 24.15
CA PHE C 254 4.79 -1.04 25.34
C PHE C 254 3.30 -0.95 25.02
N TRP C 255 2.95 -0.62 23.78
CA TRP C 255 1.57 -0.24 23.42
C TRP C 255 0.88 -1.35 22.62
N GLY C 256 -0.21 -1.87 23.18
CA GLY C 256 -1.06 -2.80 22.48
C GLY C 256 -1.95 -3.63 23.39
N VAL C 257 -2.63 -4.58 22.77
CA VAL C 257 -3.28 -5.68 23.46
C VAL C 257 -2.45 -6.92 23.13
N PHE C 258 -1.88 -7.55 24.17
CA PHE C 258 -0.84 -8.59 24.01
C PHE C 258 -1.35 -9.97 24.50
N GLY C 259 -1.07 -11.00 23.71
CA GLY C 259 -1.45 -12.38 24.01
C GLY C 259 -2.83 -12.61 24.60
N ASP C 260 -2.85 -13.23 25.77
CA ASP C 260 -4.07 -13.64 26.46
C ASP C 260 -5.08 -12.54 26.67
N GLU C 261 -4.61 -11.28 26.62
CA GLU C 261 -5.46 -10.10 26.83
C GLU C 261 -6.65 -10.01 25.87
N THR C 262 -6.51 -10.62 24.69
CA THR C 262 -7.58 -10.76 23.69
C THR C 262 -8.85 -11.35 24.28
N GLU C 263 -8.69 -12.33 25.17
CA GLU C 263 -9.82 -12.98 25.84
C GLU C 263 -10.48 -12.12 26.91
N LEU C 264 -9.89 -10.99 27.29
CA LEU C 264 -10.48 -10.12 28.29
C LEU C 264 -11.51 -9.15 27.69
N SER C 265 -12.34 -8.62 28.56
CA SER C 265 -13.31 -7.57 28.24
C SER C 265 -12.61 -6.36 27.59
N SER C 266 -13.33 -5.68 26.70
CA SER C 266 -12.84 -4.46 26.04
C SER C 266 -12.46 -3.36 27.03
N LEU C 267 -13.24 -3.21 28.09
CA LEU C 267 -12.93 -2.29 29.18
C LEU C 267 -11.58 -2.63 29.82
N LYS C 268 -11.36 -3.90 30.07
CA LYS C 268 -10.14 -4.37 30.75
C LYS C 268 -8.93 -4.21 29.86
N ARG C 269 -9.11 -4.49 28.57
CA ARG C 269 -8.03 -4.32 27.60
C ARG C 269 -7.50 -2.90 27.56
N ILE C 270 -8.40 -1.93 27.59
CA ILE C 270 -8.00 -0.52 27.60
C ILE C 270 -7.30 -0.16 28.92
N ASP C 271 -7.88 -0.54 30.06
CA ASP C 271 -7.24 -0.36 31.37
C ASP C 271 -5.80 -0.88 31.46
N ILE C 272 -5.58 -2.11 31.03
CA ILE C 272 -4.26 -2.73 31.04
C ILE C 272 -3.30 -1.99 30.13
N ALA C 273 -3.77 -1.62 28.94
CA ALA C 273 -2.90 -0.99 27.94
C ALA C 273 -2.50 0.39 28.43
N MET C 274 -3.48 1.12 28.96
CA MET C 274 -3.24 2.44 29.51
C MET C 274 -2.36 2.41 30.77
N ASN C 275 -2.50 1.39 31.59
CA ASN C 275 -1.57 1.20 32.69
C ASN C 275 -0.11 1.05 32.20
N ARG C 276 0.11 0.34 31.11
CA ARG C 276 1.46 0.23 30.55
C ARG C 276 2.02 1.60 30.13
N ALA C 277 1.15 2.46 29.62
CA ALA C 277 1.51 3.81 29.24
C ALA C 277 1.93 4.66 30.43
N LYS C 278 1.18 4.55 31.52
CA LYS C 278 1.56 5.19 32.75
C LYS C 278 2.94 4.67 33.21
N THR C 279 3.10 3.35 33.29
CA THR C 279 4.34 2.79 33.83
C THR C 279 5.54 3.16 32.96
N TYR C 280 5.31 3.33 31.66
CA TYR C 280 6.35 3.78 30.72
C TYR C 280 6.86 5.18 31.08
N ALA C 281 5.94 6.11 31.39
CA ALA C 281 6.29 7.42 31.87
C ALA C 281 7.05 7.38 33.18
N VAL C 282 6.60 6.53 34.09
CA VAL C 282 7.23 6.40 35.39
C VAL C 282 8.68 5.94 35.18
N SER C 283 8.89 4.99 34.28
CA SER C 283 10.24 4.49 33.98
C SER C 283 11.17 5.56 33.48
N GLN C 284 10.66 6.43 32.60
CA GLN C 284 11.46 7.50 32.02
C GLN C 284 11.83 8.55 33.08
N SER C 285 10.87 8.93 33.93
CA SER C 285 11.15 9.78 35.07
C SER C 285 12.21 9.12 35.98
N ASP C 286 12.02 7.85 36.31
CA ASP C 286 12.93 7.13 37.23
C ASP C 286 14.36 7.00 36.66
N SER C 287 14.45 6.89 35.35
CA SER C 287 15.71 6.84 34.66
C SER C 287 16.50 8.13 34.89
N VAL C 288 15.81 9.27 34.95
CA VAL C 288 16.46 10.57 35.29
C VAL C 288 16.93 10.53 36.75
N ALA C 289 16.09 10.03 37.64
CA ALA C 289 16.47 9.89 39.07
C ALA C 289 17.71 9.00 39.26
N SER C 290 17.79 7.88 38.53
CA SER C 290 18.95 6.96 38.55
C SER C 290 20.20 7.65 38.06
N TYR C 291 20.05 8.46 37.02
CA TYR C 291 21.22 9.16 36.47
C TYR C 291 21.85 10.13 37.49
N ILE C 292 21.01 10.92 38.15
CA ILE C 292 21.43 11.93 39.09
C ILE C 292 22.05 11.23 40.33
N LYS C 293 21.42 10.16 40.80
CA LYS C 293 21.97 9.35 41.90
C LYS C 293 23.37 8.84 41.53
N SER C 294 23.58 8.41 40.28
CA SER C 294 24.90 7.95 39.82
C SER C 294 25.95 9.06 39.85
N LEU C 295 25.54 10.32 39.72
CA LEU C 295 26.46 11.47 39.85
C LEU C 295 26.67 11.90 41.29
N GLY C 296 26.04 11.22 42.26
CA GLY C 296 26.06 11.65 43.65
C GLY C 296 25.38 12.98 43.91
N ILE C 297 24.29 13.26 43.21
CA ILE C 297 23.55 14.52 43.36
C ILE C 297 22.12 14.19 43.79
N ASN C 298 21.64 14.92 44.79
CA ASN C 298 20.26 14.75 45.26
C ASN C 298 19.48 16.01 44.93
N LYS C 299 18.55 15.92 43.98
CA LYS C 299 17.68 17.04 43.62
C LYS C 299 16.28 16.52 43.45
N PRO C 300 15.28 17.35 43.75
CA PRO C 300 13.91 16.96 43.42
C PRO C 300 13.69 16.90 41.91
N ILE C 301 12.80 16.00 41.50
CA ILE C 301 12.36 15.88 40.12
C ILE C 301 10.86 16.11 40.11
N HIS C 302 10.42 16.94 39.18
CA HIS C 302 9.01 17.20 38.92
C HIS C 302 8.68 17.06 37.45
N ILE C 303 7.44 16.69 37.15
CA ILE C 303 7.03 16.50 35.77
C ILE C 303 6.58 17.83 35.21
N GLY C 304 7.40 18.36 34.32
CA GLY C 304 7.10 19.62 33.66
C GLY C 304 6.18 19.54 32.47
N GLU C 305 6.08 18.37 31.85
CA GLU C 305 5.17 18.21 30.73
C GLU C 305 4.87 16.74 30.44
N THR C 306 3.58 16.40 30.41
CA THR C 306 3.10 15.16 29.82
C THR C 306 1.61 15.35 29.47
N GLY C 307 1.13 14.57 28.52
CA GLY C 307 -0.24 14.72 28.04
C GLY C 307 -0.64 13.67 27.02
N TRP C 308 -1.92 13.60 26.75
CA TRP C 308 -2.49 12.59 25.87
C TRP C 308 -3.66 13.20 25.13
N ALA C 309 -3.49 13.44 23.84
CA ALA C 309 -4.50 14.17 23.06
C ALA C 309 -5.81 13.36 22.83
N SER C 310 -6.90 14.08 22.69
CA SER C 310 -8.21 13.48 22.53
C SER C 310 -8.58 13.25 21.09
N PHE C 311 -7.76 13.72 20.15
CA PHE C 311 -8.00 13.45 18.75
C PHE C 311 -6.72 13.51 17.93
N SER C 312 -6.64 12.69 16.89
CA SER C 312 -5.52 12.76 15.90
C SER C 312 -5.94 12.25 14.54
N ASN C 313 -5.62 12.98 13.49
CA ASN C 313 -5.80 12.51 12.11
C ASN C 313 -4.49 12.09 11.45
N GLY C 314 -3.42 11.93 12.26
CA GLY C 314 -2.16 11.43 11.76
C GLY C 314 -1.85 10.13 12.47
N TYR C 315 -0.66 10.08 13.05
CA TYR C 315 -0.12 8.84 13.61
C TYR C 315 -0.81 8.25 14.81
N TYR C 316 -1.53 9.06 15.59
CA TYR C 316 -1.93 8.65 16.93
C TYR C 316 -3.39 8.29 17.06
N GLY C 317 -4.16 8.46 15.97
CA GLY C 317 -5.61 8.18 15.98
C GLY C 317 -6.02 6.98 15.17
N ALA C 318 -7.20 7.06 14.55
CA ALA C 318 -7.73 5.95 13.74
C ALA C 318 -6.80 5.49 12.60
N LYS C 319 -6.01 6.40 12.04
CA LYS C 319 -5.14 6.06 10.92
C LYS C 319 -3.75 5.59 11.37
N GLY C 320 -3.58 5.38 12.67
CA GLY C 320 -2.28 4.95 13.24
C GLY C 320 -2.47 4.15 14.51
N SER C 321 -1.92 4.63 15.61
CA SER C 321 -1.80 3.84 16.84
C SER C 321 -3.05 3.69 17.71
N LYS C 322 -4.16 4.34 17.35
CA LYS C 322 -5.43 4.22 18.11
C LYS C 322 -5.33 4.73 19.56
N ALA C 323 -4.48 5.71 19.79
CA ALA C 323 -4.26 6.26 21.12
C ALA C 323 -5.25 7.36 21.49
N THR C 324 -5.56 8.23 20.55
CA THR C 324 -6.25 9.46 20.86
C THR C 324 -7.76 9.36 20.89
N ASP C 325 -8.34 9.67 22.05
CA ASP C 325 -9.76 9.92 22.26
C ASP C 325 -9.93 10.42 23.71
N GLU C 326 -11.09 10.93 24.06
CA GLU C 326 -11.30 11.52 25.39
C GLU C 326 -11.25 10.53 26.55
N TYR C 327 -11.57 9.27 26.27
CA TYR C 327 -11.62 8.22 27.29
C TYR C 327 -10.20 7.83 27.71
N LYS C 328 -9.34 7.56 26.73
CA LYS C 328 -7.97 7.24 27.04
C LYS C 328 -7.24 8.43 27.62
N GLU C 329 -7.58 9.65 27.18
CA GLU C 329 -7.03 10.87 27.82
C GLU C 329 -7.36 10.95 29.31
N ALA C 330 -8.61 10.70 29.65
CA ALA C 330 -9.04 10.68 31.03
C ALA C 330 -8.27 9.62 31.85
N ILE C 331 -8.15 8.42 31.30
CA ILE C 331 -7.42 7.38 31.99
C ILE C 331 -5.97 7.80 32.27
N PHE C 332 -5.33 8.37 31.26
CA PHE C 332 -3.95 8.80 31.38
C PHE C 332 -3.82 9.92 32.43
N TYR C 333 -4.68 10.93 32.32
CA TYR C 333 -4.68 12.05 33.26
C TYR C 333 -4.77 11.59 34.71
N ASN C 334 -5.73 10.71 35.00
CA ASN C 334 -5.95 10.19 36.35
C ASN C 334 -4.81 9.32 36.84
N HIS C 335 -4.25 8.49 35.97
CA HIS C 335 -3.06 7.73 36.36
C HIS C 335 -1.87 8.61 36.70
N ILE C 336 -1.69 9.69 35.94
CA ILE C 336 -0.56 10.60 36.12
C ILE C 336 -0.75 11.38 37.42
N ARG C 337 -1.98 11.78 37.70
CA ARG C 337 -2.30 12.43 38.96
C ARG C 337 -2.04 11.51 40.16
N GLU C 338 -2.54 10.27 40.12
CA GLU C 338 -2.30 9.31 41.20
C GLU C 338 -0.81 9.09 41.41
N TRP C 339 -0.08 8.82 40.35
CA TRP C 339 1.36 8.58 40.46
C TRP C 339 2.09 9.77 41.06
N THR C 340 1.83 10.95 40.53
CA THR C 340 2.56 12.14 40.98
C THR C 340 2.22 12.57 42.40
N ASN C 341 0.96 12.43 42.79
CA ASN C 341 0.56 12.77 44.14
C ASN C 341 1.11 11.79 45.19
N GLU C 342 1.20 10.50 44.85
CA GLU C 342 1.85 9.51 45.72
C GLU C 342 3.38 9.66 45.78
N ALA C 343 4.00 10.16 44.72
CA ALA C 343 5.45 10.34 44.67
C ALA C 343 5.90 11.74 45.10
N ASN C 344 4.96 12.57 45.53
CA ASN C 344 5.20 14.01 45.80
C ASN C 344 5.92 14.76 44.68
N MET C 345 5.39 14.64 43.47
CA MET C 345 5.80 15.40 42.31
C MET C 345 4.63 16.25 41.84
N SER C 346 4.93 17.48 41.47
CA SER C 346 4.04 18.28 40.64
C SER C 346 4.01 17.69 39.24
N CYS C 347 2.87 17.85 38.60
CA CYS C 347 2.76 17.54 37.21
C CYS C 347 2.04 18.67 36.50
N PHE C 348 2.78 19.39 35.67
CA PHE C 348 2.24 20.50 34.89
C PHE C 348 1.60 19.87 33.64
N TYR C 349 0.41 19.30 33.80
CA TYR C 349 -0.15 18.41 32.83
C TYR C 349 -0.45 19.25 31.56
N PHE C 350 -0.19 18.65 30.41
CA PHE C 350 -0.44 19.30 29.14
C PHE C 350 -1.79 18.80 28.57
N GLU C 351 -2.84 19.62 28.57
CA GLU C 351 -2.82 21.05 28.83
C GLU C 351 -4.20 21.49 29.32
N ALA C 352 -4.36 22.71 29.80
CA ALA C 352 -5.68 23.14 30.26
C ALA C 352 -6.72 23.17 29.14
N PHE C 353 -6.46 23.94 28.09
CA PHE C 353 -7.40 24.16 26.98
C PHE C 353 -6.78 23.79 25.63
N ASP C 354 -7.57 23.20 24.74
CA ASP C 354 -7.14 23.02 23.34
C ASP C 354 -6.68 24.36 22.79
N GLU C 355 -5.58 24.31 22.08
CA GLU C 355 -4.98 25.47 21.47
C GLU C 355 -4.80 25.23 19.99
N PRO C 356 -5.72 25.75 19.17
CA PRO C 356 -5.70 25.43 17.75
C PRO C 356 -4.65 26.14 16.87
N TRP C 357 -3.79 26.99 17.43
CA TRP C 357 -2.67 27.56 16.67
C TRP C 357 -1.47 26.60 16.51
N LYS C 358 -1.46 25.49 17.25
CA LYS C 358 -0.23 24.66 17.32
C LYS C 358 0.02 23.84 16.05
N ASP C 359 -1.05 23.35 15.43
CA ASP C 359 -1.02 22.81 14.08
C ASP C 359 -2.07 23.60 13.29
N ALA C 360 -1.71 24.84 12.98
CA ALA C 360 -2.65 25.84 12.45
C ALA C 360 -3.37 25.41 11.18
N HIS C 361 -2.64 24.82 10.23
CA HIS C 361 -3.20 24.40 8.95
C HIS C 361 -3.83 23.02 8.93
N ASN C 362 -3.92 22.37 10.07
CA ASN C 362 -4.55 21.09 10.15
C ASN C 362 -5.27 20.93 11.47
N SER C 363 -6.54 21.30 11.52
CA SER C 363 -7.28 21.30 12.79
C SER C 363 -7.39 19.93 13.47
N GLY C 364 -7.38 18.84 12.70
CA GLY C 364 -7.35 17.48 13.25
C GLY C 364 -6.03 16.98 13.80
N GLY C 365 -4.95 17.77 13.64
CA GLY C 365 -3.67 17.45 14.24
C GLY C 365 -3.70 17.38 15.76
N SER C 366 -3.02 16.40 16.32
CA SER C 366 -3.09 16.11 17.75
C SER C 366 -2.63 17.26 18.59
N GLU C 367 -1.69 18.04 18.09
CA GLU C 367 -1.26 19.24 18.81
C GLU C 367 -2.38 20.19 19.25
N ASN C 368 -3.47 20.24 18.50
CA ASN C 368 -4.63 21.08 18.80
C ASN C 368 -5.61 20.44 19.77
N HIS C 369 -5.30 19.28 20.31
CA HIS C 369 -6.33 18.55 21.09
C HIS C 369 -5.87 18.06 22.47
N PHE C 370 -4.89 18.75 23.05
CA PHE C 370 -4.32 18.30 24.33
C PHE C 370 -5.06 18.83 25.54
N GLY C 371 -6.05 19.67 25.33
CA GLY C 371 -6.81 20.23 26.43
C GLY C 371 -7.58 19.25 27.27
N LEU C 372 -7.88 19.63 28.51
CA LEU C 372 -8.95 19.01 29.30
C LEU C 372 -10.30 19.64 28.90
N PHE C 373 -10.23 20.86 28.39
CA PHE C 373 -11.39 21.53 27.79
C PHE C 373 -11.14 21.78 26.31
N THR C 374 -12.23 21.99 25.62
CA THR C 374 -12.28 22.31 24.22
C THR C 374 -12.02 23.78 24.06
N VAL C 375 -11.78 24.27 22.86
CA VAL C 375 -11.55 25.72 22.66
C VAL C 375 -12.77 26.52 23.14
N ASP C 376 -13.97 25.99 22.85
CA ASP C 376 -15.25 26.62 23.24
C ASP C 376 -15.65 26.46 24.73
N GLY C 377 -14.83 25.79 25.52
CA GLY C 377 -15.07 25.66 26.94
C GLY C 377 -15.87 24.44 27.34
N LYS C 378 -16.06 23.50 26.43
CA LYS C 378 -16.69 22.25 26.80
C LYS C 378 -15.70 21.38 27.59
N ALA C 379 -16.18 20.74 28.64
CA ALA C 379 -15.39 19.82 29.42
C ALA C 379 -15.39 18.43 28.77
N LYS C 380 -14.19 17.92 28.45
CA LYS C 380 -14.01 16.58 27.89
C LYS C 380 -14.28 15.54 28.97
N TYR C 381 -14.45 14.29 28.53
CA TYR C 381 -14.80 13.20 29.41
C TYR C 381 -14.12 13.25 30.78
N VAL C 382 -12.81 13.51 30.75
CA VAL C 382 -12.00 13.58 31.97
C VAL C 382 -12.61 14.43 33.10
N LEU C 383 -13.32 15.53 32.74
CA LEU C 383 -13.91 16.46 33.70
C LEU C 383 -15.43 16.45 33.80
N TRP C 384 -16.10 15.53 33.12
CA TRP C 384 -17.58 15.44 33.20
C TRP C 384 -18.05 15.35 34.64
N ASP C 385 -17.33 14.59 35.45
CA ASP C 385 -17.71 14.37 36.84
C ASP C 385 -17.76 15.71 37.59
N LEU C 386 -16.77 16.56 37.39
CA LEU C 386 -16.75 17.89 37.96
C LEU C 386 -17.84 18.81 37.48
N VAL C 387 -18.23 18.73 36.21
CA VAL C 387 -19.37 19.51 35.73
C VAL C 387 -20.63 19.13 36.51
N ASP C 388 -20.85 17.83 36.71
CA ASP C 388 -22.03 17.32 37.45
C ASP C 388 -22.06 17.78 38.92
N LYS C 389 -20.91 17.86 39.56
CA LYS C 389 -20.83 18.34 40.94
C LYS C 389 -21.05 19.85 41.03
N GLY C 390 -21.12 20.55 39.91
CA GLY C 390 -21.40 22.00 39.91
C GLY C 390 -20.18 22.91 40.05
N VAL C 391 -19.00 22.34 39.93
CA VAL C 391 -17.74 23.06 40.14
C VAL C 391 -17.57 24.29 39.23
N PHE C 392 -18.09 24.23 38.02
CA PHE C 392 -18.00 25.35 37.10
C PHE C 392 -19.29 26.18 36.98
N GLU C 393 -20.24 26.03 37.92
CA GLU C 393 -21.50 26.80 37.83
C GLU C 393 -21.26 28.30 37.92
N GLY C 394 -21.87 29.04 37.00
CA GLY C 394 -21.72 30.50 36.95
C GLY C 394 -20.53 30.98 36.14
N LEU C 395 -19.64 30.05 35.74
CA LEU C 395 -18.44 30.36 34.97
C LEU C 395 -18.67 30.18 33.49
N THR C 396 -17.90 30.91 32.71
CA THR C 396 -18.12 31.12 31.30
C THR C 396 -16.75 31.14 30.58
N ARG C 397 -16.69 30.64 29.34
CA ARG C 397 -15.57 30.95 28.42
C ARG C 397 -16.13 31.49 27.11
N GLY C 398 -15.81 32.74 26.81
CA GLY C 398 -16.24 33.41 25.56
C GLY C 398 -17.76 33.48 25.39
N GLY C 399 -18.47 33.63 26.50
CA GLY C 399 -19.92 33.54 26.50
C GLY C 399 -20.54 32.18 26.76
N ASN C 400 -19.80 31.09 26.62
CA ASN C 400 -20.38 29.74 26.78
C ASN C 400 -20.27 29.19 28.19
N PRO C 401 -21.34 28.56 28.71
CA PRO C 401 -21.20 27.87 30.00
C PRO C 401 -20.39 26.59 29.82
N ILE C 402 -19.88 26.07 30.92
CA ILE C 402 -19.05 24.87 30.87
C ILE C 402 -19.93 23.64 30.80
N THR C 403 -20.03 23.13 29.58
CA THR C 403 -20.91 22.01 29.20
C THR C 403 -20.05 20.76 29.00
N LYS C 404 -20.68 19.61 29.19
CA LYS C 404 -20.04 18.34 28.86
C LYS C 404 -19.97 18.10 27.35
N THR C 405 -18.83 17.59 26.85
CA THR C 405 -18.70 17.10 25.45
C THR C 405 -19.64 15.89 25.30
N TYR C 406 -20.07 15.58 24.07
CA TYR C 406 -21.00 14.48 23.78
C TYR C 406 -22.36 14.53 24.53
N ASN C 407 -22.72 15.70 25.09
CA ASN C 407 -23.90 15.83 25.97
C ASN C 407 -23.85 14.89 27.17
N GLY C 408 -22.64 14.55 27.60
CA GLY C 408 -22.45 13.68 28.75
C GLY C 408 -22.87 12.27 28.50
N ASN C 409 -22.91 11.87 27.23
CA ASN C 409 -23.38 10.56 26.84
C ASN C 409 -22.21 9.63 26.64
N LYS C 410 -21.99 8.80 27.65
CA LYS C 410 -20.87 7.89 27.64
C LYS C 410 -20.93 6.88 26.47
N GLU C 411 -22.13 6.40 26.15
CA GLU C 411 -22.28 5.48 25.03
C GLU C 411 -21.82 6.09 23.72
N ALA C 412 -22.17 7.36 23.50
CA ALA C 412 -21.76 8.04 22.25
C ALA C 412 -20.25 8.19 22.14
N LEU C 413 -19.58 8.36 23.27
CA LEU C 413 -18.13 8.42 23.30
C LEU C 413 -17.54 7.05 22.97
N PHE C 414 -18.05 6.02 23.63
CA PHE C 414 -17.52 4.66 23.47
C PHE C 414 -17.61 4.14 22.05
N LEU C 415 -18.64 4.53 21.30
CA LEU C 415 -18.68 4.20 19.85
C LEU C 415 -17.50 4.74 19.04
N GLU C 416 -17.07 5.96 19.37
CA GLU C 416 -15.93 6.57 18.71
C GLU C 416 -14.60 6.02 19.19
N VAL C 417 -14.51 5.51 20.43
CA VAL C 417 -13.24 4.95 20.94
C VAL C 417 -12.88 3.63 20.22
N GLU C 418 -11.63 3.50 19.79
CA GLU C 418 -11.12 2.24 19.26
C GLU C 418 -10.17 1.58 20.26
N LEU C 419 -9.97 0.27 20.15
CA LEU C 419 -9.03 -0.46 21.00
C LEU C 419 -7.62 -0.36 20.49
N PRO C 420 -6.65 -0.52 21.39
CA PRO C 420 -5.27 -0.54 20.91
C PRO C 420 -5.04 -1.72 19.96
N PRO C 421 -4.05 -1.60 19.08
CA PRO C 421 -3.81 -2.70 18.15
C PRO C 421 -3.32 -3.98 18.85
N VAL C 422 -3.75 -5.13 18.34
CA VAL C 422 -3.34 -6.42 18.85
C VAL C 422 -1.89 -6.68 18.47
N LYS C 423 -1.06 -7.14 19.42
CA LYS C 423 0.34 -7.52 19.10
C LYS C 423 0.69 -8.91 19.62
N LYS C 424 1.69 -9.57 19.07
CA LYS C 424 2.00 -10.85 19.65
C LYS C 424 3.32 -10.58 20.39
N GLU C 425 3.48 -11.31 21.48
CA GLU C 425 4.63 -11.21 22.35
C GLU C 425 5.51 -12.44 22.10
N ILE C 426 6.81 -12.23 21.99
CA ILE C 426 7.80 -13.32 22.02
C ILE C 426 8.13 -13.62 23.48
N THR C 427 8.18 -14.90 23.85
CA THR C 427 8.58 -15.32 25.19
C THR C 427 10.06 -15.59 25.17
N LYS C 428 10.80 -14.95 26.07
CA LYS C 428 12.21 -15.22 26.29
C LYS C 428 12.36 -16.38 27.26
N ASN C 429 13.49 -17.07 27.21
CA ASN C 429 13.70 -18.26 28.00
C ASN C 429 14.23 -17.95 29.39
N HIS C 430 13.50 -17.08 30.08
CA HIS C 430 13.93 -16.58 31.40
C HIS C 430 13.23 -17.39 32.46
N VAL D 38 51.79 29.18 -9.14
CA VAL D 38 50.41 29.01 -8.56
C VAL D 38 50.27 27.72 -7.69
N THR D 39 49.90 28.02 -6.47
CA THR D 39 49.91 27.09 -5.35
C THR D 39 48.48 26.80 -4.80
N ALA D 40 48.30 25.71 -4.06
CA ALA D 40 46.98 25.39 -3.51
C ALA D 40 46.41 26.49 -2.63
N LYS D 41 47.26 27.04 -1.77
CA LYS D 41 46.93 28.24 -0.97
C LYS D 41 46.41 29.42 -1.79
N ASP D 42 46.91 29.61 -3.00
CA ASP D 42 46.42 30.69 -3.90
C ASP D 42 45.08 30.35 -4.57
N ILE D 43 44.88 29.07 -4.87
CA ILE D 43 43.75 28.59 -5.67
C ILE D 43 42.48 28.37 -4.87
N LEU D 44 42.63 27.70 -3.74
CA LEU D 44 41.46 27.30 -2.99
C LEU D 44 40.82 28.52 -2.34
N GLY D 45 39.51 28.63 -2.49
CA GLY D 45 38.77 29.76 -1.91
C GLY D 45 38.82 31.03 -2.73
N ASN D 46 39.33 30.93 -3.95
CA ASN D 46 39.50 32.04 -4.84
C ASN D 46 38.57 31.81 -5.99
N SER D 47 37.59 32.68 -6.16
CA SER D 47 36.56 32.50 -7.19
C SER D 47 37.03 32.69 -8.64
N LYS D 48 38.25 33.21 -8.85
CA LYS D 48 38.89 33.21 -10.19
C LYS D 48 39.32 31.73 -10.60
N TYR D 49 39.37 30.79 -9.64
CA TYR D 49 39.61 29.34 -9.90
C TYR D 49 38.44 28.40 -9.43
N LEU D 50 37.33 28.43 -10.16
CA LEU D 50 36.18 27.58 -9.85
C LEU D 50 36.55 26.12 -9.92
N ALA D 51 36.06 25.36 -8.95
CA ALA D 51 36.32 23.92 -8.82
C ALA D 51 35.11 23.09 -9.28
N ILE D 52 35.39 21.83 -9.61
CA ILE D 52 34.38 20.81 -10.01
C ILE D 52 34.89 19.40 -9.76
N SER D 53 33.98 18.48 -9.42
CA SER D 53 34.32 17.06 -9.37
C SER D 53 34.20 16.53 -10.79
N TYR D 54 35.18 15.73 -11.22
CA TYR D 54 35.24 15.28 -12.63
C TYR D 54 35.52 13.80 -12.84
N GLY D 55 34.72 13.23 -13.73
CA GLY D 55 35.01 11.94 -14.35
C GLY D 55 34.61 12.03 -15.81
N GLY D 56 35.35 11.33 -16.66
CA GLY D 56 35.25 11.41 -18.11
C GLY D 56 34.78 10.14 -18.78
N TYR D 57 34.42 9.16 -17.96
CA TYR D 57 33.86 7.89 -18.44
C TYR D 57 32.53 8.17 -19.14
N ARG D 58 32.34 7.51 -20.29
CA ARG D 58 31.17 7.71 -21.18
C ARG D 58 30.27 6.48 -21.32
N LYS D 59 30.67 5.35 -20.73
CA LYS D 59 29.93 4.09 -20.86
C LYS D 59 29.59 3.55 -19.49
N LYS D 60 28.84 2.46 -19.48
CA LYS D 60 28.31 1.86 -18.24
C LYS D 60 29.33 1.01 -17.43
N SER D 61 30.57 0.96 -17.87
CA SER D 61 31.63 0.36 -17.11
C SER D 61 32.91 1.20 -17.22
N ARG D 62 33.66 1.26 -16.12
CA ARG D 62 34.95 1.91 -16.11
C ARG D 62 36.03 1.11 -16.83
N ASP D 63 35.73 -0.14 -17.16
CA ASP D 63 36.55 -0.92 -18.09
C ASP D 63 36.76 -0.20 -19.44
N PHE D 64 35.78 0.58 -19.88
CA PHE D 64 35.89 1.42 -21.04
C PHE D 64 36.49 2.77 -20.63
N GLN D 65 37.82 2.81 -20.54
CA GLN D 65 38.56 4.03 -20.23
C GLN D 65 38.43 5.05 -21.35
N PRO D 66 38.15 6.30 -21.01
CA PRO D 66 38.15 7.29 -22.07
C PRO D 66 39.58 7.52 -22.56
N SER D 67 39.70 7.84 -23.84
CA SER D 67 41.00 8.15 -24.44
C SER D 67 41.48 9.56 -24.02
N ILE D 68 42.76 9.81 -24.19
CA ILE D 68 43.31 11.14 -24.02
C ILE D 68 42.60 12.19 -24.92
N GLU D 69 42.28 11.83 -26.16
CA GLU D 69 41.56 12.74 -27.03
C GLU D 69 40.18 13.09 -26.43
N GLU D 70 39.48 12.08 -25.92
CA GLU D 70 38.18 12.29 -25.28
C GLU D 70 38.27 13.20 -24.03
N LEU D 71 39.26 12.94 -23.20
CA LEU D 71 39.48 13.78 -22.05
C LEU D 71 39.79 15.25 -22.40
N LYS D 72 40.50 15.49 -23.48
CA LYS D 72 40.80 16.85 -23.92
C LYS D 72 39.55 17.59 -24.32
N GLU D 73 38.64 16.91 -24.99
CA GLU D 73 37.32 17.46 -25.27
C GLU D 73 36.69 18.03 -23.99
N ASP D 74 36.70 17.24 -22.91
CA ASP D 74 36.11 17.63 -21.63
C ASP D 74 36.83 18.81 -21.01
N MET D 75 38.16 18.74 -21.01
CA MET D 75 38.94 19.81 -20.48
C MET D 75 38.65 21.14 -21.20
N LYS D 76 38.50 21.11 -22.53
CA LYS D 76 38.24 22.34 -23.27
C LYS D 76 36.89 22.91 -22.89
N ILE D 77 35.88 22.04 -22.78
CA ILE D 77 34.54 22.42 -22.30
C ILE D 77 34.55 23.05 -20.87
N LEU D 78 35.24 22.41 -19.94
CA LEU D 78 35.29 22.91 -18.57
C LEU D 78 36.06 24.23 -18.48
N HIS D 79 37.16 24.33 -19.22
CA HIS D 79 37.96 25.55 -19.27
C HIS D 79 37.16 26.71 -19.84
N ALA D 80 36.35 26.46 -20.88
CA ALA D 80 35.49 27.48 -21.49
C ALA D 80 34.49 28.08 -20.48
N MET D 81 34.01 27.23 -19.56
CA MET D 81 33.14 27.60 -18.43
C MET D 81 33.79 28.32 -17.24
N ASN D 82 35.09 28.60 -17.27
CA ASN D 82 35.84 29.09 -16.11
C ASN D 82 36.21 28.10 -15.01
N ILE D 83 36.10 26.80 -15.28
CA ILE D 83 36.57 25.81 -14.31
C ILE D 83 38.11 25.81 -14.43
N ARG D 84 38.79 25.89 -13.30
CA ARG D 84 40.27 25.87 -13.26
C ARG D 84 40.88 24.80 -12.37
N ILE D 85 40.07 24.12 -11.57
CA ILE D 85 40.60 23.01 -10.78
C ILE D 85 39.59 21.86 -10.74
N LEU D 86 40.10 20.65 -10.92
CA LEU D 86 39.29 19.47 -10.78
C LEU D 86 39.72 18.54 -9.75
N ARG D 87 38.81 17.60 -9.46
CA ARG D 87 38.97 16.58 -8.49
C ARG D 87 38.76 15.20 -9.05
N THR D 88 39.49 14.25 -8.51
CA THR D 88 39.59 12.92 -9.01
C THR D 88 39.54 11.96 -7.79
N TYR D 89 39.29 10.67 -8.03
CA TYR D 89 38.93 9.76 -6.93
C TYR D 89 39.90 8.61 -6.64
N ASN D 90 40.49 8.06 -7.69
CA ASN D 90 41.52 7.07 -7.50
C ASN D 90 42.64 7.23 -8.50
N VAL D 91 43.75 6.58 -8.17
CA VAL D 91 44.93 6.45 -9.02
C VAL D 91 45.29 4.98 -9.31
N ARG D 92 44.30 4.10 -9.20
CA ARG D 92 44.43 2.69 -9.52
C ARG D 92 44.19 2.44 -11.01
N LEU D 93 43.08 2.95 -11.50
CA LEU D 93 42.77 2.89 -12.90
C LEU D 93 43.51 4.04 -13.58
N ALA D 94 43.66 3.94 -14.88
CA ALA D 94 44.47 4.86 -15.71
C ALA D 94 43.91 6.26 -15.83
N HIS D 95 42.61 6.37 -15.60
CA HIS D 95 41.84 7.62 -15.74
C HIS D 95 42.52 8.91 -15.24
N THR D 96 43.00 8.93 -14.01
CA THR D 96 43.56 10.14 -13.44
C THR D 96 44.86 10.53 -14.12
N SER D 97 45.70 9.52 -14.32
CA SER D 97 46.94 9.64 -15.06
C SER D 97 46.70 10.17 -16.48
N ASN D 98 45.67 9.67 -17.15
CA ASN D 98 45.36 10.17 -18.47
C ASN D 98 44.85 11.61 -18.49
N ILE D 99 44.16 12.03 -17.43
CA ILE D 99 43.70 13.42 -17.35
C ILE D 99 44.91 14.35 -17.26
N LEU D 100 45.87 13.98 -16.44
CA LEU D 100 47.10 14.75 -16.33
C LEU D 100 47.83 14.82 -17.69
N LYS D 101 47.90 13.71 -18.43
CA LYS D 101 48.50 13.70 -19.77
C LYS D 101 47.79 14.65 -20.71
N ALA D 102 46.45 14.60 -20.66
CA ALA D 102 45.58 15.44 -21.46
C ALA D 102 45.78 16.90 -21.18
N ILE D 103 45.87 17.24 -19.90
CA ILE D 103 46.05 18.64 -19.51
C ILE D 103 47.43 19.10 -19.96
N ARG D 104 48.45 18.25 -19.78
CA ARG D 104 49.79 18.59 -20.27
C ARG D 104 49.79 18.88 -21.77
N GLU D 105 49.18 18.03 -22.58
CA GLU D 105 49.12 18.28 -24.01
C GLU D 105 48.47 19.62 -24.30
N LEU D 106 47.37 19.93 -23.62
CA LEU D 106 46.68 21.19 -23.88
C LEU D 106 47.47 22.41 -23.46
N LYS D 107 48.27 22.28 -22.42
CA LYS D 107 49.16 23.38 -22.00
C LYS D 107 50.31 23.61 -23.01
N ASN D 108 50.76 22.54 -23.67
CA ASN D 108 51.77 22.68 -24.74
C ASN D 108 51.18 23.30 -25.99
N GLU D 109 49.93 23.00 -26.30
CA GLU D 109 49.21 23.60 -27.44
C GLU D 109 48.90 25.07 -27.25
N ASP D 110 48.64 25.46 -26.00
CA ASP D 110 48.16 26.79 -25.68
C ASP D 110 48.77 27.21 -24.35
N ALA D 111 49.61 28.24 -24.43
CA ALA D 111 50.34 28.70 -23.27
C ALA D 111 49.47 29.38 -22.22
N ASN D 112 48.28 29.86 -22.60
CA ASN D 112 47.29 30.35 -21.61
C ASN D 112 46.33 29.34 -20.99
N PHE D 113 46.34 28.08 -21.45
CA PHE D 113 45.52 27.05 -20.86
C PHE D 113 46.03 26.75 -19.47
N GLU D 114 45.10 26.61 -18.54
CA GLU D 114 45.38 26.51 -17.12
C GLU D 114 44.31 25.54 -16.56
N MET D 115 44.73 24.41 -16.03
CA MET D 115 43.84 23.51 -15.31
C MET D 115 44.66 22.87 -14.19
N TYR D 116 44.13 22.88 -12.97
CA TYR D 116 44.79 22.23 -11.82
C TYR D 116 44.00 21.03 -11.34
N MET D 117 44.66 20.19 -10.52
CA MET D 117 44.06 18.96 -10.06
C MET D 117 44.23 18.70 -8.59
N MET D 118 43.14 18.27 -7.96
CA MET D 118 43.10 17.64 -6.63
C MET D 118 43.06 16.15 -6.87
N VAL D 119 44.14 15.43 -6.54
CA VAL D 119 44.23 14.00 -6.85
C VAL D 119 43.83 13.18 -5.67
N GLY D 120 42.88 12.28 -5.92
CA GLY D 120 42.37 11.36 -4.91
C GLY D 120 43.13 10.06 -4.91
N ALA D 121 43.62 9.72 -3.74
CA ALA D 121 44.15 8.42 -3.46
C ALA D 121 43.07 7.68 -2.71
N TRP D 122 42.58 6.58 -3.29
CA TRP D 122 41.53 5.80 -2.67
C TRP D 122 42.08 4.91 -1.55
N ILE D 123 41.38 4.95 -0.43
CA ILE D 123 41.72 4.17 0.76
C ILE D 123 40.61 3.13 1.07
N ASP D 124 41.03 1.90 1.29
CA ASP D 124 40.16 0.77 1.63
C ASP D 124 40.53 0.15 2.96
N CYS D 125 39.52 -0.44 3.61
CA CYS D 125 39.71 -1.32 4.76
C CYS D 125 40.07 -2.70 4.25
N LYS D 126 40.51 -3.56 5.17
CA LYS D 126 40.89 -4.94 4.83
C LYS D 126 39.75 -5.77 4.20
N ASN D 127 40.07 -6.44 3.09
CA ASN D 127 39.13 -7.21 2.27
C ASN D 127 38.03 -6.46 1.52
N ALA D 128 38.06 -5.14 1.51
CA ALA D 128 37.12 -4.40 0.70
C ALA D 128 37.13 -4.92 -0.74
N TRP D 129 35.95 -4.97 -1.34
CA TRP D 129 35.77 -5.38 -2.74
C TRP D 129 36.15 -6.83 -3.03
N THR D 130 36.20 -7.68 -2.00
CA THR D 130 36.45 -9.13 -2.16
C THR D 130 35.26 -9.87 -1.60
N ASP D 131 35.33 -11.20 -1.61
CA ASP D 131 34.32 -12.04 -0.98
C ASP D 131 34.78 -12.55 0.41
N GLN D 132 35.83 -11.93 0.97
CA GLN D 132 36.34 -12.27 2.30
C GLN D 132 35.75 -11.32 3.39
N PRO D 133 35.74 -11.74 4.65
CA PRO D 133 35.14 -10.89 5.68
C PRO D 133 35.82 -9.50 5.81
N LEU D 134 35.04 -8.43 5.80
CA LEU D 134 35.57 -7.08 5.97
C LEU D 134 36.04 -6.90 7.40
N ASN D 135 37.11 -6.12 7.56
CA ASN D 135 37.54 -5.67 8.85
C ASN D 135 37.80 -4.18 8.78
N HIS D 136 36.91 -3.40 9.37
CA HIS D 136 37.02 -1.94 9.35
C HIS D 136 38.04 -1.39 10.36
N HIS D 137 38.66 -2.26 11.15
CA HIS D 137 39.72 -1.86 12.04
C HIS D 137 41.10 -2.19 11.50
N GLU D 138 41.18 -2.71 10.30
CA GLU D 138 42.44 -2.92 9.64
C GLU D 138 42.34 -2.35 8.26
N GLU D 139 43.49 -2.14 7.66
CA GLU D 139 43.61 -1.43 6.38
C GLU D 139 43.83 -2.44 5.25
N SER D 140 43.51 -2.05 4.02
CA SER D 140 43.88 -2.85 2.84
C SER D 140 45.40 -2.82 2.60
N GLU D 141 45.96 -3.97 2.30
CA GLU D 141 47.36 -4.08 1.92
C GLU D 141 47.65 -3.20 0.69
N ASN D 142 46.61 -2.92 -0.12
CA ASN D 142 46.79 -2.12 -1.34
C ASN D 142 46.83 -0.60 -1.19
N ASN D 143 46.61 -0.09 0.01
CA ASN D 143 46.68 1.35 0.21
C ASN D 143 48.08 1.90 -0.08
N ALA D 144 49.10 1.18 0.35
CA ALA D 144 50.50 1.64 0.20
C ALA D 144 50.83 1.99 -1.27
N SER D 145 50.55 1.08 -2.20
CA SER D 145 50.90 1.33 -3.58
C SER D 145 50.02 2.42 -4.23
N GLU D 146 48.77 2.55 -3.79
CA GLU D 146 47.91 3.66 -4.21
C GLU D 146 48.52 5.01 -3.78
N ILE D 147 48.97 5.11 -2.54
CA ILE D 147 49.66 6.32 -2.09
C ILE D 147 50.93 6.54 -2.94
N ASP D 148 51.71 5.48 -3.18
CA ASP D 148 52.92 5.59 -4.03
C ASP D 148 52.58 6.12 -5.42
N ARG D 149 51.54 5.62 -6.03
CA ARG D 149 51.19 6.09 -7.36
C ARG D 149 50.75 7.57 -7.37
N ALA D 150 50.12 8.01 -6.29
CA ALA D 150 49.64 9.38 -6.14
C ALA D 150 50.83 10.29 -6.05
N VAL D 151 51.80 9.87 -5.25
CA VAL D 151 53.06 10.59 -5.09
C VAL D 151 53.80 10.75 -6.44
N ALA D 152 53.92 9.64 -7.18
CA ALA D 152 54.59 9.64 -8.49
C ALA D 152 53.94 10.64 -9.44
N LEU D 153 52.61 10.69 -9.44
CA LEU D 153 51.87 11.63 -10.29
C LEU D 153 52.05 13.07 -9.86
N ALA D 154 52.08 13.34 -8.56
CA ALA D 154 52.34 14.70 -8.07
C ALA D 154 53.76 15.18 -8.46
N GLN D 155 54.70 14.22 -8.52
CA GLN D 155 56.07 14.46 -8.96
C GLN D 155 56.20 14.62 -10.48
N GLU D 156 55.60 13.77 -11.30
CA GLU D 156 55.66 13.97 -12.77
C GLU D 156 54.92 15.24 -13.20
N PHE D 157 53.88 15.68 -12.47
CA PHE D 157 53.03 16.82 -12.93
C PHE D 157 52.83 17.86 -11.84
N PRO D 158 53.92 18.37 -11.26
CA PRO D 158 53.80 19.32 -10.14
C PRO D 158 53.20 20.67 -10.54
N ASP D 159 53.19 20.98 -11.83
CA ASP D 159 52.57 22.19 -12.35
C ASP D 159 51.04 22.13 -12.40
N ILE D 160 50.48 20.92 -12.28
CA ILE D 160 49.04 20.67 -12.35
C ILE D 160 48.49 20.20 -10.99
N VAL D 161 49.14 19.19 -10.40
CA VAL D 161 48.70 18.60 -9.15
C VAL D 161 49.02 19.52 -8.00
N LYS D 162 47.97 20.05 -7.37
CA LYS D 162 48.11 20.95 -6.21
C LYS D 162 47.68 20.39 -4.88
N VAL D 163 46.97 19.27 -4.89
CA VAL D 163 46.44 18.65 -3.67
C VAL D 163 46.44 17.14 -3.83
N ILE D 164 46.80 16.44 -2.77
CA ILE D 164 46.50 15.03 -2.64
C ILE D 164 45.49 14.84 -1.53
N ALA D 165 44.41 14.13 -1.83
CA ALA D 165 43.39 13.77 -0.87
C ALA D 165 43.53 12.29 -0.52
N VAL D 166 43.76 12.01 0.77
CA VAL D 166 43.85 10.66 1.29
C VAL D 166 42.46 10.18 1.65
N GLY D 167 41.87 9.41 0.75
CA GLY D 167 40.55 8.84 0.96
C GLY D 167 39.38 9.67 0.43
N ASN D 168 38.31 8.96 0.10
CA ASN D 168 37.07 9.58 -0.30
C ASN D 168 35.92 8.95 0.47
N GLU D 169 35.44 9.70 1.46
CA GLU D 169 34.37 9.21 2.38
C GLU D 169 34.83 7.93 3.10
N ALA D 170 36.12 7.81 3.33
CA ALA D 170 36.68 6.58 3.79
C ALA D 170 36.53 6.38 5.27
N MET D 171 36.14 7.42 6.02
CA MET D 171 35.89 7.34 7.46
C MET D 171 34.41 7.29 7.85
N VAL D 172 33.51 7.61 6.93
CA VAL D 172 32.10 7.69 7.27
C VAL D 172 31.56 6.27 7.54
N LYS D 173 30.87 6.11 8.65
CA LYS D 173 30.54 4.76 9.19
C LYS D 173 29.50 4.03 8.36
N TRP D 174 28.75 4.76 7.54
CA TRP D 174 27.80 4.15 6.61
C TRP D 174 28.41 3.67 5.28
N ALA D 175 29.69 3.95 5.00
CA ALA D 175 30.31 3.44 3.79
C ALA D 175 30.75 2.01 4.03
N ALA D 176 29.74 1.15 4.12
CA ALA D 176 29.89 -0.24 4.61
C ALA D 176 30.88 -1.06 3.82
N SER D 177 31.03 -0.74 2.54
CA SER D 177 31.90 -1.54 1.68
C SER D 177 33.37 -1.40 1.94
N TYR D 178 33.81 -0.29 2.54
CA TYR D 178 35.24 -0.04 2.63
C TYR D 178 35.79 0.84 3.74
N PHE D 179 34.95 1.34 4.65
CA PHE D 179 35.39 2.42 5.52
C PHE D 179 36.49 1.96 6.49
N VAL D 180 37.27 2.95 6.91
CA VAL D 180 38.41 2.74 7.80
C VAL D 180 38.27 3.67 8.99
N GLN D 181 39.10 3.39 10.00
CA GLN D 181 39.21 4.27 11.16
C GLN D 181 40.08 5.50 10.81
N PRO D 182 39.90 6.60 11.52
CA PRO D 182 40.71 7.77 11.25
C PRO D 182 42.23 7.56 11.43
N ALA D 183 42.65 6.60 12.24
CA ALA D 183 44.06 6.26 12.37
C ALA D 183 44.73 5.94 11.02
N VAL D 184 44.00 5.27 10.15
CA VAL D 184 44.51 4.93 8.84
C VAL D 184 44.66 6.14 7.95
N ILE D 185 43.72 7.05 7.95
CA ILE D 185 43.90 8.28 7.16
C ILE D 185 45.07 9.08 7.69
N LEU D 186 45.15 9.22 9.02
CA LEU D 186 46.23 9.90 9.71
C LEU D 186 47.60 9.35 9.32
N LYS D 187 47.71 8.03 9.31
CA LYS D 187 48.93 7.34 8.91
C LYS D 187 49.44 7.80 7.54
N TRP D 188 48.56 7.79 6.54
CA TRP D 188 48.94 8.22 5.19
C TRP D 188 49.08 9.73 5.01
N VAL D 189 48.25 10.51 5.69
CA VAL D 189 48.46 11.96 5.67
C VAL D 189 49.85 12.25 6.23
N ASN D 190 50.20 11.64 7.36
CA ASN D 190 51.50 11.86 7.99
C ASN D 190 52.63 11.41 7.09
N HIS D 191 52.46 10.29 6.41
CA HIS D 191 53.43 9.83 5.42
C HIS D 191 53.72 10.89 4.35
N LEU D 192 52.65 11.48 3.82
CA LEU D 192 52.75 12.52 2.80
C LEU D 192 53.36 13.83 3.32
N GLN D 193 52.98 14.23 4.53
CA GLN D 193 53.59 15.42 5.16
C GLN D 193 55.10 15.23 5.42
N ALA D 194 55.50 13.99 5.73
CA ALA D 194 56.90 13.63 5.92
C ALA D 194 57.69 13.67 4.62
N LEU D 195 57.11 13.15 3.54
CA LEU D 195 57.72 13.29 2.20
C LEU D 195 57.91 14.76 1.80
N LYS D 196 57.00 15.64 2.19
CA LYS D 196 57.18 17.07 1.91
C LYS D 196 58.33 17.68 2.71
N LYS D 197 58.35 17.40 4.00
CA LYS D 197 59.45 17.81 4.87
C LYS D 197 60.82 17.35 4.40
N LYS D 198 60.95 16.11 3.91
CA LYS D 198 62.23 15.59 3.40
C LYS D 198 62.59 16.07 2.02
N GLY D 199 61.68 16.77 1.34
CA GLY D 199 61.94 17.33 0.02
C GLY D 199 61.51 16.52 -1.20
N ASP D 200 60.90 15.34 -1.01
CA ASP D 200 60.42 14.49 -2.13
C ASP D 200 59.12 15.01 -2.77
N LEU D 201 58.41 15.89 -2.07
CA LEU D 201 57.27 16.60 -2.62
C LEU D 201 57.43 18.07 -2.28
N SER D 202 56.83 18.93 -3.11
CA SER D 202 56.87 20.38 -2.88
C SER D 202 56.29 20.76 -1.52
N LYS D 203 56.89 21.73 -0.85
CA LYS D 203 56.37 22.17 0.43
C LYS D 203 55.03 22.89 0.32
N ASP D 204 54.69 23.34 -0.88
CA ASP D 204 53.39 23.99 -1.15
C ASP D 204 52.24 23.06 -1.56
N LEU D 205 52.53 21.77 -1.70
CA LEU D 205 51.52 20.74 -2.00
C LEU D 205 50.68 20.53 -0.75
N TRP D 206 49.38 20.64 -0.89
CA TRP D 206 48.49 20.53 0.25
C TRP D 206 47.94 19.11 0.37
N ILE D 207 47.84 18.62 1.61
CA ILE D 207 47.33 17.29 1.88
C ILE D 207 46.02 17.38 2.66
N THR D 208 45.04 16.55 2.32
CA THR D 208 43.75 16.55 2.95
C THR D 208 43.19 15.15 2.95
N SER D 209 41.97 15.04 3.46
CA SER D 209 41.12 13.87 3.22
C SER D 209 39.78 14.41 2.85
N SER D 210 39.11 13.78 1.89
CA SER D 210 37.80 14.28 1.46
C SER D 210 36.72 13.37 2.05
N ASP D 211 35.85 13.94 2.87
CA ASP D 211 34.92 13.13 3.63
C ASP D 211 33.66 13.88 4.03
N ASN D 212 32.68 13.10 4.43
CA ASN D 212 31.41 13.60 4.98
C ASN D 212 31.59 14.50 6.18
N PHE D 213 30.73 15.50 6.29
CA PHE D 213 30.77 16.44 7.42
C PHE D 213 30.84 15.75 8.77
N ALA D 214 30.14 14.64 8.93
CA ALA D 214 30.15 13.92 10.18
C ALA D 214 31.51 13.30 10.50
N SER D 215 32.19 12.80 9.48
CA SER D 215 33.51 12.22 9.66
C SER D 215 34.52 13.25 10.15
N TRP D 216 34.31 14.51 9.80
CA TRP D 216 35.14 15.59 10.25
C TRP D 216 34.68 16.19 11.57
N GLY D 217 33.78 15.52 12.27
CA GLY D 217 33.37 15.94 13.58
C GLY D 217 32.13 16.82 13.65
N GLY D 218 31.44 17.05 12.53
CA GLY D 218 30.27 17.95 12.54
C GLY D 218 28.92 17.32 12.80
N GLY D 219 28.87 16.06 13.23
CA GLY D 219 27.61 15.37 13.42
C GLY D 219 27.66 14.52 14.69
N ASP D 220 27.37 13.21 14.58
CA ASP D 220 27.33 12.31 15.74
C ASP D 220 28.67 12.38 16.47
N PRO D 221 28.64 12.61 17.80
CA PRO D 221 29.90 12.69 18.55
C PRO D 221 30.68 11.38 18.72
N GLN D 222 30.08 10.26 18.35
CA GLN D 222 30.80 8.99 18.18
C GLN D 222 32.13 9.12 17.38
N TYR D 223 32.13 10.02 16.38
CA TYR D 223 33.33 10.33 15.63
C TYR D 223 34.43 11.10 16.43
N HIS D 224 34.09 11.79 17.52
CA HIS D 224 35.03 12.64 18.26
C HIS D 224 36.08 11.86 19.07
N VAL D 225 37.02 11.23 18.38
CA VAL D 225 38.05 10.38 18.99
C VAL D 225 39.44 11.07 18.80
N GLU D 226 40.40 10.66 19.62
CA GLU D 226 41.73 11.24 19.62
C GLU D 226 42.33 11.23 18.21
N ASP D 227 42.23 10.11 17.51
CA ASP D 227 42.81 10.01 16.15
C ASP D 227 42.28 11.05 15.15
N LEU D 228 41.00 11.41 15.25
CA LEU D 228 40.43 12.46 14.42
C LEU D 228 41.03 13.83 14.76
N THR D 229 41.23 14.13 16.04
CA THR D 229 41.87 15.38 16.44
C THR D 229 43.28 15.50 15.84
N LYS D 230 44.05 14.42 15.90
CA LYS D 230 45.39 14.37 15.27
C LYS D 230 45.36 14.52 13.74
N LEU D 231 44.37 13.92 13.11
CA LEU D 231 44.16 14.09 11.66
C LEU D 231 43.85 15.53 11.28
N ILE D 232 42.98 16.17 12.06
CA ILE D 232 42.65 17.59 11.81
C ILE D 232 43.87 18.47 11.96
N GLU D 233 44.76 18.14 12.89
CA GLU D 233 46.04 18.82 12.96
C GLU D 233 47.00 18.52 11.82
N ALA D 234 47.01 17.29 11.30
CA ALA D 234 47.98 16.91 10.27
C ALA D 234 47.67 17.44 8.88
N VAL D 235 46.40 17.55 8.52
CA VAL D 235 46.03 18.02 7.16
C VAL D 235 46.31 19.48 6.97
N ASP D 236 46.47 19.89 5.73
CA ASP D 236 46.60 21.32 5.41
C ASP D 236 45.24 22.01 5.42
N TYR D 237 44.19 21.28 5.03
CA TYR D 237 42.81 21.78 5.13
C TYR D 237 41.84 20.61 5.22
N LEU D 238 40.57 20.92 5.48
CA LEU D 238 39.50 19.93 5.54
C LEU D 238 38.61 20.00 4.29
N SER D 239 38.49 18.88 3.57
CA SER D 239 37.61 18.77 2.41
C SER D 239 36.33 18.07 2.88
N VAL D 240 35.25 18.84 2.90
CA VAL D 240 34.01 18.44 3.55
C VAL D 240 32.90 18.18 2.53
N HIS D 241 32.19 17.06 2.69
CA HIS D 241 31.03 16.76 1.85
C HIS D 241 29.72 16.98 2.59
N THR D 242 28.74 17.53 1.90
CA THR D 242 27.39 17.67 2.43
C THR D 242 26.39 17.47 1.31
N TYR D 243 25.34 16.69 1.57
CA TYR D 243 24.37 16.30 0.54
C TYR D 243 22.91 16.46 0.97
N PRO D 244 22.41 17.70 0.99
CA PRO D 244 20.96 17.91 1.18
C PRO D 244 20.06 17.06 0.30
N MET D 245 20.38 16.93 -0.99
CA MET D 245 19.53 16.16 -1.89
C MET D 245 19.23 14.77 -1.29
N HIS D 246 20.26 14.08 -0.85
CA HIS D 246 20.09 12.77 -0.25
C HIS D 246 19.24 12.84 1.00
N ASP D 247 19.45 13.87 1.80
CA ASP D 247 18.69 14.03 3.04
C ASP D 247 17.22 14.37 2.80
N THR D 248 16.82 14.82 1.61
CA THR D 248 15.36 14.95 1.31
C THR D 248 14.62 13.63 1.54
N HIS D 249 15.35 12.53 1.56
CA HIS D 249 14.81 11.25 1.96
C HIS D 249 15.26 10.81 3.34
N TYR D 250 16.56 10.79 3.60
CA TYR D 250 17.13 10.23 4.85
C TYR D 250 16.99 11.08 6.08
N ASN D 251 16.77 12.37 5.91
CA ASN D 251 16.50 13.26 7.02
C ASN D 251 15.70 14.47 6.57
N PRO D 252 14.43 14.25 6.32
CA PRO D 252 13.65 15.19 5.53
C PRO D 252 13.01 16.39 6.25
N ILE D 253 13.39 16.66 7.51
CA ILE D 253 12.69 17.69 8.35
C ILE D 253 12.77 19.08 7.73
N PHE D 254 13.80 19.33 6.93
CA PHE D 254 14.02 20.63 6.24
C PHE D 254 13.31 20.76 4.88
N TRP D 255 12.82 19.63 4.35
CA TRP D 255 12.40 19.55 2.95
C TRP D 255 10.88 19.51 2.83
N GLY D 256 10.32 20.50 2.15
CA GLY D 256 8.91 20.52 1.84
C GLY D 256 8.37 21.87 1.53
N VAL D 257 7.04 21.92 1.40
CA VAL D 257 6.27 23.16 1.41
C VAL D 257 5.50 23.12 2.73
N PHE D 258 5.75 24.14 3.58
CA PHE D 258 5.28 24.14 4.99
C PHE D 258 4.26 25.27 5.22
N GLY D 259 3.20 24.93 5.94
CA GLY D 259 2.14 25.87 6.35
C GLY D 259 1.68 26.87 5.32
N ASP D 260 1.80 28.15 5.68
CA ASP D 260 1.38 29.29 4.85
C ASP D 260 1.94 29.34 3.43
N GLU D 261 3.04 28.62 3.21
CA GLU D 261 3.68 28.53 1.88
C GLU D 261 2.78 27.97 0.77
N THR D 262 1.81 27.13 1.14
CA THR D 262 0.79 26.61 0.22
C THR D 262 0.05 27.74 -0.53
N GLU D 263 -0.21 28.86 0.13
CA GLU D 263 -0.84 30.03 -0.50
C GLU D 263 0.07 30.80 -1.46
N LEU D 264 1.36 30.50 -1.48
CA LEU D 264 2.29 31.20 -2.37
C LEU D 264 2.33 30.58 -3.78
N SER D 265 2.83 31.39 -4.72
CA SER D 265 3.12 30.97 -6.10
C SER D 265 4.02 29.71 -6.12
N SER D 266 3.80 28.87 -7.14
CA SER D 266 4.61 27.66 -7.35
C SER D 266 6.09 27.95 -7.51
N LEU D 267 6.41 29.04 -8.22
CA LEU D 267 7.78 29.52 -8.35
C LEU D 267 8.40 29.83 -7.00
N LYS D 268 7.63 30.49 -6.17
CA LYS D 268 8.11 30.89 -4.88
C LYS D 268 8.23 29.74 -3.90
N ARG D 269 7.31 28.79 -3.95
CA ARG D 269 7.40 27.57 -3.16
C ARG D 269 8.70 26.79 -3.40
N ILE D 270 9.09 26.66 -4.67
CA ILE D 270 10.35 26.01 -5.03
C ILE D 270 11.55 26.82 -4.51
N ASP D 271 11.57 28.14 -4.75
CA ASP D 271 12.66 28.99 -4.25
C ASP D 271 12.87 28.82 -2.74
N ILE D 272 11.80 28.88 -1.96
CA ILE D 272 11.85 28.81 -0.51
C ILE D 272 12.36 27.47 -0.07
N ALA D 273 11.85 26.40 -0.72
CA ALA D 273 12.23 25.04 -0.35
C ALA D 273 13.71 24.79 -0.66
N MET D 274 14.14 25.24 -1.84
CA MET D 274 15.53 25.13 -2.26
C MET D 274 16.47 25.98 -1.45
N ASN D 275 16.02 27.14 -1.01
CA ASN D 275 16.81 27.91 -0.04
C ASN D 275 17.06 27.15 1.27
N ARG D 276 16.07 26.43 1.75
CA ARG D 276 16.26 25.60 2.95
C ARG D 276 17.34 24.52 2.72
N ALA D 277 17.39 23.98 1.50
CA ALA D 277 18.38 22.99 1.11
C ALA D 277 19.81 23.54 1.09
N LYS D 278 19.95 24.75 0.56
CA LYS D 278 21.21 25.48 0.67
C LYS D 278 21.60 25.73 2.12
N THR D 279 20.69 26.29 2.92
CA THR D 279 21.03 26.62 4.33
C THR D 279 21.39 25.37 5.12
N TYR D 280 20.77 24.24 4.78
CA TYR D 280 21.08 22.95 5.40
C TYR D 280 22.53 22.54 5.18
N ALA D 281 23.01 22.69 3.95
CA ALA D 281 24.41 22.43 3.61
C ALA D 281 25.35 23.38 4.35
N VAL D 282 24.96 24.65 4.41
CA VAL D 282 25.76 25.64 5.11
C VAL D 282 25.92 25.25 6.57
N SER D 283 24.81 24.80 7.18
CA SER D 283 24.82 24.39 8.59
C SER D 283 25.77 23.24 8.86
N GLN D 284 25.77 22.26 7.94
CA GLN D 284 26.62 21.09 8.07
C GLN D 284 28.10 21.45 7.93
N SER D 285 28.42 22.30 6.98
CA SER D 285 29.77 22.85 6.88
C SER D 285 30.18 23.64 8.15
N ASP D 286 29.29 24.52 8.62
CA ASP D 286 29.55 25.33 9.80
C ASP D 286 29.74 24.51 11.08
N SER D 287 29.02 23.40 11.16
CA SER D 287 29.16 22.45 12.25
C SER D 287 30.58 21.88 12.33
N VAL D 288 31.21 21.65 11.17
CA VAL D 288 32.61 21.21 11.11
C VAL D 288 33.52 22.35 11.62
N ALA D 289 33.26 23.57 11.18
CA ALA D 289 34.02 24.73 11.65
C ALA D 289 33.93 24.92 13.16
N SER D 290 32.73 24.77 13.72
CA SER D 290 32.53 24.82 15.17
C SER D 290 33.31 23.73 15.90
N TYR D 291 33.33 22.54 15.34
CA TYR D 291 34.04 21.43 16.00
C TYR D 291 35.58 21.66 16.10
N ILE D 292 36.19 22.14 15.01
CA ILE D 292 37.63 22.38 14.99
C ILE D 292 37.94 23.60 15.89
N LYS D 293 37.09 24.62 15.89
CA LYS D 293 37.24 25.74 16.84
C LYS D 293 37.24 25.25 18.29
N SER D 294 36.36 24.33 18.63
CA SER D 294 36.31 23.74 19.99
C SER D 294 37.58 23.00 20.37
N LEU D 295 38.31 22.47 19.38
CA LEU D 295 39.61 21.84 19.64
C LEU D 295 40.78 22.85 19.66
N GLY D 296 40.50 24.13 19.49
CA GLY D 296 41.52 25.15 19.38
C GLY D 296 42.41 24.99 18.16
N ILE D 297 41.82 24.61 17.02
CA ILE D 297 42.56 24.41 15.77
C ILE D 297 41.94 25.32 14.71
N ASN D 298 42.81 26.02 13.99
CA ASN D 298 42.39 26.87 12.90
C ASN D 298 42.87 26.28 11.59
N LYS D 299 41.96 25.78 10.76
CA LYS D 299 42.28 25.28 9.44
C LYS D 299 41.23 25.77 8.48
N PRO D 300 41.62 25.98 7.21
CA PRO D 300 40.59 26.24 6.21
C PRO D 300 39.69 25.01 5.96
N ILE D 301 38.45 25.29 5.59
CA ILE D 301 37.49 24.29 5.20
C ILE D 301 37.08 24.63 3.81
N HIS D 302 37.08 23.60 2.96
CA HIS D 302 36.54 23.69 1.58
C HIS D 302 35.53 22.59 1.30
N ILE D 303 34.58 22.84 0.40
CA ILE D 303 33.58 21.84 0.06
C ILE D 303 34.12 20.91 -1.04
N GLY D 304 34.43 19.69 -0.65
CA GLY D 304 34.95 18.68 -1.55
C GLY D 304 33.93 17.95 -2.37
N GLU D 305 32.69 17.95 -1.93
CA GLU D 305 31.62 17.30 -2.70
C GLU D 305 30.24 17.75 -2.26
N THR D 306 29.45 18.22 -3.22
CA THR D 306 28.01 18.35 -3.06
C THR D 306 27.39 18.41 -4.42
N GLY D 307 26.11 18.05 -4.50
CA GLY D 307 25.43 17.95 -5.81
C GLY D 307 23.97 17.60 -5.71
N TRP D 308 23.26 17.79 -6.81
CA TRP D 308 21.82 17.60 -6.83
C TRP D 308 21.41 17.05 -8.18
N ALA D 309 21.00 15.78 -8.20
CA ALA D 309 20.80 15.09 -9.47
C ALA D 309 19.55 15.58 -10.21
N SER D 310 19.59 15.47 -11.54
CA SER D 310 18.50 15.96 -12.40
C SER D 310 17.43 14.90 -12.65
N PHE D 311 17.66 13.65 -12.22
CA PHE D 311 16.68 12.58 -12.39
C PHE D 311 16.86 11.47 -11.37
N SER D 312 15.76 10.86 -10.94
CA SER D 312 15.77 9.69 -10.04
C SER D 312 14.52 8.86 -10.15
N ASN D 313 14.69 7.56 -10.30
CA ASN D 313 13.58 6.63 -10.33
C ASN D 313 13.48 5.85 -9.04
N GLY D 314 14.17 6.30 -7.99
CA GLY D 314 14.05 5.73 -6.66
C GLY D 314 13.51 6.77 -5.71
N TYR D 315 14.25 6.96 -4.61
CA TYR D 315 13.80 7.81 -3.50
C TYR D 315 13.68 9.30 -3.77
N TYR D 316 14.42 9.84 -4.74
CA TYR D 316 14.60 11.29 -4.83
C TYR D 316 13.79 11.96 -5.93
N GLY D 317 13.05 11.17 -6.73
CA GLY D 317 12.26 11.71 -7.84
C GLY D 317 10.75 11.63 -7.66
N ALA D 318 10.03 11.39 -8.74
CA ALA D 318 8.55 11.25 -8.72
C ALA D 318 8.00 10.16 -7.79
N LYS D 319 8.75 9.07 -7.56
CA LYS D 319 8.34 7.97 -6.68
C LYS D 319 8.75 8.20 -5.22
N GLY D 320 9.31 9.36 -4.89
CA GLY D 320 9.79 9.69 -3.53
C GLY D 320 9.73 11.18 -3.26
N SER D 321 10.87 11.79 -2.96
CA SER D 321 10.93 13.14 -2.38
C SER D 321 10.70 14.32 -3.34
N LYS D 322 10.55 14.07 -4.64
CA LYS D 322 10.34 15.14 -5.65
C LYS D 322 11.50 16.15 -5.73
N ALA D 323 12.71 15.70 -5.44
CA ALA D 323 13.86 16.56 -5.46
C ALA D 323 14.49 16.73 -6.85
N THR D 324 14.58 15.65 -7.62
CA THR D 324 15.41 15.60 -8.80
C THR D 324 14.71 16.10 -10.04
N ASP D 325 15.29 17.15 -10.63
CA ASP D 325 15.00 17.65 -11.98
C ASP D 325 16.03 18.77 -12.30
N GLU D 326 16.11 19.20 -13.56
CA GLU D 326 17.16 20.12 -13.96
C GLU D 326 17.00 21.51 -13.38
N TYR D 327 15.76 21.87 -13.05
CA TYR D 327 15.45 23.20 -12.50
C TYR D 327 15.95 23.32 -11.06
N LYS D 328 15.60 22.35 -10.25
CA LYS D 328 16.09 22.35 -8.87
C LYS D 328 17.58 22.17 -8.79
N GLU D 329 18.16 21.40 -9.70
CA GLU D 329 19.63 21.28 -9.78
C GLU D 329 20.30 22.64 -10.04
N ALA D 330 19.75 23.40 -10.99
CA ALA D 330 20.26 24.73 -11.29
C ALA D 330 20.15 25.65 -10.09
N ILE D 331 19.01 25.64 -9.42
CA ILE D 331 18.86 26.47 -8.24
C ILE D 331 19.90 26.09 -7.17
N PHE D 332 20.09 24.80 -6.95
CA PHE D 332 21.04 24.38 -5.96
C PHE D 332 22.47 24.77 -6.34
N TYR D 333 22.85 24.52 -7.59
CA TYR D 333 24.19 24.83 -8.09
C TYR D 333 24.54 26.31 -7.85
N ASN D 334 23.60 27.21 -8.23
CA ASN D 334 23.79 28.66 -8.10
C ASN D 334 23.85 29.12 -6.66
N HIS D 335 23.01 28.56 -5.82
CA HIS D 335 23.09 28.86 -4.40
C HIS D 335 24.41 28.44 -3.79
N ILE D 336 24.93 27.28 -4.18
CA ILE D 336 26.17 26.75 -3.65
C ILE D 336 27.34 27.63 -4.12
N ARG D 337 27.29 28.05 -5.37
CA ARG D 337 28.30 28.96 -5.93
C ARG D 337 28.30 30.32 -5.22
N GLU D 338 27.13 30.94 -5.05
CA GLU D 338 27.03 32.18 -4.28
C GLU D 338 27.56 32.04 -2.88
N TRP D 339 27.11 31.02 -2.16
CA TRP D 339 27.57 30.79 -0.77
C TRP D 339 29.09 30.61 -0.71
N THR D 340 29.64 29.74 -1.54
CA THR D 340 31.06 29.40 -1.45
C THR D 340 31.96 30.56 -1.89
N ASN D 341 31.54 31.32 -2.89
CA ASN D 341 32.32 32.48 -3.34
C ASN D 341 32.31 33.63 -2.31
N GLU D 342 31.17 33.86 -1.62
CA GLU D 342 31.10 34.83 -0.49
C GLU D 342 31.85 34.37 0.76
N ALA D 343 31.96 33.08 1.00
CA ALA D 343 32.68 32.53 2.17
C ALA D 343 34.15 32.20 1.89
N ASN D 344 34.63 32.50 0.68
CA ASN D 344 35.96 32.06 0.20
C ASN D 344 36.27 30.56 0.41
N MET D 345 35.36 29.73 -0.08
CA MET D 345 35.55 28.29 -0.15
C MET D 345 35.53 27.88 -1.63
N SER D 346 36.40 26.96 -1.99
CA SER D 346 36.22 26.17 -3.19
C SER D 346 35.03 25.22 -3.00
N CYS D 347 34.35 24.94 -4.10
CA CYS D 347 33.36 23.88 -4.13
C CYS D 347 33.61 22.99 -5.33
N PHE D 348 34.04 21.76 -5.07
CA PHE D 348 34.25 20.80 -6.14
C PHE D 348 32.92 20.15 -6.44
N TYR D 349 32.09 20.88 -7.20
CA TYR D 349 30.68 20.55 -7.29
C TYR D 349 30.53 19.22 -8.05
N PHE D 350 29.59 18.41 -7.60
CA PHE D 350 29.36 17.09 -8.20
C PHE D 350 28.16 17.17 -9.14
N GLU D 351 28.36 17.12 -10.45
CA GLU D 351 29.59 16.75 -11.11
C GLU D 351 29.62 17.38 -12.52
N ALA D 352 30.74 17.32 -13.24
CA ALA D 352 30.77 17.94 -14.57
C ALA D 352 29.81 17.27 -15.54
N PHE D 353 30.00 15.98 -15.75
CA PHE D 353 29.23 15.19 -16.74
C PHE D 353 28.52 13.99 -16.08
N ASP D 354 27.30 13.68 -16.52
CA ASP D 354 26.65 12.42 -16.14
C ASP D 354 27.60 11.27 -16.41
N GLU D 355 27.65 10.37 -15.45
CA GLU D 355 28.49 9.19 -15.55
C GLU D 355 27.61 7.96 -15.37
N PRO D 356 27.26 7.29 -16.47
CA PRO D 356 26.30 6.18 -16.35
C PRO D 356 26.84 4.84 -15.84
N TRP D 357 28.11 4.74 -15.48
CA TRP D 357 28.64 3.50 -14.83
C TRP D 357 28.32 3.39 -13.33
N LYS D 358 27.84 4.47 -12.71
CA LYS D 358 27.75 4.56 -11.23
C LYS D 358 26.60 3.73 -10.68
N ASP D 359 25.49 3.70 -11.42
CA ASP D 359 24.42 2.74 -11.19
C ASP D 359 24.21 2.03 -12.54
N ALA D 360 25.16 1.14 -12.85
CA ALA D 360 25.27 0.53 -14.17
C ALA D 360 24.01 -0.20 -14.65
N HIS D 361 23.42 -0.99 -13.77
CA HIS D 361 22.21 -1.76 -14.08
C HIS D 361 20.89 -1.03 -13.96
N ASN D 362 20.91 0.26 -13.68
CA ASN D 362 19.69 1.05 -13.61
C ASN D 362 19.92 2.49 -14.08
N SER D 363 19.68 2.74 -15.37
CA SER D 363 20.05 4.06 -15.94
C SER D 363 19.30 5.24 -15.34
N GLY D 364 18.08 5.01 -14.84
CA GLY D 364 17.32 6.03 -14.09
C GLY D 364 17.76 6.33 -12.66
N GLY D 365 18.72 5.56 -12.13
CA GLY D 365 19.29 5.83 -10.84
C GLY D 365 19.97 7.21 -10.77
N SER D 366 19.75 7.90 -9.67
CA SER D 366 20.23 9.27 -9.52
C SER D 366 21.75 9.39 -9.64
N GLU D 367 22.49 8.37 -9.24
CA GLU D 367 23.93 8.37 -9.38
C GLU D 367 24.42 8.68 -10.79
N ASN D 368 23.62 8.31 -11.79
CA ASN D 368 23.95 8.57 -13.20
C ASN D 368 23.53 9.94 -13.69
N HIS D 369 23.02 10.81 -12.82
CA HIS D 369 22.45 12.07 -13.30
C HIS D 369 22.93 13.33 -12.56
N PHE D 370 24.14 13.28 -12.04
CA PHE D 370 24.69 14.41 -11.29
C PHE D 370 25.40 15.46 -12.14
N GLY D 371 25.54 15.22 -13.42
CA GLY D 371 26.20 16.16 -14.31
C GLY D 371 25.52 17.51 -14.50
N LEU D 372 26.32 18.51 -14.87
CA LEU D 372 25.81 19.74 -15.44
C LEU D 372 25.53 19.52 -16.93
N PHE D 373 26.24 18.56 -17.52
CA PHE D 373 25.98 18.10 -18.89
C PHE D 373 25.51 16.64 -18.87
N THR D 374 24.82 16.25 -19.95
CA THR D 374 24.41 14.88 -20.17
C THR D 374 25.61 14.11 -20.69
N VAL D 375 25.51 12.79 -20.77
CA VAL D 375 26.61 11.98 -21.31
C VAL D 375 26.95 12.43 -22.73
N ASP D 376 25.92 12.72 -23.54
CA ASP D 376 26.07 13.13 -24.94
C ASP D 376 26.54 14.58 -25.13
N GLY D 377 26.75 15.31 -24.04
CA GLY D 377 27.27 16.69 -24.11
C GLY D 377 26.21 17.76 -24.22
N LYS D 378 24.95 17.41 -23.93
CA LYS D 378 23.91 18.42 -23.84
C LYS D 378 24.03 19.19 -22.54
N ALA D 379 23.89 20.50 -22.61
CA ALA D 379 23.89 21.34 -21.42
C ALA D 379 22.49 21.35 -20.75
N LYS D 380 22.45 20.95 -19.48
CA LYS D 380 21.20 20.97 -18.70
C LYS D 380 20.84 22.39 -18.34
N TYR D 381 19.61 22.58 -17.88
CA TYR D 381 19.04 23.92 -17.61
C TYR D 381 20.02 24.89 -16.97
N VAL D 382 20.73 24.40 -15.98
CA VAL D 382 21.75 25.18 -15.25
C VAL D 382 22.75 25.95 -16.13
N LEU D 383 23.13 25.40 -17.29
CA LEU D 383 24.06 26.02 -18.24
C LEU D 383 23.46 26.55 -19.57
N TRP D 384 22.14 26.52 -19.74
CA TRP D 384 21.51 27.05 -20.98
C TRP D 384 21.95 28.46 -21.28
N ASP D 385 22.06 29.28 -20.24
CA ASP D 385 22.44 30.66 -20.40
C ASP D 385 23.82 30.78 -21.10
N LEU D 386 24.77 29.95 -20.65
CA LEU D 386 26.10 29.92 -21.26
C LEU D 386 26.11 29.43 -22.69
N VAL D 387 25.25 28.47 -23.03
CA VAL D 387 25.17 28.03 -24.45
C VAL D 387 24.75 29.22 -25.32
N ASP D 388 23.75 29.97 -24.87
CA ASP D 388 23.27 31.17 -25.60
C ASP D 388 24.34 32.26 -25.78
N LYS D 389 25.20 32.47 -24.79
CA LYS D 389 26.26 33.43 -24.92
C LYS D 389 27.36 32.93 -25.87
N GLY D 390 27.32 31.68 -26.32
CA GLY D 390 28.31 31.16 -27.25
C GLY D 390 29.57 30.59 -26.63
N VAL D 391 29.57 30.42 -25.31
CA VAL D 391 30.74 29.97 -24.59
C VAL D 391 31.30 28.63 -25.11
N PHE D 392 30.44 27.74 -25.59
CA PHE D 392 30.88 26.44 -26.07
C PHE D 392 30.92 26.31 -27.58
N GLU D 393 30.83 27.42 -28.31
CA GLU D 393 30.83 27.34 -29.78
C GLU D 393 32.12 26.74 -30.33
N GLY D 394 31.96 25.80 -31.24
CA GLY D 394 33.10 25.12 -31.86
C GLY D 394 33.61 23.93 -31.08
N LEU D 395 33.09 23.72 -29.86
CA LEU D 395 33.47 22.62 -29.01
C LEU D 395 32.50 21.47 -29.17
N THR D 396 33.01 20.29 -28.88
CA THR D 396 32.39 19.03 -29.25
C THR D 396 32.59 18.03 -28.10
N ARG D 397 31.61 17.15 -27.85
CA ARG D 397 31.85 15.92 -27.07
C ARG D 397 31.39 14.69 -27.86
N GLY D 398 32.34 13.82 -28.23
CA GLY D 398 32.06 12.60 -28.99
C GLY D 398 31.39 12.85 -30.34
N GLY D 399 31.75 13.96 -30.98
CA GLY D 399 31.09 14.38 -32.22
C GLY D 399 29.92 15.33 -32.09
N ASN D 400 29.31 15.45 -30.91
CA ASN D 400 28.14 16.33 -30.73
C ASN D 400 28.48 17.75 -30.33
N PRO D 401 27.80 18.75 -30.93
CA PRO D 401 27.97 20.11 -30.40
C PRO D 401 27.22 20.26 -29.06
N ILE D 402 27.59 21.27 -28.30
CA ILE D 402 27.00 21.51 -27.01
C ILE D 402 25.66 22.20 -27.19
N THR D 403 24.62 21.40 -27.08
CA THR D 403 23.22 21.78 -27.30
C THR D 403 22.51 21.89 -25.97
N LYS D 404 21.46 22.70 -25.92
CA LYS D 404 20.58 22.77 -24.75
C LYS D 404 19.66 21.53 -24.64
N THR D 405 19.50 21.00 -23.42
CA THR D 405 18.47 19.97 -23.14
C THR D 405 17.10 20.59 -23.36
N TYR D 406 16.09 19.77 -23.64
CA TYR D 406 14.70 20.26 -23.91
C TYR D 406 14.57 21.24 -25.09
N ASN D 407 15.59 21.34 -25.94
CA ASN D 407 15.65 22.39 -26.96
C ASN D 407 15.57 23.81 -26.43
N GLY D 408 16.02 23.98 -25.19
CA GLY D 408 15.98 25.27 -24.56
C GLY D 408 14.59 25.77 -24.24
N ASN D 409 13.63 24.85 -24.15
CA ASN D 409 12.24 25.19 -23.92
C ASN D 409 11.89 25.06 -22.45
N LYS D 410 11.85 26.21 -21.79
CA LYS D 410 11.64 26.28 -20.36
C LYS D 410 10.25 25.72 -19.97
N GLU D 411 9.26 25.97 -20.80
CA GLU D 411 7.93 25.43 -20.56
C GLU D 411 7.96 23.92 -20.51
N ALA D 412 8.67 23.28 -21.43
CA ALA D 412 8.72 21.84 -21.50
C ALA D 412 9.37 21.25 -20.25
N LEU D 413 10.35 21.97 -19.70
CA LEU D 413 10.99 21.55 -18.45
C LEU D 413 10.01 21.66 -17.28
N PHE D 414 9.37 22.81 -17.18
CA PHE D 414 8.46 23.07 -16.08
C PHE D 414 7.33 22.05 -15.97
N LEU D 415 6.84 21.55 -17.11
CA LEU D 415 5.83 20.48 -17.05
C LEU D 415 6.32 19.24 -16.32
N GLU D 416 7.58 18.90 -16.51
CA GLU D 416 8.15 17.75 -15.88
C GLU D 416 8.49 17.98 -14.42
N VAL D 417 8.78 19.22 -14.01
CA VAL D 417 9.18 19.42 -12.62
C VAL D 417 7.93 19.30 -11.73
N GLU D 418 8.11 18.62 -10.59
CA GLU D 418 7.09 18.54 -9.54
C GLU D 418 7.47 19.44 -8.37
N LEU D 419 6.48 19.82 -7.55
CA LEU D 419 6.72 20.58 -6.32
C LEU D 419 7.11 19.69 -5.16
N PRO D 420 7.80 20.25 -4.18
CA PRO D 420 8.14 19.44 -3.02
C PRO D 420 6.86 19.01 -2.29
N PRO D 421 6.92 17.93 -1.54
CA PRO D 421 5.70 17.50 -0.84
C PRO D 421 5.29 18.49 0.25
N VAL D 422 3.97 18.63 0.42
CA VAL D 422 3.37 19.47 1.44
C VAL D 422 3.60 18.82 2.81
N LYS D 423 4.04 19.59 3.81
CA LYS D 423 4.18 19.07 5.18
C LYS D 423 3.51 19.94 6.22
N LYS D 424 3.10 19.18 7.24
CA LYS D 424 2.67 19.61 8.59
C LYS D 424 3.69 20.51 9.23
N GLU D 425 3.29 21.73 9.60
CA GLU D 425 4.11 22.61 10.43
C GLU D 425 3.48 22.71 11.82
N ILE D 426 4.23 22.28 12.84
CA ILE D 426 3.89 22.54 14.23
C ILE D 426 4.55 23.86 14.62
N THR D 427 3.79 24.75 15.27
CA THR D 427 4.32 26.00 15.82
C THR D 427 4.73 25.74 17.26
N LYS D 428 5.97 26.08 17.59
CA LYS D 428 6.49 25.99 18.96
C LYS D 428 6.13 27.26 19.68
N ASN D 429 6.01 27.18 21.01
CA ASN D 429 5.53 28.33 21.81
C ASN D 429 6.67 29.31 22.16
N HIS D 430 7.41 29.73 21.14
CA HIS D 430 8.63 30.55 21.31
C HIS D 430 8.28 32.00 21.09
N VAL E 38 -4.23 -33.80 -47.36
CA VAL E 38 -4.50 -32.99 -48.60
C VAL E 38 -5.43 -31.84 -48.23
N THR E 39 -6.56 -32.07 -47.53
CA THR E 39 -7.60 -31.01 -47.32
C THR E 39 -7.80 -30.55 -45.84
N ALA E 40 -8.38 -29.36 -45.61
CA ALA E 40 -8.64 -28.90 -44.22
C ALA E 40 -9.49 -29.90 -43.38
N LYS E 41 -10.57 -30.40 -44.00
CA LYS E 41 -11.37 -31.51 -43.42
C LYS E 41 -10.56 -32.75 -42.99
N ASP E 42 -9.51 -33.09 -43.71
CA ASP E 42 -8.62 -34.21 -43.32
C ASP E 42 -7.70 -33.85 -42.15
N ILE E 43 -7.27 -32.59 -42.12
CA ILE E 43 -6.19 -32.13 -41.25
C ILE E 43 -6.69 -31.75 -39.84
N LEU E 44 -7.76 -30.99 -39.80
CA LEU E 44 -8.19 -30.44 -38.54
C LEU E 44 -8.80 -31.54 -37.69
N GLY E 45 -8.37 -31.59 -36.44
CA GLY E 45 -8.85 -32.61 -35.51
C GLY E 45 -8.17 -33.95 -35.64
N ASN E 46 -7.09 -33.99 -36.40
CA ASN E 46 -6.35 -35.18 -36.66
C ASN E 46 -5.00 -35.00 -36.00
N SER E 47 -4.71 -35.84 -35.00
CA SER E 47 -3.50 -35.68 -34.23
C SER E 47 -2.20 -36.03 -34.96
N LYS E 48 -2.30 -36.62 -36.17
CA LYS E 48 -1.13 -36.73 -37.04
C LYS E 48 -0.68 -35.38 -37.63
N TYR E 49 -1.56 -34.37 -37.60
CA TYR E 49 -1.25 -33.00 -38.04
C TYR E 49 -1.38 -31.94 -36.89
N LEU E 50 -0.44 -31.99 -35.94
CA LEU E 50 -0.42 -31.07 -34.80
C LEU E 50 -0.30 -29.64 -35.28
N ALA E 51 -1.08 -28.75 -34.66
CA ALA E 51 -1.14 -27.32 -35.01
C ALA E 51 -0.40 -26.48 -34.00
N ILE E 52 -0.04 -25.28 -34.45
CA ILE E 52 0.65 -24.27 -33.63
C ILE E 52 0.40 -22.86 -34.18
N SER E 53 0.37 -21.86 -33.30
CA SER E 53 0.41 -20.46 -33.73
C SER E 53 1.86 -20.07 -33.95
N TYR E 54 2.13 -19.37 -35.07
CA TYR E 54 3.52 -19.06 -35.46
C TYR E 54 3.78 -17.63 -35.88
N GLY E 55 4.88 -17.11 -35.34
CA GLY E 55 5.55 -15.91 -35.85
C GLY E 55 7.04 -16.11 -35.73
N GLY E 56 7.78 -15.55 -36.68
CA GLY E 56 9.21 -15.82 -36.90
C GLY E 56 10.05 -14.60 -36.65
N TYR E 57 9.42 -13.53 -36.19
CA TYR E 57 10.11 -12.30 -35.89
C TYR E 57 11.07 -12.56 -34.74
N ARG E 58 12.28 -12.02 -34.86
CA ARG E 58 13.36 -12.20 -33.88
C ARG E 58 13.77 -10.92 -33.11
N LYS E 59 13.22 -9.77 -33.47
CA LYS E 59 13.62 -8.49 -32.88
C LYS E 59 12.40 -7.79 -32.31
N LYS E 60 12.64 -6.63 -31.67
CA LYS E 60 11.61 -5.91 -30.93
C LYS E 60 10.67 -5.08 -31.78
N SER E 61 10.84 -5.16 -33.09
CA SER E 61 9.92 -4.53 -34.02
C SER E 61 9.70 -5.45 -35.21
N ARG E 62 8.46 -5.46 -35.67
CA ARG E 62 8.10 -6.16 -36.90
C ARG E 62 8.64 -5.46 -38.17
N ASP E 63 9.13 -4.24 -38.06
CA ASP E 63 9.93 -3.59 -39.12
C ASP E 63 11.12 -4.44 -39.54
N PHE E 64 11.69 -5.18 -38.60
CA PHE E 64 12.74 -6.17 -38.88
C PHE E 64 12.10 -7.52 -39.28
N GLN E 65 11.74 -7.63 -40.56
CA GLN E 65 11.18 -8.87 -41.13
C GLN E 65 12.20 -9.97 -41.16
N PRO E 66 11.82 -11.17 -40.74
CA PRO E 66 12.77 -12.23 -40.87
C PRO E 66 12.94 -12.61 -42.34
N SER E 67 14.13 -13.08 -42.69
CA SER E 67 14.42 -13.50 -44.06
C SER E 67 13.84 -14.90 -44.33
N ILE E 68 13.72 -15.24 -45.61
CA ILE E 68 13.27 -16.54 -46.02
C ILE E 68 14.19 -17.64 -45.43
N GLU E 69 15.49 -17.38 -45.39
CA GLU E 69 16.42 -18.34 -44.81
C GLU E 69 16.12 -18.54 -43.31
N GLU E 70 15.85 -17.45 -42.59
CA GLU E 70 15.49 -17.53 -41.18
C GLU E 70 14.18 -18.33 -40.95
N LEU E 71 13.19 -18.05 -41.76
CA LEU E 71 11.92 -18.77 -41.67
C LEU E 71 12.08 -20.28 -41.93
N LYS E 72 12.97 -20.65 -42.83
CA LYS E 72 13.21 -22.05 -43.11
C LYS E 72 13.78 -22.77 -41.92
N GLU E 73 14.69 -22.12 -41.23
CA GLU E 73 15.20 -22.63 -39.97
C GLU E 73 14.03 -23.04 -39.04
N ASP E 74 13.07 -22.12 -38.87
CA ASP E 74 11.91 -22.37 -38.00
C ASP E 74 11.06 -23.53 -38.49
N MET E 75 10.76 -23.52 -39.79
CA MET E 75 9.99 -24.58 -40.39
C MET E 75 10.63 -25.95 -40.16
N LYS E 76 11.95 -26.05 -40.28
CA LYS E 76 12.63 -27.33 -40.06
C LYS E 76 12.47 -27.78 -38.64
N ILE E 77 12.65 -26.86 -37.70
CA ILE E 77 12.45 -27.13 -36.24
C ILE E 77 11.03 -27.59 -35.89
N LEU E 78 10.03 -26.87 -36.41
CA LEU E 78 8.64 -27.24 -36.16
C LEU E 78 8.28 -28.60 -36.80
N HIS E 79 8.75 -28.81 -38.02
CA HIS E 79 8.53 -30.07 -38.72
C HIS E 79 9.12 -31.25 -37.96
N ALA E 80 10.32 -31.06 -37.41
CA ALA E 80 11.00 -32.11 -36.64
C ALA E 80 10.16 -32.54 -35.43
N MET E 81 9.45 -31.58 -34.85
CA MET E 81 8.53 -31.75 -33.70
C MET E 81 7.17 -32.36 -34.04
N ASN E 82 6.91 -32.71 -35.28
CA ASN E 82 5.58 -33.16 -35.75
C ASN E 82 4.52 -32.09 -35.91
N ILE E 83 4.92 -30.82 -35.97
CA ILE E 83 3.98 -29.77 -36.31
C ILE E 83 3.76 -29.87 -37.81
N ARG E 84 2.51 -29.91 -38.24
CA ARG E 84 2.18 -29.97 -39.68
C ARG E 84 1.26 -28.84 -40.16
N ILE E 85 0.70 -28.05 -39.24
CA ILE E 85 -0.06 -26.89 -39.68
C ILE E 85 0.22 -25.70 -38.78
N LEU E 86 0.43 -24.54 -39.41
CA LEU E 86 0.61 -23.34 -38.63
C LEU E 86 -0.38 -22.25 -38.98
N ARG E 87 -0.46 -21.28 -38.07
CA ARG E 87 -1.41 -20.18 -38.10
C ARG E 87 -0.69 -18.84 -38.13
N THR E 88 -1.31 -17.89 -38.83
CA THR E 88 -0.73 -16.59 -39.13
C THR E 88 -1.82 -15.52 -38.92
N TYR E 89 -1.43 -14.26 -38.78
CA TYR E 89 -2.36 -13.23 -38.27
C TYR E 89 -2.78 -12.13 -39.23
N ASN E 90 -1.83 -11.70 -40.07
CA ASN E 90 -2.17 -10.76 -41.13
C ASN E 90 -1.43 -11.08 -42.39
N VAL E 91 -1.92 -10.43 -43.45
CA VAL E 91 -1.36 -10.47 -44.80
C VAL E 91 -0.99 -9.07 -45.32
N ARG E 92 -0.84 -8.14 -44.41
CA ARG E 92 -0.42 -6.77 -44.70
C ARG E 92 1.09 -6.65 -44.79
N LEU E 93 1.78 -7.16 -43.78
CA LEU E 93 3.22 -7.26 -43.78
C LEU E 93 3.61 -8.49 -44.56
N ALA E 94 4.87 -8.52 -44.98
CA ALA E 94 5.41 -9.54 -45.88
C ALA E 94 5.52 -10.91 -45.26
N HIS E 95 5.58 -10.93 -43.93
CA HIS E 95 5.79 -12.13 -43.12
C HIS E 95 5.06 -13.41 -43.59
N THR E 96 3.74 -13.33 -43.79
CA THR E 96 2.97 -14.52 -44.12
C THR E 96 3.31 -15.05 -45.50
N SER E 97 3.41 -14.12 -46.44
CA SER E 97 3.87 -14.40 -47.79
C SER E 97 5.26 -15.04 -47.79
N ASN E 98 6.17 -14.56 -46.96
CA ASN E 98 7.50 -15.15 -46.91
C ASN E 98 7.49 -16.54 -46.31
N ILE E 99 6.57 -16.81 -45.41
CA ILE E 99 6.49 -18.15 -44.83
C ILE E 99 6.07 -19.14 -45.90
N LEU E 100 5.10 -18.74 -46.71
CA LEU E 100 4.66 -19.56 -47.84
C LEU E 100 5.82 -19.81 -48.82
N LYS E 101 6.61 -18.78 -49.13
CA LYS E 101 7.80 -18.94 -49.98
C LYS E 101 8.79 -19.93 -49.42
N ALA E 102 9.02 -19.81 -48.12
CA ALA E 102 9.94 -20.67 -47.39
C ALA E 102 9.49 -22.10 -47.42
N ILE E 103 8.19 -22.32 -47.19
CA ILE E 103 7.65 -23.69 -47.18
C ILE E 103 7.80 -24.24 -48.59
N ARG E 104 7.48 -23.43 -49.60
CA ARG E 104 7.59 -23.89 -50.99
C ARG E 104 9.03 -24.32 -51.30
N GLU E 105 10.02 -23.51 -50.93
CA GLU E 105 11.42 -23.89 -51.14
C GLU E 105 11.74 -25.21 -50.49
N LEU E 106 11.30 -25.41 -49.24
CA LEU E 106 11.59 -26.66 -48.54
C LEU E 106 10.91 -27.87 -49.17
N LYS E 107 9.73 -27.67 -49.75
CA LYS E 107 9.04 -28.77 -50.44
C LYS E 107 9.73 -29.14 -51.76
N ASN E 108 10.36 -28.17 -52.42
CA ASN E 108 11.18 -28.44 -53.61
C ASN E 108 12.47 -29.15 -53.27
N GLU E 109 13.07 -28.82 -52.13
CA GLU E 109 14.27 -29.50 -51.65
C GLU E 109 14.01 -30.93 -51.22
N ASP E 110 12.83 -31.18 -50.67
CA ASP E 110 12.51 -32.45 -50.04
C ASP E 110 11.05 -32.75 -50.32
N ALA E 111 10.81 -33.80 -51.08
CA ALA E 111 9.47 -34.18 -51.47
C ALA E 111 8.62 -34.70 -50.31
N ASN E 112 9.24 -35.18 -49.23
CA ASN E 112 8.48 -35.56 -48.02
C ASN E 112 8.16 -34.44 -47.02
N PHE E 113 8.72 -33.24 -47.21
CA PHE E 113 8.41 -32.11 -46.35
C PHE E 113 6.97 -31.70 -46.56
N GLU E 114 6.28 -31.46 -45.46
CA GLU E 114 4.82 -31.24 -45.43
C GLU E 114 4.55 -30.18 -44.33
N MET E 115 4.02 -29.03 -44.73
CA MET E 115 3.57 -28.00 -43.80
C MET E 115 2.41 -27.32 -44.39
N TYR E 116 1.34 -27.17 -43.62
CA TYR E 116 0.15 -26.44 -44.06
C TYR E 116 -0.05 -25.15 -43.29
N MET E 117 -0.89 -24.28 -43.84
CA MET E 117 -1.14 -22.97 -43.24
C MET E 117 -2.61 -22.57 -43.12
N MET E 118 -2.96 -22.05 -41.93
CA MET E 118 -4.19 -21.28 -41.68
C MET E 118 -3.79 -19.81 -41.82
N VAL E 119 -4.28 -19.13 -42.86
CA VAL E 119 -3.91 -17.76 -43.11
C VAL E 119 -4.92 -16.80 -42.49
N GLY E 120 -4.42 -15.89 -41.68
CA GLY E 120 -5.21 -14.84 -41.07
C GLY E 120 -5.26 -13.59 -41.91
N ALA E 121 -6.48 -13.16 -42.16
CA ALA E 121 -6.74 -11.87 -42.76
C ALA E 121 -7.17 -11.00 -41.59
N TRP E 122 -6.41 -9.93 -41.33
CA TRP E 122 -6.75 -9.03 -40.23
C TRP E 122 -7.90 -8.10 -40.59
N ILE E 123 -8.86 -8.01 -39.68
CA ILE E 123 -10.03 -7.14 -39.83
C ILE E 123 -10.04 -6.01 -38.78
N ASP E 124 -10.26 -4.78 -39.23
CA ASP E 124 -10.32 -3.61 -38.39
C ASP E 124 -11.69 -2.94 -38.51
N CYS E 125 -12.08 -2.24 -37.44
CA CYS E 125 -13.15 -1.24 -37.47
C CYS E 125 -12.62 0.08 -38.03
N LYS E 126 -13.53 1.00 -38.32
CA LYS E 126 -13.18 2.30 -38.88
C LYS E 126 -12.27 3.08 -37.95
N ASN E 127 -11.22 3.64 -38.55
CA ASN E 127 -10.18 4.43 -37.85
C ASN E 127 -9.28 3.71 -36.87
N ALA E 128 -9.39 2.41 -36.79
CA ALA E 128 -8.42 1.65 -36.02
C ALA E 128 -6.98 2.03 -36.38
N TRP E 129 -6.13 2.10 -35.35
CA TRP E 129 -4.72 2.43 -35.49
C TRP E 129 -4.43 3.83 -36.04
N THR E 130 -5.40 4.76 -35.96
CA THR E 130 -5.21 6.17 -36.34
C THR E 130 -5.47 7.05 -35.13
N ASP E 131 -5.37 8.36 -35.31
CA ASP E 131 -5.72 9.31 -34.27
C ASP E 131 -7.14 9.91 -34.48
N GLN E 132 -7.93 9.29 -35.34
CA GLN E 132 -9.32 9.69 -35.55
C GLN E 132 -10.29 8.88 -34.66
N PRO E 133 -11.52 9.38 -34.41
CA PRO E 133 -12.48 8.66 -33.57
C PRO E 133 -12.85 7.26 -34.07
N LEU E 134 -12.70 6.24 -33.23
CA LEU E 134 -13.06 4.86 -33.61
C LEU E 134 -14.56 4.76 -33.76
N ASN E 135 -15.00 3.95 -34.71
CA ASN E 135 -16.40 3.58 -34.87
C ASN E 135 -16.50 2.08 -35.03
N HIS E 136 -16.93 1.42 -33.97
CA HIS E 136 -17.02 -0.03 -33.94
C HIS E 136 -18.25 -0.55 -34.65
N HIS E 137 -19.09 0.34 -35.17
CA HIS E 137 -20.21 -0.05 -36.03
C HIS E 137 -19.94 0.13 -37.52
N GLU E 138 -18.74 0.52 -37.88
CA GLU E 138 -18.34 0.60 -39.26
C GLU E 138 -16.99 -0.08 -39.40
N GLU E 139 -16.66 -0.38 -40.63
CA GLU E 139 -15.50 -1.20 -40.97
C GLU E 139 -14.38 -0.30 -41.52
N SER E 140 -13.14 -0.76 -41.43
CA SER E 140 -12.04 -0.07 -42.08
C SER E 140 -12.14 -0.21 -43.61
N GLU E 141 -11.87 0.89 -44.31
CA GLU E 141 -11.76 0.91 -45.79
C GLU E 141 -10.66 -0.10 -46.24
N ASN E 142 -9.69 -0.41 -45.39
CA ASN E 142 -8.60 -1.36 -45.75
C ASN E 142 -8.87 -2.83 -45.65
N ASN E 143 -10.03 -3.21 -45.15
CA ASN E 143 -10.33 -4.65 -45.04
C ASN E 143 -10.38 -5.33 -46.40
N ALA E 144 -10.99 -4.66 -47.37
CA ALA E 144 -11.15 -5.21 -48.72
C ALA E 144 -9.82 -5.68 -49.31
N SER E 145 -8.78 -4.84 -49.30
CA SER E 145 -7.48 -5.21 -49.87
C SER E 145 -6.82 -6.36 -49.08
N GLU E 146 -7.00 -6.36 -47.76
CA GLU E 146 -6.45 -7.44 -46.90
C GLU E 146 -7.12 -8.80 -47.28
N ILE E 147 -8.44 -8.79 -47.46
CA ILE E 147 -9.10 -9.97 -47.98
C ILE E 147 -8.57 -10.34 -49.40
N ASP E 148 -8.43 -9.37 -50.31
CA ASP E 148 -7.86 -9.63 -51.65
C ASP E 148 -6.46 -10.27 -51.57
N ARG E 149 -5.60 -9.78 -50.68
CA ARG E 149 -4.26 -10.34 -50.58
C ARG E 149 -4.24 -11.77 -50.03
N ALA E 150 -5.19 -12.06 -49.15
CA ALA E 150 -5.35 -13.42 -48.57
C ALA E 150 -5.76 -14.38 -49.67
N VAL E 151 -6.72 -13.94 -50.48
CA VAL E 151 -7.21 -14.72 -51.60
C VAL E 151 -6.08 -15.04 -52.61
N ALA E 152 -5.31 -14.01 -52.97
CA ALA E 152 -4.15 -14.15 -53.87
C ALA E 152 -3.13 -15.18 -53.37
N LEU E 153 -2.87 -15.17 -52.08
CA LEU E 153 -1.99 -16.17 -51.47
C LEU E 153 -2.58 -17.56 -51.47
N ALA E 154 -3.88 -17.69 -51.21
CA ALA E 154 -4.51 -19.02 -51.23
C ALA E 154 -4.48 -19.62 -52.65
N GLN E 155 -4.55 -18.72 -53.65
CA GLN E 155 -4.42 -19.06 -55.06
C GLN E 155 -2.98 -19.38 -55.51
N GLU E 156 -1.96 -18.58 -55.15
CA GLU E 156 -0.55 -18.91 -55.50
C GLU E 156 -0.06 -20.18 -54.76
N PHE E 157 -0.58 -20.48 -53.55
CA PHE E 157 -0.08 -21.61 -52.75
C PHE E 157 -1.19 -22.53 -52.24
N PRO E 158 -2.01 -23.05 -53.17
CA PRO E 158 -3.17 -23.88 -52.73
C PRO E 158 -2.76 -25.23 -52.11
N ASP E 159 -1.54 -25.66 -52.35
CA ASP E 159 -1.00 -26.90 -51.76
C ASP E 159 -0.60 -26.76 -50.28
N ILE E 160 -0.49 -25.51 -49.81
CA ILE E 160 -0.12 -25.18 -48.43
C ILE E 160 -1.28 -24.54 -47.65
N VAL E 161 -1.91 -23.51 -48.22
CA VAL E 161 -3.00 -22.78 -47.60
C VAL E 161 -4.27 -23.62 -47.61
N LYS E 162 -4.69 -24.05 -46.42
CA LYS E 162 -5.91 -24.83 -46.25
C LYS E 162 -7.07 -24.11 -45.59
N VAL E 163 -6.81 -22.94 -44.98
CA VAL E 163 -7.83 -22.20 -44.24
C VAL E 163 -7.56 -20.70 -44.36
N ILE E 164 -8.62 -19.93 -44.55
CA ILE E 164 -8.57 -18.50 -44.36
C ILE E 164 -9.44 -18.14 -43.18
N ALA E 165 -8.85 -17.38 -42.24
CA ALA E 165 -9.54 -16.90 -41.06
C ALA E 165 -9.79 -15.42 -41.22
N VAL E 166 -11.07 -15.05 -41.19
CA VAL E 166 -11.49 -13.67 -41.29
C VAL E 166 -11.50 -13.09 -39.88
N GLY E 167 -10.43 -12.39 -39.54
CA GLY E 167 -10.31 -11.70 -38.27
C GLY E 167 -9.61 -12.50 -37.19
N ASN E 168 -9.00 -11.76 -36.26
CA ASN E 168 -8.42 -12.33 -35.09
C ASN E 168 -8.85 -11.58 -33.85
N GLU E 169 -9.79 -12.17 -33.12
CA GLU E 169 -10.41 -11.52 -31.96
C GLU E 169 -11.05 -10.21 -32.37
N ALA E 170 -11.56 -10.18 -33.60
CA ALA E 170 -12.08 -8.95 -34.13
C ALA E 170 -13.51 -8.61 -33.67
N MET E 171 -14.23 -9.55 -33.04
CA MET E 171 -15.57 -9.31 -32.52
C MET E 171 -15.64 -9.14 -31.00
N VAL E 172 -14.56 -9.47 -30.29
CA VAL E 172 -14.61 -9.44 -28.84
C VAL E 172 -14.68 -7.99 -28.37
N LYS E 173 -15.63 -7.69 -27.48
CA LYS E 173 -15.95 -6.29 -27.15
C LYS E 173 -14.86 -5.57 -26.37
N TRP E 174 -13.95 -6.33 -25.73
CA TRP E 174 -12.79 -5.75 -25.02
C TRP E 174 -11.58 -5.45 -25.92
N ALA E 175 -11.61 -5.80 -27.20
CA ALA E 175 -10.51 -5.44 -28.12
C ALA E 175 -10.75 -4.01 -28.62
N ALA E 176 -10.53 -3.07 -27.69
CA ALA E 176 -10.95 -1.68 -27.83
C ALA E 176 -10.33 -0.98 -28.99
N SER E 177 -9.14 -1.41 -29.38
CA SER E 177 -8.47 -0.74 -30.48
C SER E 177 -9.07 -0.94 -31.85
N TYR E 178 -9.79 -2.04 -32.08
CA TYR E 178 -10.19 -2.40 -33.45
C TYR E 178 -11.47 -3.21 -33.68
N PHE E 179 -12.19 -3.57 -32.64
CA PHE E 179 -13.22 -4.58 -32.80
C PHE E 179 -14.35 -4.13 -33.72
N VAL E 180 -14.99 -5.11 -34.33
CA VAL E 180 -16.09 -4.89 -35.27
C VAL E 180 -17.31 -5.70 -34.83
N GLN E 181 -18.43 -5.38 -35.45
CA GLN E 181 -19.65 -6.16 -35.23
C GLN E 181 -19.58 -7.44 -36.06
N PRO E 182 -20.31 -8.49 -35.64
CA PRO E 182 -20.31 -9.72 -36.40
C PRO E 182 -20.78 -9.55 -37.85
N ALA E 183 -21.59 -8.54 -38.16
CA ALA E 183 -22.01 -8.27 -39.56
C ALA E 183 -20.82 -8.11 -40.53
N VAL E 184 -19.76 -7.48 -40.05
CA VAL E 184 -18.55 -7.31 -40.84
C VAL E 184 -17.82 -8.61 -41.07
N ILE E 185 -17.70 -9.46 -40.07
CA ILE E 185 -17.06 -10.75 -40.31
C ILE E 185 -17.89 -11.57 -41.28
N LEU E 186 -19.21 -11.60 -41.07
CA LEU E 186 -20.17 -12.28 -41.94
C LEU E 186 -20.03 -11.84 -43.41
N LYS E 187 -19.96 -10.54 -43.63
CA LYS E 187 -19.76 -9.97 -44.94
C LYS E 187 -18.56 -10.61 -45.68
N TRP E 188 -17.40 -10.63 -45.02
CA TRP E 188 -16.21 -11.18 -45.63
C TRP E 188 -16.16 -12.71 -45.67
N VAL E 189 -16.70 -13.38 -44.68
CA VAL E 189 -16.84 -14.83 -44.78
C VAL E 189 -17.71 -15.15 -45.99
N ASN E 190 -18.84 -14.45 -46.14
CA ASN E 190 -19.74 -14.70 -47.28
C ASN E 190 -19.09 -14.39 -48.63
N HIS E 191 -18.31 -13.32 -48.68
CA HIS E 191 -17.49 -13.02 -49.86
C HIS E 191 -16.60 -14.18 -50.26
N LEU E 192 -15.91 -14.77 -49.29
CA LEU E 192 -15.00 -15.87 -49.53
C LEU E 192 -15.74 -17.15 -49.91
N GLN E 193 -16.86 -17.44 -49.26
CA GLN E 193 -17.66 -18.60 -49.64
C GLN E 193 -18.22 -18.46 -51.08
N ALA E 194 -18.51 -17.22 -51.49
CA ALA E 194 -19.01 -16.92 -52.85
C ALA E 194 -17.91 -17.12 -53.90
N LEU E 195 -16.68 -16.67 -53.61
CA LEU E 195 -15.53 -16.97 -54.46
C LEU E 195 -15.29 -18.46 -54.61
N LYS E 196 -15.55 -19.24 -53.58
CA LYS E 196 -15.43 -20.70 -53.72
C LYS E 196 -16.53 -21.25 -54.66
N LYS E 197 -17.78 -20.82 -54.43
CA LYS E 197 -18.93 -21.19 -55.28
C LYS E 197 -18.71 -20.90 -56.73
N LYS E 198 -18.15 -19.73 -57.03
CA LYS E 198 -17.92 -19.29 -58.40
C LYS E 198 -16.62 -19.82 -58.99
N GLY E 199 -15.84 -20.61 -58.23
CA GLY E 199 -14.65 -21.33 -58.75
C GLY E 199 -13.29 -20.65 -58.64
N ASP E 200 -13.24 -19.41 -58.08
CA ASP E 200 -11.97 -18.68 -57.89
C ASP E 200 -11.12 -19.23 -56.72
N LEU E 201 -11.73 -20.01 -55.84
CA LEU E 201 -11.01 -20.70 -54.77
C LEU E 201 -11.50 -22.11 -54.71
N SER E 202 -10.63 -23.00 -54.26
CA SER E 202 -10.97 -24.41 -54.15
C SER E 202 -12.23 -24.61 -53.30
N LYS E 203 -13.07 -25.56 -53.68
CA LYS E 203 -14.26 -25.89 -52.86
C LYS E 203 -13.90 -26.55 -51.51
N ASP E 204 -12.68 -27.08 -51.38
CA ASP E 204 -12.17 -27.67 -50.12
C ASP E 204 -11.45 -26.72 -49.15
N LEU E 205 -11.27 -25.47 -49.57
CA LEU E 205 -10.71 -24.43 -48.71
C LEU E 205 -11.73 -24.08 -47.65
N TRP E 206 -11.32 -24.14 -46.39
CA TRP E 206 -12.23 -23.85 -45.28
C TRP E 206 -12.11 -22.39 -44.82
N ILE E 207 -13.25 -21.79 -44.51
CA ILE E 207 -13.31 -20.41 -44.07
C ILE E 207 -13.79 -20.37 -42.61
N THR E 208 -13.17 -19.51 -41.81
CA THR E 208 -13.53 -19.36 -40.40
C THR E 208 -13.28 -17.94 -39.96
N SER E 209 -13.52 -17.69 -38.68
CA SER E 209 -13.05 -16.49 -37.99
C SER E 209 -12.45 -16.97 -36.69
N SER E 210 -11.33 -16.39 -36.28
CA SER E 210 -10.66 -16.87 -35.05
C SER E 210 -10.91 -15.84 -33.96
N ASP E 211 -11.58 -16.28 -32.89
CA ASP E 211 -12.10 -15.34 -31.90
C ASP E 211 -12.27 -15.98 -30.54
N ASN E 212 -12.38 -15.10 -29.55
CA ASN E 212 -12.65 -15.48 -28.16
C ASN E 212 -13.95 -16.26 -28.00
N PHE E 213 -13.95 -17.20 -27.06
CA PHE E 213 -15.13 -18.05 -26.79
C PHE E 213 -16.42 -17.24 -26.63
N ALA E 214 -16.31 -16.07 -26.03
CA ALA E 214 -17.48 -15.22 -25.83
C ALA E 214 -18.05 -14.67 -27.14
N SER E 215 -17.17 -14.35 -28.09
CA SER E 215 -17.57 -13.82 -29.39
C SER E 215 -18.34 -14.84 -30.17
N TRP E 216 -18.04 -16.12 -29.93
CA TRP E 216 -18.75 -17.20 -30.58
C TRP E 216 -19.99 -17.63 -29.81
N GLY E 217 -20.41 -16.84 -28.83
CA GLY E 217 -21.62 -17.12 -28.08
C GLY E 217 -21.51 -17.87 -26.77
N GLY E 218 -20.30 -18.18 -26.31
CA GLY E 218 -20.15 -19.03 -25.12
C GLY E 218 -20.06 -18.30 -23.80
N GLY E 219 -20.35 -17.00 -23.78
CA GLY E 219 -20.23 -16.18 -22.55
C GLY E 219 -21.41 -15.25 -22.40
N ASP E 220 -21.15 -13.97 -22.22
CA ASP E 220 -22.22 -12.99 -22.05
C ASP E 220 -23.23 -13.09 -23.21
N PRO E 221 -24.53 -13.22 -22.89
CA PRO E 221 -25.55 -13.27 -23.96
C PRO E 221 -25.80 -11.98 -24.81
N GLN E 222 -25.24 -10.87 -24.39
CA GLN E 222 -25.12 -9.66 -25.23
C GLN E 222 -24.64 -9.95 -26.66
N TYR E 223 -23.74 -10.92 -26.80
CA TYR E 223 -23.26 -11.36 -28.12
C TYR E 223 -24.31 -12.09 -28.96
N HIS E 224 -25.33 -12.67 -28.32
CA HIS E 224 -26.33 -13.52 -29.03
C HIS E 224 -27.28 -12.72 -29.94
N VAL E 225 -26.76 -12.22 -31.05
CA VAL E 225 -27.53 -11.40 -32.02
C VAL E 225 -27.71 -12.20 -33.31
N GLU E 226 -28.68 -11.78 -34.14
CA GLU E 226 -28.97 -12.47 -35.44
C GLU E 226 -27.71 -12.60 -36.31
N ASP E 227 -26.92 -11.54 -36.45
CA ASP E 227 -25.71 -11.61 -37.29
C ASP E 227 -24.71 -12.70 -36.88
N LEU E 228 -24.57 -12.96 -35.58
CA LEU E 228 -23.70 -14.05 -35.11
C LEU E 228 -24.26 -15.40 -35.51
N THR E 229 -25.56 -15.58 -35.41
CA THR E 229 -26.18 -16.84 -35.85
C THR E 229 -25.85 -17.09 -37.35
N LYS E 230 -25.97 -16.06 -38.18
CA LYS E 230 -25.69 -16.19 -39.61
C LYS E 230 -24.23 -16.48 -39.88
N LEU E 231 -23.35 -15.89 -39.07
CA LEU E 231 -21.92 -16.15 -39.18
C LEU E 231 -21.59 -17.59 -38.84
N ILE E 232 -22.22 -18.11 -37.78
CA ILE E 232 -22.05 -19.51 -37.41
C ILE E 232 -22.52 -20.45 -38.51
N GLU E 233 -23.60 -20.11 -39.21
CA GLU E 233 -24.00 -20.82 -40.44
C GLU E 233 -23.02 -20.70 -41.59
N ALA E 234 -22.45 -19.53 -41.83
CA ALA E 234 -21.63 -19.31 -42.99
C ALA E 234 -20.25 -19.96 -42.93
N VAL E 235 -19.64 -20.03 -41.75
CA VAL E 235 -18.26 -20.57 -41.63
C VAL E 235 -18.24 -22.08 -41.83
N ASP E 236 -17.09 -22.62 -42.21
CA ASP E 236 -16.94 -24.06 -42.31
C ASP E 236 -16.72 -24.65 -40.92
N TYR E 237 -16.04 -23.91 -40.03
CA TYR E 237 -15.86 -24.30 -38.64
C TYR E 237 -15.63 -23.06 -37.75
N LEU E 238 -15.65 -23.26 -36.43
CA LEU E 238 -15.42 -22.20 -35.44
C LEU E 238 -14.04 -22.35 -34.83
N SER E 239 -13.22 -21.29 -34.97
CA SER E 239 -11.89 -21.21 -34.35
C SER E 239 -11.98 -20.40 -33.04
N VAL E 240 -11.83 -21.08 -31.91
CA VAL E 240 -12.19 -20.55 -30.60
C VAL E 240 -10.97 -20.35 -29.75
N HIS E 241 -10.90 -19.19 -29.10
CA HIS E 241 -9.78 -18.87 -28.16
C HIS E 241 -10.23 -18.91 -26.71
N THR E 242 -9.38 -19.45 -25.86
CA THR E 242 -9.62 -19.50 -24.41
C THR E 242 -8.30 -19.41 -23.67
N TYR E 243 -8.25 -18.54 -22.65
CA TYR E 243 -7.01 -18.17 -21.98
C TYR E 243 -7.13 -18.16 -20.46
N PRO E 244 -7.16 -19.37 -19.85
CA PRO E 244 -7.04 -19.47 -18.39
C PRO E 244 -5.88 -18.67 -17.78
N MET E 245 -4.69 -18.69 -18.37
CA MET E 245 -3.56 -17.90 -17.82
C MET E 245 -3.92 -16.46 -17.52
N HIS E 246 -4.53 -15.78 -18.49
CA HIS E 246 -5.00 -14.41 -18.29
C HIS E 246 -6.04 -14.29 -17.22
N ASP E 247 -6.95 -15.24 -17.18
CA ASP E 247 -7.98 -15.24 -16.14
C ASP E 247 -7.45 -15.51 -14.73
N THR E 248 -6.24 -16.04 -14.56
CA THR E 248 -5.65 -16.12 -13.21
C THR E 248 -5.56 -14.74 -12.54
N HIS E 249 -5.65 -13.68 -13.34
CA HIS E 249 -5.83 -12.33 -12.84
C HIS E 249 -7.24 -11.74 -13.02
N TYR E 250 -7.77 -11.80 -14.23
CA TYR E 250 -9.06 -11.15 -14.55
C TYR E 250 -10.31 -11.87 -14.06
N ASN E 251 -10.21 -13.16 -13.77
CA ASN E 251 -11.32 -13.91 -13.20
C ASN E 251 -10.79 -15.12 -12.41
N PRO E 252 -10.21 -14.85 -11.25
CA PRO E 252 -9.35 -15.79 -10.56
C PRO E 252 -10.01 -16.83 -9.67
N ILE E 253 -11.33 -17.00 -9.79
CA ILE E 253 -12.08 -17.89 -8.90
C ILE E 253 -11.61 -19.38 -8.93
N PHE E 254 -11.09 -19.80 -10.07
CA PHE E 254 -10.60 -21.16 -10.32
C PHE E 254 -9.14 -21.38 -9.90
N TRP E 255 -8.41 -20.30 -9.62
CA TRP E 255 -6.96 -20.34 -9.53
C TRP E 255 -6.50 -20.18 -8.09
N GLY E 256 -5.79 -21.18 -7.61
CA GLY E 256 -5.20 -21.13 -6.31
C GLY E 256 -4.92 -22.50 -5.71
N VAL E 257 -4.50 -22.48 -4.46
CA VAL E 257 -4.44 -23.64 -3.60
C VAL E 257 -5.55 -23.40 -2.58
N PHE E 258 -6.52 -24.31 -2.55
CA PHE E 258 -7.76 -24.12 -1.77
C PHE E 258 -7.85 -25.14 -0.62
N GLY E 259 -8.27 -24.63 0.55
CA GLY E 259 -8.49 -25.43 1.76
C GLY E 259 -7.46 -26.50 2.09
N ASP E 260 -7.94 -27.74 2.20
CA ASP E 260 -7.13 -28.92 2.54
C ASP E 260 -5.91 -29.15 1.68
N GLU E 261 -5.89 -28.57 0.47
CA GLU E 261 -4.76 -28.70 -0.46
C GLU E 261 -3.41 -28.21 0.12
N THR E 262 -3.47 -27.28 1.07
CA THR E 262 -2.28 -26.80 1.82
C THR E 262 -1.46 -27.94 2.42
N GLU E 263 -2.14 -28.95 2.93
CA GLU E 263 -1.49 -30.11 3.52
C GLU E 263 -0.83 -31.04 2.48
N LEU E 264 -1.10 -30.86 1.19
CA LEU E 264 -0.53 -31.73 0.17
C LEU E 264 0.87 -31.28 -0.21
N SER E 265 1.60 -32.20 -0.82
CA SER E 265 2.90 -31.92 -1.42
C SER E 265 2.84 -30.73 -2.40
N SER E 266 3.94 -29.99 -2.51
CA SER E 266 4.08 -28.87 -3.46
C SER E 266 3.87 -29.28 -4.93
N LEU E 267 4.39 -30.45 -5.30
CA LEU E 267 4.15 -31.04 -6.61
C LEU E 267 2.67 -31.24 -6.87
N LYS E 268 1.97 -31.78 -5.87
CA LYS E 268 0.53 -32.08 -6.01
C LYS E 268 -0.30 -30.81 -6.09
N ARG E 269 0.07 -29.81 -5.29
CA ARG E 269 -0.61 -28.52 -5.30
C ARG E 269 -0.59 -27.85 -6.67
N ILE E 270 0.56 -27.91 -7.33
CA ILE E 270 0.67 -27.43 -8.71
C ILE E 270 -0.18 -28.26 -9.69
N ASP E 271 -0.06 -29.59 -9.67
CA ASP E 271 -0.86 -30.46 -10.53
C ASP E 271 -2.37 -30.15 -10.43
N ILE E 272 -2.88 -30.03 -9.20
CA ILE E 272 -4.31 -29.82 -8.95
C ILE E 272 -4.74 -28.47 -9.48
N ALA E 273 -3.91 -27.45 -9.23
CA ALA E 273 -4.23 -26.10 -9.64
C ALA E 273 -4.21 -25.98 -11.15
N MET E 274 -3.21 -26.56 -11.78
CA MET E 274 -3.11 -26.59 -13.24
C MET E 274 -4.19 -27.41 -13.92
N ASN E 275 -4.61 -28.49 -13.28
CA ASN E 275 -5.79 -29.23 -13.78
C ASN E 275 -7.04 -28.34 -13.82
N ARG E 276 -7.23 -27.50 -12.79
CA ARG E 276 -8.37 -26.57 -12.79
C ARG E 276 -8.31 -25.59 -13.97
N ALA E 277 -7.09 -25.17 -14.33
CA ALA E 277 -6.84 -24.30 -15.48
C ALA E 277 -7.21 -24.97 -16.81
N LYS E 278 -6.83 -26.23 -16.95
CA LYS E 278 -7.25 -27.03 -18.11
C LYS E 278 -8.77 -27.16 -18.19
N THR E 279 -9.39 -27.57 -17.10
CA THR E 279 -10.84 -27.77 -17.08
C THR E 279 -11.60 -26.46 -17.34
N TYR E 280 -11.04 -25.34 -16.91
CA TYR E 280 -11.62 -24.04 -17.19
C TYR E 280 -11.68 -23.77 -18.69
N ALA E 281 -10.57 -24.04 -19.40
CA ALA E 281 -10.54 -23.92 -20.88
C ALA E 281 -11.53 -24.85 -21.56
N VAL E 282 -11.62 -26.08 -21.07
CA VAL E 282 -12.56 -27.06 -21.62
C VAL E 282 -13.98 -26.53 -21.48
N SER E 283 -14.30 -25.96 -20.32
CA SER E 283 -15.66 -25.41 -20.07
C SER E 283 -16.02 -24.29 -21.01
N GLN E 284 -15.07 -23.41 -21.30
CA GLN E 284 -15.28 -22.32 -22.23
C GLN E 284 -15.49 -22.79 -23.66
N SER E 285 -14.67 -23.74 -24.11
CA SER E 285 -14.89 -24.36 -25.41
C SER E 285 -16.26 -25.04 -25.48
N ASP E 286 -16.59 -25.82 -24.45
CA ASP E 286 -17.88 -26.56 -24.39
C ASP E 286 -19.09 -25.63 -24.38
N SER E 287 -18.94 -24.47 -23.75
CA SER E 287 -19.95 -23.43 -23.74
C SER E 287 -20.29 -22.95 -25.16
N VAL E 288 -19.29 -22.88 -26.04
CA VAL E 288 -19.49 -22.54 -27.46
C VAL E 288 -20.27 -23.67 -28.13
N ALA E 289 -19.88 -24.92 -27.87
CA ALA E 289 -20.58 -26.08 -28.44
C ALA E 289 -22.05 -26.11 -28.01
N SER E 290 -22.33 -25.82 -26.74
CA SER E 290 -23.71 -25.72 -26.22
C SER E 290 -24.52 -24.62 -26.89
N TYR E 291 -23.87 -23.48 -27.16
CA TYR E 291 -24.58 -22.40 -27.81
C TYR E 291 -25.04 -22.77 -29.23
N ILE E 292 -24.16 -23.39 -29.99
CA ILE E 292 -24.40 -23.74 -31.38
C ILE E 292 -25.51 -24.83 -31.40
N LYS E 293 -25.43 -25.81 -30.48
CA LYS E 293 -26.44 -26.88 -30.37
C LYS E 293 -27.79 -26.24 -30.10
N SER E 294 -27.84 -25.20 -29.27
CA SER E 294 -29.09 -24.48 -28.99
C SER E 294 -29.69 -23.78 -30.22
N LEU E 295 -28.85 -23.41 -31.19
CA LEU E 295 -29.32 -22.84 -32.47
C LEU E 295 -29.67 -23.90 -33.49
N GLY E 296 -29.56 -25.19 -33.14
CA GLY E 296 -29.76 -26.28 -34.10
C GLY E 296 -28.75 -26.30 -35.23
N ILE E 297 -27.49 -25.99 -34.92
CA ILE E 297 -26.43 -25.94 -35.91
C ILE E 297 -25.33 -26.91 -35.49
N ASN E 298 -24.88 -27.71 -36.46
CA ASN E 298 -23.79 -28.64 -36.22
C ASN E 298 -22.56 -28.21 -37.01
N LYS E 299 -21.53 -27.74 -36.30
CA LYS E 299 -20.25 -27.35 -36.92
C LYS E 299 -19.13 -27.83 -36.07
N PRO E 300 -17.98 -28.13 -36.69
CA PRO E 300 -16.82 -28.47 -35.88
C PRO E 300 -16.29 -27.22 -35.13
N ILE E 301 -15.68 -27.47 -33.97
CA ILE E 301 -15.03 -26.46 -33.21
C ILE E 301 -13.59 -26.89 -33.06
N HIS E 302 -12.68 -25.94 -33.29
CA HIS E 302 -11.26 -26.13 -33.05
C HIS E 302 -10.70 -24.99 -32.20
N ILE E 303 -9.64 -25.26 -31.45
CA ILE E 303 -9.00 -24.24 -30.65
C ILE E 303 -7.98 -23.46 -31.49
N GLY E 304 -8.33 -22.23 -31.80
CA GLY E 304 -7.48 -21.36 -32.58
C GLY E 304 -6.37 -20.68 -31.79
N GLU E 305 -6.54 -20.55 -30.48
CA GLU E 305 -5.53 -19.91 -29.67
C GLU E 305 -5.69 -20.21 -28.19
N THR E 306 -4.62 -20.73 -27.58
CA THR E 306 -4.50 -20.75 -26.14
C THR E 306 -3.04 -20.91 -25.82
N GLY E 307 -2.65 -20.48 -24.63
CA GLY E 307 -1.23 -20.48 -24.25
C GLY E 307 -0.98 -20.06 -22.82
N TRP E 308 0.22 -20.32 -22.35
CA TRP E 308 0.61 -20.03 -20.99
C TRP E 308 2.07 -19.56 -20.96
N ALA E 309 2.29 -18.29 -20.69
CA ALA E 309 3.63 -17.73 -20.77
C ALA E 309 4.58 -18.23 -19.65
N SER E 310 5.88 -18.24 -19.98
CA SER E 310 6.91 -18.73 -19.07
C SER E 310 7.50 -17.66 -18.19
N PHE E 311 7.12 -16.40 -18.40
CA PHE E 311 7.59 -15.31 -17.56
C PHE E 311 6.65 -14.12 -17.60
N SER E 312 6.52 -13.40 -16.49
CA SER E 312 5.76 -12.13 -16.42
C SER E 312 6.27 -11.23 -15.30
N ASN E 313 6.49 -9.96 -15.60
CA ASN E 313 6.82 -8.98 -14.57
C ASN E 313 5.63 -8.09 -14.23
N GLY E 314 4.45 -8.47 -14.67
CA GLY E 314 3.21 -7.75 -14.35
C GLY E 314 2.30 -8.66 -13.55
N TYR E 315 1.07 -8.78 -14.04
CA TYR E 315 0.01 -9.45 -13.30
C TYR E 315 0.14 -10.94 -13.10
N TYR E 316 0.90 -11.63 -13.97
CA TYR E 316 0.84 -13.08 -14.07
C TYR E 316 2.02 -13.81 -13.46
N GLY E 317 3.03 -13.07 -12.98
CA GLY E 317 4.23 -13.69 -12.38
C GLY E 317 4.38 -13.48 -10.89
N ALA E 318 5.62 -13.32 -10.43
CA ALA E 318 5.92 -13.09 -8.99
C ALA E 318 5.18 -11.89 -8.34
N LYS E 319 4.92 -10.83 -9.11
CA LYS E 319 4.24 -9.65 -8.57
C LYS E 319 2.73 -9.73 -8.67
N GLY E 320 2.19 -10.89 -9.05
CA GLY E 320 0.75 -11.08 -9.22
C GLY E 320 0.40 -12.53 -8.99
N SER E 321 -0.20 -13.17 -9.99
CA SER E 321 -0.89 -14.43 -9.80
C SER E 321 -0.02 -15.67 -9.68
N LYS E 322 1.31 -15.55 -9.83
CA LYS E 322 2.24 -16.70 -9.76
C LYS E 322 1.97 -17.79 -10.83
N ALA E 323 1.45 -17.39 -11.98
CA ALA E 323 1.13 -18.33 -13.04
C ALA E 323 2.34 -18.67 -13.93
N THR E 324 3.15 -17.68 -14.25
CA THR E 324 4.12 -17.82 -15.32
C THR E 324 5.45 -18.39 -14.90
N ASP E 325 5.78 -19.53 -15.50
CA ASP E 325 7.13 -20.15 -15.46
C ASP E 325 7.11 -21.35 -16.44
N GLU E 326 8.27 -21.91 -16.75
CA GLU E 326 8.35 -22.97 -17.76
C GLU E 326 7.68 -24.30 -17.36
N TYR E 327 7.60 -24.55 -16.06
CA TYR E 327 7.03 -25.78 -15.53
C TYR E 327 5.51 -25.76 -15.68
N LYS E 328 4.89 -24.68 -15.26
CA LYS E 328 3.44 -24.57 -15.43
C LYS E 328 3.03 -24.48 -16.88
N GLU E 329 3.88 -23.85 -17.71
CA GLU E 329 3.64 -23.83 -19.16
C GLU E 329 3.59 -25.26 -19.73
N ALA E 330 4.56 -26.08 -19.33
CA ALA E 330 4.64 -27.45 -19.81
C ALA E 330 3.42 -28.26 -19.39
N ILE E 331 3.02 -28.10 -18.14
CA ILE E 331 1.83 -28.75 -17.65
C ILE E 331 0.61 -28.35 -18.47
N PHE E 332 0.46 -27.05 -18.73
CA PHE E 332 -0.66 -26.56 -19.49
C PHE E 332 -0.63 -27.10 -20.93
N TYR E 333 0.52 -26.99 -21.59
CA TYR E 333 0.68 -27.46 -22.97
C TYR E 333 0.27 -28.92 -23.14
N ASN E 334 0.75 -29.78 -22.23
CA ASN E 334 0.47 -31.21 -22.29
C ASN E 334 -0.98 -31.52 -22.01
N HIS E 335 -1.56 -30.83 -21.05
CA HIS E 335 -2.99 -31.00 -20.77
C HIS E 335 -3.83 -30.63 -22.00
N ILE E 336 -3.44 -29.54 -22.67
CA ILE E 336 -4.21 -29.04 -23.81
C ILE E 336 -4.08 -30.01 -24.97
N ARG E 337 -2.87 -30.53 -25.15
CA ARG E 337 -2.65 -31.56 -26.17
C ARG E 337 -3.48 -32.83 -25.90
N GLU E 338 -3.46 -33.35 -24.67
CA GLU E 338 -4.25 -34.54 -24.32
C GLU E 338 -5.75 -34.30 -24.55
N TRP E 339 -6.26 -33.18 -24.05
CA TRP E 339 -7.67 -32.86 -24.24
C TRP E 339 -8.05 -32.76 -25.71
N THR E 340 -7.28 -32.03 -26.49
CA THR E 340 -7.63 -31.76 -27.90
C THR E 340 -7.51 -33.01 -28.76
N ASN E 341 -6.50 -33.83 -28.51
CA ASN E 341 -6.33 -35.06 -29.29
C ASN E 341 -7.43 -36.09 -28.97
N GLU E 342 -7.88 -36.18 -27.71
CA GLU E 342 -9.02 -37.03 -27.30
C GLU E 342 -10.35 -36.50 -27.82
N ALA E 343 -10.47 -35.19 -27.98
CA ALA E 343 -11.71 -34.57 -28.49
C ALA E 343 -11.72 -34.34 -30.02
N ASN E 344 -10.67 -34.78 -30.71
CA ASN E 344 -10.46 -34.50 -32.14
C ASN E 344 -10.60 -33.04 -32.53
N MET E 345 -9.87 -32.20 -31.79
CA MET E 345 -9.72 -30.80 -32.11
C MET E 345 -8.27 -30.51 -32.40
N SER E 346 -8.04 -29.69 -33.40
CA SER E 346 -6.79 -29.01 -33.56
C SER E 346 -6.63 -27.97 -32.45
N CYS E 347 -5.39 -27.75 -32.03
CA CYS E 347 -5.06 -26.66 -31.16
C CYS E 347 -3.88 -25.90 -31.70
N PHE E 348 -4.12 -24.69 -32.19
CA PHE E 348 -3.06 -23.85 -32.69
C PHE E 348 -2.43 -23.16 -31.49
N TYR E 349 -1.55 -23.89 -30.79
CA TYR E 349 -1.12 -23.50 -29.47
C TYR E 349 -0.25 -22.24 -29.60
N PHE E 350 -0.41 -21.32 -28.66
CA PHE E 350 0.33 -20.07 -28.66
C PHE E 350 1.50 -20.16 -27.68
N GLU E 351 2.74 -20.25 -28.18
CA GLU E 351 3.14 -20.06 -29.55
C GLU E 351 4.44 -20.83 -29.81
N ALA E 352 4.91 -20.91 -31.07
CA ALA E 352 6.16 -21.67 -31.32
C ALA E 352 7.41 -21.05 -30.66
N PHE E 353 7.66 -19.79 -30.97
CA PHE E 353 8.84 -19.06 -30.48
C PHE E 353 8.48 -17.76 -29.78
N ASP E 354 9.22 -17.43 -28.72
CA ASP E 354 9.06 -16.11 -28.06
C ASP E 354 9.22 -15.03 -29.12
N GLU E 355 8.34 -14.03 -29.04
CA GLU E 355 8.35 -12.94 -29.96
C GLU E 355 8.45 -11.63 -29.19
N PRO E 356 9.67 -11.05 -29.12
CA PRO E 356 9.86 -9.89 -28.23
C PRO E 356 9.33 -8.53 -28.75
N TRP E 357 8.70 -8.47 -29.91
CA TRP E 357 8.07 -7.21 -30.38
C TRP E 357 6.70 -6.93 -29.75
N LYS E 358 6.12 -7.92 -29.06
CA LYS E 358 4.70 -7.85 -28.67
C LYS E 358 4.48 -6.91 -27.51
N ASP E 359 5.43 -6.88 -26.59
CA ASP E 359 5.52 -5.84 -25.56
C ASP E 359 6.94 -5.24 -25.67
N ALA E 360 7.12 -4.44 -26.72
CA ALA E 360 8.44 -4.01 -27.17
C ALA E 360 9.23 -3.27 -26.10
N HIS E 361 8.55 -2.38 -25.37
CA HIS E 361 9.18 -1.53 -24.35
C HIS E 361 9.28 -2.16 -23.00
N ASN E 362 8.88 -3.42 -22.87
CA ASN E 362 9.04 -4.12 -21.64
C ASN E 362 9.35 -5.59 -21.87
N SER E 363 10.62 -5.94 -21.88
CA SER E 363 11.00 -7.33 -22.22
C SER E 363 10.51 -8.43 -21.28
N GLY E 364 10.32 -8.08 -20.00
CA GLY E 364 9.69 -8.97 -19.04
C GLY E 364 8.17 -9.16 -19.15
N GLY E 365 7.52 -8.40 -20.02
CA GLY E 365 6.10 -8.59 -20.27
C GLY E 365 5.77 -10.00 -20.78
N SER E 366 4.69 -10.57 -20.28
CA SER E 366 4.29 -11.93 -20.64
C SER E 366 4.03 -12.15 -22.13
N GLU E 367 3.57 -11.14 -22.85
CA GLU E 367 3.43 -11.20 -24.31
C GLU E 367 4.68 -11.68 -25.07
N ASN E 368 5.87 -11.38 -24.55
CA ASN E 368 7.14 -11.82 -25.12
C ASN E 368 7.58 -13.22 -24.70
N HIS E 369 6.76 -13.98 -23.98
CA HIS E 369 7.25 -15.24 -23.39
C HIS E 369 6.30 -16.42 -23.59
N PHE E 370 5.53 -16.38 -24.66
CA PHE E 370 4.61 -17.48 -24.94
C PHE E 370 5.18 -18.65 -25.72
N GLY E 371 6.44 -18.55 -26.15
CA GLY E 371 7.05 -19.61 -26.93
C GLY E 371 7.22 -20.93 -26.20
N LEU E 372 7.32 -22.00 -26.98
CA LEU E 372 7.92 -23.27 -26.53
C LEU E 372 9.44 -23.17 -26.59
N PHE E 373 9.93 -22.31 -27.47
CA PHE E 373 11.34 -21.99 -27.56
C PHE E 373 11.54 -20.52 -27.22
N THR E 374 12.77 -20.23 -26.84
CA THR E 374 13.24 -18.91 -26.57
C THR E 374 13.56 -18.21 -27.88
N VAL E 375 13.77 -16.90 -27.88
CA VAL E 375 14.14 -16.19 -29.12
C VAL E 375 15.42 -16.81 -29.74
N ASP E 376 16.38 -17.15 -28.89
CA ASP E 376 17.67 -17.72 -29.30
C ASP E 376 17.63 -19.20 -29.71
N GLY E 377 16.47 -19.83 -29.62
CA GLY E 377 16.33 -21.22 -30.02
C GLY E 377 16.57 -22.22 -28.91
N LYS E 378 16.61 -21.77 -27.66
CA LYS E 378 16.64 -22.71 -26.55
C LYS E 378 15.26 -23.35 -26.32
N ALA E 379 15.23 -24.65 -26.07
CA ALA E 379 14.00 -25.36 -25.77
C ALA E 379 13.67 -25.20 -24.29
N LYS E 380 12.49 -24.66 -24.01
CA LYS E 380 11.99 -24.55 -22.63
C LYS E 380 11.60 -25.92 -22.10
N TYR E 381 11.44 -25.98 -20.79
CA TYR E 381 11.17 -27.25 -20.05
C TYR E 381 10.22 -28.20 -20.79
N VAL E 382 9.13 -27.64 -21.32
CA VAL E 382 8.12 -28.39 -22.09
C VAL E 382 8.71 -29.32 -23.18
N LEU E 383 9.80 -28.91 -23.85
CA LEU E 383 10.46 -29.70 -24.90
C LEU E 383 11.81 -30.32 -24.57
N TRP E 384 12.27 -30.23 -23.32
CA TRP E 384 13.56 -30.85 -22.93
C TRP E 384 13.63 -32.30 -23.34
N ASP E 385 12.52 -33.01 -23.18
CA ASP E 385 12.47 -34.44 -23.44
C ASP E 385 12.80 -34.72 -24.92
N LEU E 386 12.24 -33.93 -25.82
CA LEU E 386 12.56 -34.01 -27.24
C LEU E 386 14.01 -33.66 -27.60
N VAL E 387 14.63 -32.71 -26.91
CA VAL E 387 16.04 -32.42 -27.14
C VAL E 387 16.89 -33.66 -26.83
N ASP E 388 16.60 -34.31 -25.71
CA ASP E 388 17.30 -35.54 -25.30
C ASP E 388 17.13 -36.70 -26.27
N LYS E 389 15.96 -36.85 -26.87
CA LYS E 389 15.76 -37.88 -27.89
C LYS E 389 16.48 -37.57 -29.21
N GLY E 390 17.05 -36.37 -29.37
CA GLY E 390 17.80 -36.01 -30.57
C GLY E 390 16.96 -35.45 -31.72
N VAL E 391 15.70 -35.13 -31.46
CA VAL E 391 14.75 -34.64 -32.48
C VAL E 391 15.26 -33.40 -33.22
N PHE E 392 16.01 -32.53 -32.55
CA PHE E 392 16.52 -31.31 -33.18
C PHE E 392 17.99 -31.39 -33.56
N GLU E 393 18.60 -32.59 -33.59
CA GLU E 393 20.03 -32.72 -33.94
C GLU E 393 20.32 -32.21 -35.36
N GLY E 394 21.35 -31.38 -35.49
CA GLY E 394 21.73 -30.82 -36.78
C GLY E 394 21.01 -29.55 -37.15
N LEU E 395 19.99 -29.19 -36.37
CA LEU E 395 19.18 -28.00 -36.63
C LEU E 395 19.67 -26.82 -35.83
N THR E 396 19.39 -25.64 -36.36
CA THR E 396 19.99 -24.39 -35.92
C THR E 396 18.93 -23.27 -35.94
N ARG E 397 19.00 -22.32 -35.00
CA ARG E 397 18.29 -21.02 -35.15
C ARG E 397 19.28 -19.88 -34.95
N GLY E 398 19.49 -19.09 -36.01
CA GLY E 398 20.40 -17.96 -35.98
C GLY E 398 21.84 -18.32 -35.62
N GLY E 399 22.27 -19.51 -36.03
CA GLY E 399 23.55 -20.05 -35.63
C GLY E 399 23.59 -20.94 -34.39
N ASN E 400 22.57 -20.88 -33.54
CA ASN E 400 22.61 -21.64 -32.28
C ASN E 400 22.01 -23.02 -32.42
N PRO E 401 22.65 -24.03 -31.81
CA PRO E 401 21.97 -25.34 -31.76
C PRO E 401 20.80 -25.31 -30.76
N ILE E 402 19.89 -26.25 -30.88
CA ILE E 402 18.76 -26.31 -30.00
C ILE E 402 19.14 -26.95 -28.66
N THR E 403 19.33 -26.09 -27.69
CA THR E 403 19.82 -26.40 -26.36
C THR E 403 18.65 -26.35 -25.38
N LYS E 404 18.77 -27.09 -24.28
CA LYS E 404 17.83 -26.96 -23.16
C LYS E 404 18.04 -25.65 -22.36
N THR E 405 16.94 -24.99 -21.98
CA THR E 405 16.99 -23.87 -21.01
C THR E 405 17.47 -24.45 -19.66
N TYR E 406 18.05 -23.59 -18.80
CA TYR E 406 18.57 -24.01 -17.47
C TYR E 406 19.65 -25.10 -17.51
N ASN E 407 20.26 -25.35 -18.67
CA ASN E 407 21.15 -26.50 -18.87
C ASN E 407 20.48 -27.83 -18.55
N GLY E 408 19.16 -27.90 -18.72
CA GLY E 408 18.42 -29.13 -18.43
C GLY E 408 18.36 -29.50 -16.96
N ASN E 409 18.58 -28.52 -16.09
CA ASN E 409 18.64 -28.75 -14.67
C ASN E 409 17.30 -28.43 -14.03
N LYS E 410 16.57 -29.50 -13.74
CA LYS E 410 15.23 -29.39 -13.21
C LYS E 410 15.21 -28.69 -11.82
N GLU E 411 16.20 -28.96 -11.00
CA GLU E 411 16.31 -28.31 -9.71
C GLU E 411 16.40 -26.82 -9.86
N ALA E 412 17.19 -26.36 -10.83
CA ALA E 412 17.38 -24.90 -11.02
C ALA E 412 16.07 -24.21 -11.45
N LEU E 413 15.27 -24.94 -12.20
CA LEU E 413 13.96 -24.45 -12.60
C LEU E 413 13.03 -24.36 -11.39
N PHE E 414 12.97 -25.43 -10.62
CA PHE E 414 12.07 -25.50 -9.48
C PHE E 414 12.31 -24.43 -8.44
N LEU E 415 13.56 -24.01 -8.24
CA LEU E 415 13.86 -22.85 -7.36
C LEU E 415 13.16 -21.58 -7.81
N GLU E 416 13.11 -21.33 -9.12
CA GLU E 416 12.42 -20.16 -9.69
C GLU E 416 10.91 -20.29 -9.71
N VAL E 417 10.36 -21.50 -9.76
CA VAL E 417 8.91 -21.68 -9.74
C VAL E 417 8.30 -21.33 -8.39
N GLU E 418 7.21 -20.55 -8.41
CA GLU E 418 6.43 -20.28 -7.20
C GLU E 418 5.11 -21.05 -7.22
N LEU E 419 4.51 -21.28 -6.05
CA LEU E 419 3.20 -21.92 -5.97
C LEU E 419 2.09 -20.95 -6.21
N PRO E 420 0.93 -21.45 -6.63
CA PRO E 420 -0.23 -20.55 -6.72
C PRO E 420 -0.61 -19.97 -5.35
N PRO E 421 -1.27 -18.80 -5.32
CA PRO E 421 -1.63 -18.22 -4.04
C PRO E 421 -2.67 -19.07 -3.31
N VAL E 422 -2.54 -19.10 -1.99
CA VAL E 422 -3.49 -19.80 -1.12
C VAL E 422 -4.79 -19.00 -1.09
N LYS E 423 -5.93 -19.68 -1.23
CA LYS E 423 -7.24 -19.02 -1.09
C LYS E 423 -8.16 -19.71 -0.12
N LYS E 424 -9.00 -18.82 0.43
CA LYS E 424 -10.26 -19.04 1.17
C LYS E 424 -11.21 -19.90 0.42
N GLU E 425 -11.61 -21.04 1.00
CA GLU E 425 -12.67 -21.86 0.47
C GLU E 425 -13.87 -21.74 1.38
N ILE E 426 -14.97 -21.21 0.86
CA ILE E 426 -16.28 -21.21 1.55
C ILE E 426 -16.97 -22.52 1.19
N THR E 427 -17.53 -23.21 2.18
CA THR E 427 -18.29 -24.44 1.95
C THR E 427 -19.75 -24.05 1.79
N LYS E 428 -20.35 -24.48 0.71
CA LYS E 428 -21.78 -24.33 0.49
C LYS E 428 -22.50 -25.49 1.15
N ASN E 429 -23.75 -25.29 1.52
CA ASN E 429 -24.47 -26.31 2.28
C ASN E 429 -25.11 -27.36 1.39
N HIS E 430 -24.30 -27.93 0.52
CA HIS E 430 -24.78 -28.89 -0.51
C HIS E 430 -24.58 -30.30 -0.03
N VAL F 38 -35.94 34.36 -33.27
CA VAL F 38 -35.00 33.21 -33.10
C VAL F 38 -35.62 32.01 -32.34
N THR F 39 -35.50 30.91 -33.04
CA THR F 39 -36.07 29.60 -32.68
C THR F 39 -34.99 28.56 -32.33
N ALA F 40 -35.35 27.49 -31.63
CA ALA F 40 -34.37 26.47 -31.27
C ALA F 40 -33.67 25.87 -32.49
N LYS F 41 -34.46 25.56 -33.51
CA LYS F 41 -33.92 25.14 -34.81
C LYS F 41 -32.87 26.09 -35.41
N ASP F 42 -33.01 27.38 -35.19
CA ASP F 42 -32.04 28.36 -35.70
C ASP F 42 -30.76 28.40 -34.84
N ILE F 43 -30.93 28.19 -33.54
CA ILE F 43 -29.88 28.39 -32.55
C ILE F 43 -28.95 27.19 -32.39
N LEU F 44 -29.55 26.01 -32.27
CA LEU F 44 -28.76 24.83 -31.95
C LEU F 44 -27.91 24.43 -33.15
N GLY F 45 -26.64 24.19 -32.91
CA GLY F 45 -25.72 23.82 -33.99
C GLY F 45 -25.16 24.99 -34.78
N ASN F 46 -25.43 26.20 -34.32
CA ASN F 46 -25.05 27.42 -34.99
C ASN F 46 -24.02 28.10 -34.13
N SER F 47 -22.79 28.21 -34.62
CA SER F 47 -21.69 28.72 -33.81
C SER F 47 -21.76 30.21 -33.49
N LYS F 48 -22.67 30.96 -34.13
CA LYS F 48 -22.98 32.34 -33.70
C LYS F 48 -23.74 32.35 -32.34
N TYR F 49 -24.28 31.21 -31.89
CA TYR F 49 -24.94 31.04 -30.57
C TYR F 49 -24.30 29.95 -29.66
N LEU F 50 -23.11 30.25 -29.13
CA LEU F 50 -22.37 29.33 -28.26
C LEU F 50 -23.16 29.05 -26.99
N ALA F 51 -23.17 27.78 -26.59
CA ALA F 51 -23.92 27.28 -25.45
C ALA F 51 -22.99 26.99 -24.29
N ILE F 52 -23.58 26.97 -23.10
CA ILE F 52 -22.91 26.67 -21.84
C ILE F 52 -23.90 26.14 -20.80
N SER F 53 -23.42 25.27 -19.92
CA SER F 53 -24.18 24.88 -18.74
C SER F 53 -23.94 25.94 -17.66
N TYR F 54 -25.01 26.37 -16.98
CA TYR F 54 -24.92 27.49 -16.01
C TYR F 54 -25.62 27.28 -14.68
N GLY F 55 -24.89 27.62 -13.63
CA GLY F 55 -25.43 27.84 -12.30
C GLY F 55 -24.71 29.05 -11.71
N GLY F 56 -25.44 29.82 -10.92
CA GLY F 56 -25.03 31.11 -10.38
C GLY F 56 -24.88 31.13 -8.88
N TYR F 57 -25.03 29.97 -8.25
CA TYR F 57 -24.82 29.80 -6.82
C TYR F 57 -23.36 30.12 -6.48
N ARG F 58 -23.17 30.89 -5.41
CA ARG F 58 -21.85 31.33 -4.95
C ARG F 58 -21.38 30.74 -3.59
N LYS F 59 -22.23 29.98 -2.91
CA LYS F 59 -21.93 29.45 -1.59
C LYS F 59 -22.09 27.94 -1.59
N LYS F 60 -21.76 27.32 -0.45
CA LYS F 60 -21.69 25.87 -0.32
C LYS F 60 -23.05 25.19 -0.15
N SER F 61 -24.13 25.96 -0.22
CA SER F 61 -25.47 25.42 -0.20
C SER F 61 -26.33 26.21 -1.18
N ARG F 62 -27.23 25.48 -1.82
CA ARG F 62 -28.23 26.10 -2.69
C ARG F 62 -29.35 26.81 -1.92
N ASP F 63 -29.40 26.61 -0.60
CA ASP F 63 -30.24 27.43 0.28
C ASP F 63 -29.91 28.93 0.14
N PHE F 64 -28.65 29.25 -0.16
CA PHE F 64 -28.22 30.61 -0.46
C PHE F 64 -28.41 30.89 -1.95
N GLN F 65 -29.65 31.27 -2.29
CA GLN F 65 -30.00 31.62 -3.68
C GLN F 65 -29.30 32.89 -4.10
N PRO F 66 -28.72 32.92 -5.30
CA PRO F 66 -28.17 34.18 -5.73
C PRO F 66 -29.32 35.16 -6.05
N SER F 67 -29.06 36.45 -5.85
CA SER F 67 -30.03 37.49 -6.15
C SER F 67 -30.08 37.76 -7.67
N ILE F 68 -31.15 38.42 -8.11
CA ILE F 68 -31.29 38.86 -9.50
C ILE F 68 -30.11 39.75 -9.91
N GLU F 69 -29.67 40.62 -9.00
CA GLU F 69 -28.51 41.48 -9.29
C GLU F 69 -27.25 40.63 -9.54
N GLU F 70 -27.04 39.61 -8.71
CA GLU F 70 -25.90 38.70 -8.88
C GLU F 70 -25.96 37.92 -10.22
N LEU F 71 -27.14 37.40 -10.54
CA LEU F 71 -27.33 36.71 -11.79
C LEU F 71 -27.08 37.60 -13.01
N LYS F 72 -27.42 38.88 -12.92
CA LYS F 72 -27.17 39.83 -14.03
C LYS F 72 -25.69 40.03 -14.27
N GLU F 73 -24.92 40.12 -13.18
CA GLU F 73 -23.47 40.13 -13.29
C GLU F 73 -22.98 38.97 -14.17
N ASP F 74 -23.48 37.76 -13.89
CA ASP F 74 -23.07 36.55 -14.66
C ASP F 74 -23.48 36.61 -16.11
N MET F 75 -24.73 37.00 -16.33
CA MET F 75 -25.22 37.14 -17.68
C MET F 75 -24.37 38.11 -18.49
N LYS F 76 -23.96 39.24 -17.89
CA LYS F 76 -23.16 40.23 -18.63
C LYS F 76 -21.82 39.62 -19.02
N ILE F 77 -21.18 38.93 -18.08
CA ILE F 77 -19.93 38.22 -18.32
C ILE F 77 -20.04 37.17 -19.44
N LEU F 78 -21.08 36.35 -19.40
CA LEU F 78 -21.25 35.32 -20.41
C LEU F 78 -21.54 35.93 -21.76
N HIS F 79 -22.37 36.94 -21.78
CA HIS F 79 -22.71 37.62 -23.03
C HIS F 79 -21.49 38.26 -23.69
N ALA F 80 -20.60 38.84 -22.87
CA ALA F 80 -19.36 39.44 -23.37
C ALA F 80 -18.48 38.41 -24.07
N MET F 81 -18.52 37.18 -23.58
CA MET F 81 -17.82 35.99 -24.15
C MET F 81 -18.46 35.34 -25.37
N ASN F 82 -19.55 35.89 -25.90
CA ASN F 82 -20.30 35.28 -27.01
C ASN F 82 -21.18 34.10 -26.65
N ILE F 83 -21.46 33.90 -25.37
CA ILE F 83 -22.47 32.90 -25.01
C ILE F 83 -23.82 33.46 -25.25
N ARG F 84 -24.64 32.70 -25.95
CA ARG F 84 -25.99 33.12 -26.28
C ARG F 84 -27.09 32.17 -25.83
N ILE F 85 -26.75 30.97 -25.38
CA ILE F 85 -27.75 30.11 -24.81
C ILE F 85 -27.19 29.38 -23.59
N LEU F 86 -27.99 29.32 -22.53
CA LEU F 86 -27.67 28.54 -21.36
C LEU F 86 -28.59 27.44 -21.06
N ARG F 87 -28.10 26.59 -20.15
CA ARG F 87 -28.80 25.42 -19.67
C ARG F 87 -28.94 25.41 -18.18
N THR F 88 -30.04 24.84 -17.73
CA THR F 88 -30.48 24.87 -16.35
C THR F 88 -31.00 23.47 -15.98
N TYR F 89 -31.10 23.19 -14.68
CA TYR F 89 -31.31 21.80 -14.25
C TYR F 89 -32.64 21.49 -13.58
N ASN F 90 -33.17 22.42 -12.79
CA ASN F 90 -34.49 22.25 -12.22
C ASN F 90 -35.23 23.54 -12.18
N VAL F 91 -36.53 23.39 -12.00
CA VAL F 91 -37.49 24.47 -11.79
C VAL F 91 -38.25 24.35 -10.44
N ARG F 92 -37.66 23.61 -9.51
CA ARG F 92 -38.13 23.48 -8.13
C ARG F 92 -37.66 24.64 -7.22
N LEU F 93 -36.37 24.90 -7.23
CA LEU F 93 -35.82 26.04 -6.57
C LEU F 93 -36.00 27.26 -7.47
N ALA F 94 -35.89 28.44 -6.87
CA ALA F 94 -36.18 29.76 -7.52
C ALA F 94 -35.15 30.15 -8.61
N HIS F 95 -33.96 29.56 -8.51
CA HIS F 95 -32.83 29.84 -9.38
C HIS F 95 -33.14 30.04 -10.88
N THR F 96 -33.85 29.10 -11.51
CA THR F 96 -34.09 29.18 -12.95
C THR F 96 -35.03 30.33 -13.31
N SER F 97 -36.08 30.44 -12.52
CA SER F 97 -37.03 31.55 -12.58
C SER F 97 -36.32 32.92 -12.41
N ASN F 98 -35.40 33.02 -11.46
CA ASN F 98 -34.66 34.24 -11.30
C ASN F 98 -33.71 34.56 -12.45
N ILE F 99 -33.17 33.54 -13.11
CA ILE F 99 -32.32 33.77 -14.27
C ILE F 99 -33.15 34.38 -15.39
N LEU F 100 -34.34 33.84 -15.60
CA LEU F 100 -35.25 34.40 -16.60
C LEU F 100 -35.58 35.88 -16.27
N LYS F 101 -35.83 36.19 -15.00
CA LYS F 101 -36.14 37.58 -14.59
C LYS F 101 -34.99 38.50 -14.89
N ALA F 102 -33.80 38.00 -14.59
CA ALA F 102 -32.56 38.73 -14.82
C ALA F 102 -32.33 39.01 -16.27
N ILE F 103 -32.56 38.01 -17.13
CA ILE F 103 -32.35 38.18 -18.55
C ILE F 103 -33.37 39.19 -19.07
N ARG F 104 -34.62 39.08 -18.60
CA ARG F 104 -35.65 40.01 -19.01
C ARG F 104 -35.25 41.45 -18.65
N GLU F 105 -34.80 41.69 -17.41
CA GLU F 105 -34.34 43.04 -17.04
C GLU F 105 -33.23 43.55 -17.97
N LEU F 106 -32.26 42.69 -18.28
CA LEU F 106 -31.17 43.11 -19.16
C LEU F 106 -31.62 43.39 -20.58
N LYS F 107 -32.62 42.68 -21.06
CA LYS F 107 -33.16 42.94 -22.41
C LYS F 107 -33.93 44.27 -22.46
N ASN F 108 -34.55 44.65 -21.33
CA ASN F 108 -35.21 45.96 -21.22
C ASN F 108 -34.21 47.10 -21.15
N GLU F 109 -33.08 46.88 -20.48
CA GLU F 109 -32.02 47.86 -20.38
C GLU F 109 -31.30 48.08 -21.70
N ASP F 110 -31.19 47.02 -22.50
CA ASP F 110 -30.37 47.04 -23.70
C ASP F 110 -31.10 46.19 -24.74
N ALA F 111 -31.54 46.84 -25.81
CA ALA F 111 -32.28 46.18 -26.86
C ALA F 111 -31.42 45.20 -27.67
N ASN F 112 -30.11 45.33 -27.67
CA ASN F 112 -29.24 44.34 -28.32
C ASN F 112 -28.82 43.13 -27.47
N PHE F 113 -29.15 43.14 -26.17
CA PHE F 113 -28.85 41.99 -25.31
C PHE F 113 -29.71 40.81 -25.72
N GLU F 114 -29.09 39.64 -25.78
CA GLU F 114 -29.66 38.42 -26.35
C GLU F 114 -29.11 37.26 -25.49
N MET F 115 -30.00 36.55 -24.79
CA MET F 115 -29.62 35.31 -24.10
C MET F 115 -30.81 34.38 -24.15
N TYR F 116 -30.58 33.13 -24.53
CA TYR F 116 -31.64 32.11 -24.60
C TYR F 116 -31.40 31.03 -23.56
N MET F 117 -32.45 30.26 -23.29
CA MET F 117 -32.41 29.24 -22.24
C MET F 117 -32.97 27.89 -22.65
N MET F 118 -32.23 26.84 -22.30
CA MET F 118 -32.68 25.45 -22.29
C MET F 118 -33.08 25.16 -20.84
N VAL F 119 -34.37 24.99 -20.56
CA VAL F 119 -34.86 24.81 -19.20
C VAL F 119 -34.99 23.35 -18.86
N GLY F 120 -34.36 22.96 -17.76
CA GLY F 120 -34.40 21.62 -17.25
C GLY F 120 -35.51 21.43 -16.26
N ALA F 121 -36.33 20.44 -16.55
CA ALA F 121 -37.34 19.94 -15.62
C ALA F 121 -36.74 18.68 -15.02
N TRP F 122 -36.53 18.69 -13.70
CA TRP F 122 -35.94 17.55 -13.04
C TRP F 122 -36.95 16.43 -12.83
N ILE F 123 -36.54 15.21 -13.17
CA ILE F 123 -37.36 14.00 -13.05
C ILE F 123 -36.76 13.01 -12.05
N ASP F 124 -37.60 12.56 -11.13
CA ASP F 124 -37.20 11.63 -10.08
C ASP F 124 -38.01 10.35 -10.18
N CYS F 125 -37.42 9.26 -9.69
CA CYS F 125 -38.15 8.02 -9.41
C CYS F 125 -38.83 8.13 -8.06
N LYS F 126 -39.70 7.17 -7.76
CA LYS F 126 -40.42 7.14 -6.48
C LYS F 126 -39.49 7.10 -5.26
N ASN F 127 -39.77 7.96 -4.29
CA ASN F 127 -38.99 8.12 -3.04
C ASN F 127 -37.58 8.68 -3.15
N ALA F 128 -37.18 9.11 -4.31
CA ALA F 128 -35.90 9.79 -4.43
C ALA F 128 -35.79 10.88 -3.37
N TRP F 129 -34.59 11.00 -2.81
CA TRP F 129 -34.25 12.06 -1.85
C TRP F 129 -35.04 11.98 -0.53
N THR F 130 -35.61 10.82 -0.22
CA THR F 130 -36.25 10.57 1.07
C THR F 130 -35.51 9.43 1.74
N ASP F 131 -36.00 9.02 2.90
CA ASP F 131 -35.44 7.86 3.61
C ASP F 131 -36.31 6.59 3.40
N GLN F 132 -37.19 6.62 2.40
CA GLN F 132 -38.03 5.50 2.05
C GLN F 132 -37.42 4.69 0.90
N PRO F 133 -37.83 3.41 0.74
CA PRO F 133 -37.20 2.56 -0.32
C PRO F 133 -37.41 3.10 -1.74
N LEU F 134 -36.33 3.25 -2.49
CA LEU F 134 -36.40 3.74 -3.87
C LEU F 134 -37.06 2.69 -4.75
N ASN F 135 -37.86 3.14 -5.71
CA ASN F 135 -38.41 2.27 -6.74
C ASN F 135 -38.16 2.90 -8.11
N HIS F 136 -37.20 2.34 -8.85
CA HIS F 136 -36.81 2.86 -10.13
C HIS F 136 -37.78 2.46 -11.26
N HIS F 137 -38.82 1.68 -10.94
CA HIS F 137 -39.88 1.36 -11.90
C HIS F 137 -41.15 2.17 -11.66
N GLU F 138 -41.12 3.09 -10.71
CA GLU F 138 -42.20 4.01 -10.52
C GLU F 138 -41.63 5.41 -10.43
N GLU F 139 -42.49 6.38 -10.65
CA GLU F 139 -42.11 7.78 -10.83
C GLU F 139 -42.42 8.53 -9.51
N SER F 140 -41.74 9.64 -9.28
CA SER F 140 -42.09 10.53 -8.17
C SER F 140 -43.43 11.22 -8.44
N GLU F 141 -44.25 11.30 -7.41
CA GLU F 141 -45.49 12.07 -7.45
C GLU F 141 -45.21 13.57 -7.74
N ASN F 142 -44.00 14.06 -7.44
CA ASN F 142 -43.61 15.44 -7.73
C ASN F 142 -43.21 15.81 -9.15
N ASN F 143 -43.11 14.84 -10.05
CA ASN F 143 -42.74 15.18 -11.41
C ASN F 143 -43.78 16.09 -12.08
N ALA F 144 -45.06 15.79 -11.86
CA ALA F 144 -46.16 16.51 -12.51
C ALA F 144 -46.05 18.02 -12.29
N SER F 145 -45.89 18.45 -11.04
CA SER F 145 -45.82 19.88 -10.77
C SER F 145 -44.50 20.52 -11.29
N GLU F 146 -43.41 19.76 -11.32
CA GLU F 146 -42.17 20.23 -11.94
C GLU F 146 -42.40 20.49 -13.44
N ILE F 147 -43.07 19.58 -14.12
CA ILE F 147 -43.39 19.80 -15.52
C ILE F 147 -44.30 21.02 -15.67
N ASP F 148 -45.31 21.14 -14.80
CA ASP F 148 -46.19 22.31 -14.82
C ASP F 148 -45.43 23.63 -14.65
N ARG F 149 -44.50 23.67 -13.73
CA ARG F 149 -43.73 24.90 -13.52
C ARG F 149 -42.83 25.25 -14.71
N ALA F 150 -42.31 24.23 -15.40
CA ALA F 150 -41.48 24.40 -16.59
C ALA F 150 -42.33 24.99 -17.73
N VAL F 151 -43.54 24.44 -17.91
CA VAL F 151 -44.52 24.95 -18.95
C VAL F 151 -44.86 26.43 -18.62
N ALA F 152 -45.17 26.74 -17.34
CA ALA F 152 -45.48 28.12 -16.94
C ALA F 152 -44.35 29.11 -17.29
N LEU F 153 -43.11 28.70 -17.04
CA LEU F 153 -41.95 29.53 -17.38
C LEU F 153 -41.75 29.69 -18.88
N ALA F 154 -41.96 28.64 -19.65
CA ALA F 154 -41.83 28.74 -21.12
C ALA F 154 -42.90 29.71 -21.68
N GLN F 155 -44.05 29.73 -21.01
CA GLN F 155 -45.17 30.63 -21.34
C GLN F 155 -44.93 32.09 -20.89
N GLU F 156 -44.49 32.34 -19.67
CA GLU F 156 -44.14 33.73 -19.24
C GLU F 156 -42.94 34.30 -20.03
N PHE F 157 -42.00 33.46 -20.47
CA PHE F 157 -40.76 33.97 -21.13
C PHE F 157 -40.46 33.27 -22.46
N PRO F 158 -41.44 33.30 -23.40
CA PRO F 158 -41.26 32.56 -24.68
C PRO F 158 -40.16 33.16 -25.58
N ASP F 159 -39.76 34.41 -25.31
CA ASP F 159 -38.69 35.08 -26.04
C ASP F 159 -37.30 34.60 -25.64
N ILE F 160 -37.22 33.92 -24.50
CA ILE F 160 -35.96 33.42 -23.94
C ILE F 160 -35.89 31.89 -23.95
N VAL F 161 -36.93 31.25 -23.42
CA VAL F 161 -36.99 29.78 -23.30
C VAL F 161 -37.23 29.15 -24.67
N LYS F 162 -36.22 28.44 -25.18
CA LYS F 162 -36.30 27.79 -26.48
C LYS F 162 -36.34 26.26 -26.45
N VAL F 163 -36.06 25.67 -25.29
CA VAL F 163 -36.02 24.22 -25.12
C VAL F 163 -36.50 23.89 -23.72
N ILE F 164 -37.29 22.83 -23.61
CA ILE F 164 -37.49 22.16 -22.34
C ILE F 164 -36.85 20.78 -22.42
N ALA F 165 -36.02 20.48 -21.42
CA ALA F 165 -35.40 19.18 -21.26
C ALA F 165 -36.10 18.41 -20.14
N VAL F 166 -36.67 17.26 -20.47
CA VAL F 166 -37.29 16.38 -19.50
C VAL F 166 -36.20 15.46 -18.96
N GLY F 167 -35.71 15.83 -17.81
CA GLY F 167 -34.77 15.01 -17.06
C GLY F 167 -33.32 15.40 -17.29
N ASN F 168 -32.49 15.13 -16.28
CA ASN F 168 -31.05 15.26 -16.40
C ASN F 168 -30.34 14.00 -15.90
N GLU F 169 -29.88 13.20 -16.84
CA GLU F 169 -29.27 11.89 -16.57
C GLU F 169 -30.26 10.99 -15.82
N ALA F 170 -31.55 11.17 -16.10
CA ALA F 170 -32.57 10.53 -15.32
C ALA F 170 -32.78 9.07 -15.71
N MET F 171 -32.24 8.62 -16.85
CA MET F 171 -32.36 7.23 -17.30
C MET F 171 -31.10 6.36 -17.05
N VAL F 172 -29.97 7.00 -16.77
CA VAL F 172 -28.72 6.28 -16.71
C VAL F 172 -28.75 5.41 -15.48
N LYS F 173 -28.39 4.14 -15.65
CA LYS F 173 -28.63 3.12 -14.61
C LYS F 173 -27.73 3.28 -13.37
N TRP F 174 -26.63 4.01 -13.51
CA TRP F 174 -25.77 4.34 -12.39
C TRP F 174 -26.19 5.59 -11.56
N ALA F 175 -27.20 6.35 -11.99
CA ALA F 175 -27.69 7.44 -11.17
C ALA F 175 -28.62 6.90 -10.06
N ALA F 176 -27.98 6.20 -9.10
CA ALA F 176 -28.66 5.35 -8.12
C ALA F 176 -29.70 6.10 -7.29
N SER F 177 -29.48 7.37 -7.08
CA SER F 177 -30.36 8.13 -6.21
C SER F 177 -31.72 8.43 -6.77
N TYR F 178 -31.89 8.41 -8.10
CA TYR F 178 -33.15 8.89 -8.67
C TYR F 178 -33.63 8.35 -10.05
N PHE F 179 -32.87 7.45 -10.67
CA PHE F 179 -33.11 7.16 -12.07
C PHE F 179 -34.47 6.50 -12.31
N VAL F 180 -34.98 6.72 -13.51
CA VAL F 180 -36.27 6.24 -13.94
C VAL F 180 -36.11 5.43 -15.22
N GLN F 181 -37.17 4.69 -15.56
CA GLN F 181 -37.23 3.98 -16.83
C GLN F 181 -37.56 4.97 -17.98
N PRO F 182 -37.18 4.65 -19.23
CA PRO F 182 -37.47 5.53 -20.32
C PRO F 182 -38.98 5.80 -20.56
N ALA F 183 -39.85 4.88 -20.16
CA ALA F 183 -41.30 5.13 -20.19
C ALA F 183 -41.74 6.44 -19.49
N VAL F 184 -41.11 6.76 -18.37
CA VAL F 184 -41.40 7.99 -17.66
C VAL F 184 -40.95 9.22 -18.41
N ILE F 185 -39.77 9.20 -19.00
CA ILE F 185 -39.37 10.34 -19.80
C ILE F 185 -40.32 10.52 -21.00
N LEU F 186 -40.63 9.42 -21.68
CA LEU F 186 -41.55 9.39 -22.80
C LEU F 186 -42.91 10.00 -22.46
N LYS F 187 -43.43 9.61 -21.31
CA LYS F 187 -44.69 10.15 -20.80
C LYS F 187 -44.70 11.68 -20.80
N TRP F 188 -43.68 12.27 -20.18
CA TRP F 188 -43.61 13.72 -20.07
C TRP F 188 -43.19 14.43 -21.37
N VAL F 189 -42.32 13.83 -22.16
CA VAL F 189 -42.04 14.38 -23.48
C VAL F 189 -43.34 14.44 -24.29
N ASN F 190 -44.10 13.34 -24.28
CA ASN F 190 -45.37 13.29 -25.01
C ASN F 190 -46.38 14.32 -24.50
N HIS F 191 -46.43 14.50 -23.18
CA HIS F 191 -47.29 15.52 -22.59
C HIS F 191 -46.96 16.91 -23.17
N LEU F 192 -45.68 17.21 -23.24
CA LEU F 192 -45.22 18.50 -23.73
C LEU F 192 -45.48 18.67 -25.23
N GLN F 193 -45.24 17.62 -26.01
CA GLN F 193 -45.55 17.66 -27.44
C GLN F 193 -47.05 17.85 -27.70
N ALA F 194 -47.89 17.28 -26.83
CA ALA F 194 -49.36 17.43 -26.90
C ALA F 194 -49.81 18.86 -26.56
N LEU F 195 -49.22 19.46 -25.52
CA LEU F 195 -49.44 20.89 -25.25
C LEU F 195 -49.04 21.80 -26.41
N LYS F 196 -47.98 21.46 -27.16
CA LYS F 196 -47.63 22.23 -28.36
C LYS F 196 -48.68 22.06 -29.48
N LYS F 197 -49.09 20.82 -29.76
CA LYS F 197 -50.18 20.49 -30.71
C LYS F 197 -51.49 21.23 -30.43
N LYS F 198 -51.86 21.27 -29.15
CA LYS F 198 -53.09 21.92 -28.72
C LYS F 198 -52.98 23.48 -28.67
N GLY F 199 -51.78 24.04 -28.84
CA GLY F 199 -51.55 25.50 -28.86
C GLY F 199 -51.18 26.18 -27.54
N ASP F 200 -51.06 25.43 -26.44
CA ASP F 200 -50.62 26.00 -25.13
C ASP F 200 -49.11 26.33 -25.07
N LEU F 201 -48.33 25.77 -25.98
CA LEU F 201 -46.92 26.11 -26.12
C LEU F 201 -46.66 26.34 -27.59
N SER F 202 -45.67 27.18 -27.87
CA SER F 202 -45.27 27.45 -29.24
C SER F 202 -44.93 26.16 -30.00
N LYS F 203 -45.29 26.08 -31.27
CA LYS F 203 -44.90 24.94 -32.08
C LYS F 203 -43.41 24.85 -32.38
N ASP F 204 -42.69 25.97 -32.21
CA ASP F 204 -41.23 26.02 -32.39
C ASP F 204 -40.39 25.71 -31.14
N LEU F 205 -41.05 25.51 -30.00
CA LEU F 205 -40.40 25.07 -28.76
C LEU F 205 -39.95 23.63 -28.90
N TRP F 206 -38.68 23.37 -28.66
CA TRP F 206 -38.13 22.04 -28.82
C TRP F 206 -38.11 21.29 -27.50
N ILE F 207 -38.42 20.00 -27.56
CA ILE F 207 -38.45 19.16 -26.38
C ILE F 207 -37.38 18.10 -26.50
N THR F 208 -36.72 17.79 -25.39
CA THR F 208 -35.66 16.79 -25.36
C THR F 208 -35.60 16.15 -24.00
N SER F 209 -34.64 15.26 -23.83
CA SER F 209 -34.18 14.83 -22.52
C SER F 209 -32.66 14.87 -22.54
N SER F 210 -32.04 15.29 -21.46
CA SER F 210 -30.59 15.43 -21.46
C SER F 210 -30.03 14.28 -20.66
N ASP F 211 -29.21 13.47 -21.31
CA ASP F 211 -28.79 12.23 -20.70
C ASP F 211 -27.47 11.70 -21.25
N ASN F 212 -26.89 10.77 -20.51
CA ASN F 212 -25.68 10.09 -20.87
C ASN F 212 -25.80 9.37 -22.21
N PHE F 213 -24.71 9.33 -22.95
CA PHE F 213 -24.69 8.63 -24.24
C PHE F 213 -25.24 7.20 -24.20
N ALA F 214 -24.97 6.47 -23.13
CA ALA F 214 -25.51 5.13 -22.98
C ALA F 214 -27.03 5.09 -22.86
N SER F 215 -27.61 6.05 -22.16
CA SER F 215 -29.07 6.12 -22.01
C SER F 215 -29.76 6.33 -23.34
N TRP F 216 -29.07 7.00 -24.25
CA TRP F 216 -29.59 7.23 -25.60
C TRP F 216 -29.25 6.10 -26.56
N GLY F 217 -28.77 4.97 -26.05
CA GLY F 217 -28.51 3.82 -26.86
C GLY F 217 -27.11 3.64 -27.40
N GLY F 218 -26.17 4.50 -27.04
CA GLY F 218 -24.82 4.41 -27.57
C GLY F 218 -23.85 3.53 -26.80
N GLY F 219 -24.31 2.72 -25.86
CA GLY F 219 -23.40 1.91 -25.02
C GLY F 219 -23.97 0.53 -24.82
N ASP F 220 -24.08 0.10 -23.56
CA ASP F 220 -24.62 -1.23 -23.24
C ASP F 220 -25.99 -1.42 -23.88
N PRO F 221 -26.17 -2.50 -24.67
CA PRO F 221 -27.47 -2.75 -25.31
C PRO F 221 -28.65 -3.13 -24.38
N GLN F 222 -28.39 -3.38 -23.12
CA GLN F 222 -29.44 -3.42 -22.07
C GLN F 222 -30.45 -2.23 -22.15
N TYR F 223 -29.94 -1.04 -22.54
CA TYR F 223 -30.79 0.12 -22.75
C TYR F 223 -31.73 0.02 -23.99
N HIS F 224 -31.39 -0.84 -24.97
CA HIS F 224 -32.15 -0.90 -26.23
C HIS F 224 -33.54 -1.53 -26.10
N VAL F 225 -34.46 -0.81 -25.49
CA VAL F 225 -35.82 -1.30 -25.25
C VAL F 225 -36.81 -0.49 -26.09
N GLU F 226 -38.00 -1.03 -26.27
CA GLU F 226 -39.05 -0.36 -27.04
C GLU F 226 -39.31 1.07 -26.59
N ASP F 227 -39.44 1.30 -25.28
CA ASP F 227 -39.73 2.65 -24.77
C ASP F 227 -38.68 3.70 -25.11
N LEU F 228 -37.41 3.31 -25.17
CA LEU F 228 -36.37 4.20 -25.68
C LEU F 228 -36.58 4.57 -27.17
N THR F 229 -36.93 3.60 -28.01
CA THR F 229 -37.16 3.87 -29.43
C THR F 229 -38.27 4.91 -29.59
N LYS F 230 -39.35 4.76 -28.82
CA LYS F 230 -40.46 5.71 -28.85
C LYS F 230 -40.06 7.09 -28.37
N LEU F 231 -39.21 7.14 -27.33
CA LEU F 231 -38.67 8.40 -26.84
C LEU F 231 -37.84 9.11 -27.92
N ILE F 232 -37.00 8.35 -28.63
CA ILE F 232 -36.18 8.91 -29.67
C ILE F 232 -37.03 9.47 -30.78
N GLU F 233 -38.14 8.82 -31.05
CA GLU F 233 -39.11 9.40 -31.96
C GLU F 233 -39.84 10.64 -31.45
N ALA F 234 -40.16 10.70 -30.17
CA ALA F 234 -40.98 11.78 -29.62
C ALA F 234 -40.23 13.09 -29.47
N VAL F 235 -38.93 13.03 -29.16
CA VAL F 235 -38.16 14.27 -28.92
C VAL F 235 -37.91 15.03 -30.21
N ASP F 236 -37.66 16.33 -30.10
CA ASP F 236 -37.23 17.12 -31.26
C ASP F 236 -35.75 16.89 -31.57
N TYR F 237 -34.94 16.68 -30.53
CA TYR F 237 -33.54 16.32 -30.70
C TYR F 237 -33.02 15.53 -29.47
N LEU F 238 -31.81 14.99 -29.57
CA LEU F 238 -31.16 14.25 -28.48
C LEU F 238 -30.05 15.07 -27.85
N SER F 239 -30.15 15.29 -26.53
CA SER F 239 -29.15 16.01 -25.76
C SER F 239 -28.28 14.99 -25.04
N VAL F 240 -27.04 14.87 -25.49
CA VAL F 240 -26.17 13.75 -25.14
C VAL F 240 -25.02 14.21 -24.27
N HIS F 241 -24.76 13.48 -23.18
CA HIS F 241 -23.61 13.77 -22.28
C HIS F 241 -22.48 12.74 -22.46
N THR F 242 -21.25 13.23 -22.45
CA THR F 242 -20.07 12.37 -22.53
C THR F 242 -18.96 13.00 -21.72
N TYR F 243 -18.30 12.18 -20.90
CA TYR F 243 -17.32 12.66 -19.90
C TYR F 243 -16.02 11.86 -19.89
N PRO F 244 -15.16 12.06 -20.89
CA PRO F 244 -13.81 11.49 -20.86
C PRO F 244 -13.06 11.73 -19.54
N MET F 245 -13.14 12.95 -18.96
CA MET F 245 -12.43 13.23 -17.73
C MET F 245 -12.71 12.16 -16.67
N HIS F 246 -13.99 11.87 -16.44
CA HIS F 246 -14.38 10.84 -15.48
C HIS F 246 -13.85 9.46 -15.88
N ASP F 247 -13.90 9.15 -17.16
CA ASP F 247 -13.36 7.90 -17.64
C ASP F 247 -11.83 7.75 -17.53
N THR F 248 -11.06 8.82 -17.37
CA THR F 248 -9.64 8.67 -17.03
C THR F 248 -9.41 7.82 -15.78
N HIS F 249 -10.45 7.68 -14.95
CA HIS F 249 -10.45 6.74 -13.86
C HIS F 249 -11.30 5.47 -14.13
N TYR F 250 -12.56 5.65 -14.51
CA TYR F 250 -13.52 4.54 -14.63
C TYR F 250 -13.35 3.66 -15.87
N ASN F 251 -12.71 4.16 -16.91
CA ASN F 251 -12.42 3.37 -18.08
C ASN F 251 -11.19 3.93 -18.80
N PRO F 252 -10.02 3.69 -18.22
CA PRO F 252 -8.82 4.43 -18.56
C PRO F 252 -7.99 3.95 -19.73
N ILE F 253 -8.52 3.06 -20.58
CA ILE F 253 -7.72 2.46 -21.70
C ILE F 253 -7.21 3.49 -22.71
N PHE F 254 -7.93 4.61 -22.84
CA PHE F 254 -7.56 5.69 -23.76
C PHE F 254 -6.57 6.73 -23.18
N TRP F 255 -6.35 6.69 -21.87
CA TRP F 255 -5.71 7.76 -21.15
C TRP F 255 -4.32 7.36 -20.75
N GLY F 256 -3.34 8.11 -21.24
CA GLY F 256 -1.98 7.94 -20.81
C GLY F 256 -0.97 8.48 -21.78
N VAL F 257 0.30 8.20 -21.48
CA VAL F 257 1.41 8.36 -22.41
C VAL F 257 1.82 6.93 -22.74
N PHE F 258 1.73 6.58 -24.03
CA PHE F 258 1.89 5.19 -24.48
C PHE F 258 3.16 5.03 -25.34
N GLY F 259 3.89 3.94 -25.10
CA GLY F 259 5.09 3.56 -25.85
C GLY F 259 6.06 4.68 -26.21
N ASP F 260 6.30 4.82 -27.52
CA ASP F 260 7.25 5.80 -28.09
C ASP F 260 7.03 7.23 -27.68
N GLU F 261 5.81 7.55 -27.23
CA GLU F 261 5.46 8.90 -26.79
C GLU F 261 6.35 9.44 -25.66
N THR F 262 6.91 8.53 -24.85
CA THR F 262 7.84 8.89 -23.75
C THR F 262 9.02 9.71 -24.29
N GLU F 263 9.48 9.41 -25.50
CA GLU F 263 10.58 10.16 -26.12
C GLU F 263 10.18 11.54 -26.62
N LEU F 264 8.89 11.86 -26.66
CA LEU F 264 8.45 13.16 -27.13
C LEU F 264 8.51 14.22 -26.04
N SER F 265 8.50 15.46 -26.48
CA SER F 265 8.39 16.64 -25.63
C SER F 265 7.18 16.54 -24.70
N SER F 266 7.29 17.12 -23.54
CA SER F 266 6.15 17.19 -22.61
C SER F 266 4.93 17.85 -23.10
N LEU F 267 5.15 18.98 -23.78
CA LEU F 267 4.08 19.69 -24.43
C LEU F 267 3.32 18.75 -25.37
N LYS F 268 4.06 17.96 -26.13
CA LYS F 268 3.48 17.10 -27.11
C LYS F 268 2.79 15.91 -26.51
N ARG F 269 3.36 15.34 -25.45
CA ARG F 269 2.73 14.25 -24.71
C ARG F 269 1.33 14.63 -24.19
N ILE F 270 1.20 15.84 -23.66
CA ILE F 270 -0.08 16.35 -23.24
C ILE F 270 -1.05 16.50 -24.43
N ASP F 271 -0.61 17.18 -25.51
CA ASP F 271 -1.44 17.35 -26.71
C ASP F 271 -2.01 16.03 -27.24
N ILE F 272 -1.15 15.02 -27.38
CA ILE F 272 -1.54 13.69 -27.89
C ILE F 272 -2.54 13.02 -26.97
N ALA F 273 -2.28 13.10 -25.66
CA ALA F 273 -3.14 12.45 -24.69
C ALA F 273 -4.50 13.11 -24.67
N MET F 274 -4.49 14.44 -24.67
CA MET F 274 -5.73 15.22 -24.67
C MET F 274 -6.52 15.07 -25.98
N ASN F 275 -5.83 14.92 -27.10
CA ASN F 275 -6.51 14.56 -28.33
C ASN F 275 -7.26 13.22 -28.23
N ARG F 276 -6.67 12.23 -27.57
CA ARG F 276 -7.36 10.95 -27.36
C ARG F 276 -8.66 11.14 -26.54
N ALA F 277 -8.63 12.06 -25.59
CA ALA F 277 -9.79 12.39 -24.76
C ALA F 277 -10.89 13.00 -25.61
N LYS F 278 -10.52 13.90 -26.51
CA LYS F 278 -11.48 14.49 -27.43
C LYS F 278 -12.09 13.44 -28.32
N THR F 279 -11.24 12.61 -28.93
CA THR F 279 -11.73 11.57 -29.87
C THR F 279 -12.61 10.56 -29.16
N TYR F 280 -12.34 10.30 -27.89
CA TYR F 280 -13.18 9.44 -27.08
C TYR F 280 -14.61 9.97 -26.94
N ALA F 281 -14.74 11.25 -26.65
CA ALA F 281 -16.05 11.91 -26.61
C ALA F 281 -16.76 11.86 -27.94
N VAL F 282 -16.01 12.08 -29.01
CA VAL F 282 -16.58 12.06 -30.35
C VAL F 282 -17.15 10.67 -30.62
N SER F 283 -16.40 9.64 -30.23
CA SER F 283 -16.84 8.25 -30.45
C SER F 283 -18.13 7.94 -29.74
N GLN F 284 -18.26 8.43 -28.51
CA GLN F 284 -19.47 8.22 -27.73
C GLN F 284 -20.67 8.93 -28.33
N SER F 285 -20.49 10.17 -28.74
CA SER F 285 -21.54 10.89 -29.47
C SER F 285 -21.93 10.15 -30.78
N ASP F 286 -20.94 9.73 -31.56
CA ASP F 286 -21.17 9.03 -32.82
C ASP F 286 -21.90 7.68 -32.64
N SER F 287 -21.59 6.99 -31.55
CA SER F 287 -22.25 5.76 -31.18
C SER F 287 -23.76 5.96 -31.00
N VAL F 288 -24.17 7.11 -30.47
CA VAL F 288 -25.61 7.48 -30.38
C VAL F 288 -26.16 7.68 -31.79
N ALA F 289 -25.41 8.36 -32.63
CA ALA F 289 -25.86 8.61 -34.02
C ALA F 289 -26.03 7.31 -34.79
N SER F 290 -25.10 6.37 -34.62
CA SER F 290 -25.20 5.04 -35.20
C SER F 290 -26.42 4.26 -34.71
N TYR F 291 -26.72 4.37 -33.42
CA TYR F 291 -27.88 3.67 -32.87
C TYR F 291 -29.22 4.16 -33.45
N ILE F 292 -29.40 5.47 -33.57
CA ILE F 292 -30.64 6.03 -34.11
C ILE F 292 -30.75 5.73 -35.62
N LYS F 293 -29.63 5.79 -36.34
CA LYS F 293 -29.60 5.39 -37.75
C LYS F 293 -30.08 3.94 -37.92
N SER F 294 -29.63 3.04 -37.04
CA SER F 294 -30.06 1.63 -37.07
C SER F 294 -31.57 1.47 -36.84
N LEU F 295 -32.20 2.41 -36.15
CA LEU F 295 -33.64 2.39 -35.97
C LEU F 295 -34.38 3.07 -37.10
N GLY F 296 -33.66 3.56 -38.12
CA GLY F 296 -34.27 4.32 -39.22
C GLY F 296 -34.87 5.65 -38.78
N ILE F 297 -34.22 6.33 -37.84
CA ILE F 297 -34.69 7.60 -37.31
C ILE F 297 -33.63 8.66 -37.52
N ASN F 298 -34.06 9.81 -38.04
CA ASN F 298 -33.16 10.90 -38.28
C ASN F 298 -33.53 12.00 -37.31
N LYS F 299 -32.66 12.25 -36.34
CA LYS F 299 -32.82 13.38 -35.41
C LYS F 299 -31.49 14.09 -35.22
N PRO F 300 -31.52 15.40 -34.96
CA PRO F 300 -30.27 16.05 -34.58
C PRO F 300 -29.78 15.56 -33.23
N ILE F 301 -28.47 15.57 -33.07
CA ILE F 301 -27.85 15.30 -31.79
C ILE F 301 -27.07 16.56 -31.44
N HIS F 302 -27.22 16.98 -30.18
CA HIS F 302 -26.39 18.04 -29.57
C HIS F 302 -25.75 17.57 -28.24
N ILE F 303 -24.61 18.16 -27.90
CA ILE F 303 -23.94 17.84 -26.64
C ILE F 303 -24.53 18.70 -25.52
N GLY F 304 -25.31 18.05 -24.67
CA GLY F 304 -25.90 18.69 -23.50
C GLY F 304 -25.00 18.87 -22.30
N GLU F 305 -23.94 18.06 -22.21
CA GLU F 305 -23.01 18.19 -21.09
C GLU F 305 -21.69 17.49 -21.37
N THR F 306 -20.60 18.25 -21.23
CA THR F 306 -19.29 17.68 -21.08
C THR F 306 -18.40 18.74 -20.44
N GLY F 307 -17.30 18.29 -19.81
CA GLY F 307 -16.45 19.18 -19.05
C GLY F 307 -15.21 18.50 -18.48
N TRP F 308 -14.27 19.31 -18.02
CA TRP F 308 -13.00 18.83 -17.53
C TRP F 308 -12.57 19.74 -16.39
N ALA F 309 -12.61 19.23 -15.17
CA ALA F 309 -12.34 20.03 -14.00
C ALA F 309 -10.86 20.46 -13.87
N SER F 310 -10.65 21.61 -13.23
CA SER F 310 -9.32 22.19 -13.08
C SER F 310 -8.62 21.75 -11.79
N PHE F 311 -9.33 21.02 -10.93
CA PHE F 311 -8.72 20.51 -9.73
C PHE F 311 -9.44 19.29 -9.21
N SER F 312 -8.71 18.34 -8.62
CA SER F 312 -9.29 17.20 -7.92
C SER F 312 -8.36 16.68 -6.83
N ASN F 313 -8.92 16.48 -5.64
CA ASN F 313 -8.19 15.79 -4.55
C ASN F 313 -8.61 14.33 -4.37
N GLY F 314 -9.35 13.77 -5.33
CA GLY F 314 -9.70 12.35 -5.35
C GLY F 314 -9.07 11.68 -6.55
N TYR F 315 -9.92 11.01 -7.34
CA TYR F 315 -9.48 10.15 -8.42
C TYR F 315 -8.83 10.81 -9.62
N TYR F 316 -9.12 12.09 -9.85
CA TYR F 316 -8.81 12.71 -11.13
C TYR F 316 -7.60 13.65 -11.12
N GLY F 317 -7.00 13.87 -9.95
CA GLY F 317 -5.85 14.79 -9.81
C GLY F 317 -4.54 14.11 -9.49
N ALA F 318 -3.72 14.76 -8.70
CA ALA F 318 -2.41 14.23 -8.28
C ALA F 318 -2.46 12.85 -7.60
N LYS F 319 -3.54 12.56 -6.89
CA LYS F 319 -3.64 11.26 -6.18
C LYS F 319 -4.28 10.16 -7.03
N GLY F 320 -4.52 10.42 -8.32
CA GLY F 320 -5.15 9.47 -9.22
C GLY F 320 -4.67 9.66 -10.65
N SER F 321 -5.58 9.95 -11.56
CA SER F 321 -5.30 9.93 -12.99
C SER F 321 -4.51 11.10 -13.59
N LYS F 322 -4.20 12.14 -12.81
CA LYS F 322 -3.46 13.33 -13.30
C LYS F 322 -4.19 14.11 -14.43
N ALA F 323 -5.50 14.08 -14.41
CA ALA F 323 -6.29 14.76 -15.42
C ALA F 323 -6.51 16.26 -15.13
N THR F 324 -6.76 16.61 -13.87
CA THR F 324 -7.32 17.89 -13.54
C THR F 324 -6.29 18.97 -13.31
N ASP F 325 -6.38 20.02 -14.14
CA ASP F 325 -5.64 21.30 -13.97
C ASP F 325 -6.18 22.26 -15.06
N GLU F 326 -5.87 23.56 -14.95
CA GLU F 326 -6.41 24.55 -15.85
C GLU F 326 -5.92 24.46 -17.29
N TYR F 327 -4.73 23.88 -17.49
CA TYR F 327 -4.15 23.71 -18.81
C TYR F 327 -4.89 22.62 -19.59
N LYS F 328 -5.07 21.46 -18.98
CA LYS F 328 -5.78 20.38 -19.65
C LYS F 328 -7.22 20.73 -19.86
N GLU F 329 -7.80 21.49 -18.93
CA GLU F 329 -9.17 21.99 -19.10
C GLU F 329 -9.31 22.87 -20.37
N ALA F 330 -8.36 23.78 -20.54
CA ALA F 330 -8.34 24.64 -21.71
C ALA F 330 -8.20 23.85 -22.99
N ILE F 331 -7.29 22.89 -23.00
CA ILE F 331 -7.13 22.04 -24.17
C ILE F 331 -8.44 21.31 -24.50
N PHE F 332 -9.09 20.77 -23.50
CA PHE F 332 -10.31 20.02 -23.72
C PHE F 332 -11.41 20.94 -24.23
N TYR F 333 -11.59 22.08 -23.56
CA TYR F 333 -12.60 23.06 -23.93
C TYR F 333 -12.48 23.45 -25.41
N ASN F 334 -11.27 23.77 -25.85
CA ASN F 334 -11.01 24.20 -27.24
C ASN F 334 -11.22 23.09 -28.24
N HIS F 335 -10.79 21.88 -27.89
CA HIS F 335 -11.06 20.74 -28.77
C HIS F 335 -12.56 20.48 -28.96
N ILE F 336 -13.33 20.61 -27.87
CA ILE F 336 -14.76 20.35 -27.90
C ILE F 336 -15.45 21.44 -28.71
N ARG F 337 -15.01 22.68 -28.55
CA ARG F 337 -15.53 23.79 -29.37
C ARG F 337 -15.23 23.57 -30.86
N GLU F 338 -13.99 23.26 -31.23
CA GLU F 338 -13.65 22.98 -32.62
C GLU F 338 -14.50 21.85 -33.18
N TRP F 339 -14.57 20.73 -32.47
CA TRP F 339 -15.35 19.58 -32.95
C TRP F 339 -16.80 19.96 -33.16
N THR F 340 -17.41 20.60 -32.17
CA THR F 340 -18.83 20.85 -32.21
C THR F 340 -19.19 21.88 -33.26
N ASN F 341 -18.37 22.89 -33.43
CA ASN F 341 -18.62 23.91 -34.42
C ASN F 341 -18.46 23.37 -35.85
N GLU F 342 -17.49 22.49 -36.08
CA GLU F 342 -17.32 21.80 -37.41
C GLU F 342 -18.42 20.78 -37.68
N ALA F 343 -19.00 20.17 -36.64
CA ALA F 343 -20.10 19.18 -36.78
C ALA F 343 -21.52 19.79 -36.69
N ASN F 344 -21.62 21.10 -36.57
CA ASN F 344 -22.87 21.81 -36.28
C ASN F 344 -23.67 21.23 -35.11
N MET F 345 -22.99 21.08 -33.98
CA MET F 345 -23.61 20.76 -32.70
C MET F 345 -23.41 21.92 -31.73
N SER F 346 -24.44 22.22 -30.96
CA SER F 346 -24.29 22.97 -29.73
C SER F 346 -23.56 22.10 -28.68
N CYS F 347 -22.79 22.77 -27.82
CA CYS F 347 -22.20 22.15 -26.68
C CYS F 347 -22.45 23.00 -25.48
N PHE F 348 -23.32 22.51 -24.60
CA PHE F 348 -23.62 23.21 -23.37
C PHE F 348 -22.50 22.81 -22.41
N TYR F 349 -21.34 23.47 -22.55
CA TYR F 349 -20.13 23.02 -21.88
C TYR F 349 -20.25 23.22 -20.35
N PHE F 350 -19.73 22.26 -19.60
CA PHE F 350 -19.86 22.27 -18.14
C PHE F 350 -18.55 22.74 -17.51
N GLU F 351 -18.50 23.95 -16.93
CA GLU F 351 -19.65 24.85 -16.70
C GLU F 351 -19.11 26.29 -16.68
N ALA F 352 -20.00 27.27 -16.59
CA ALA F 352 -19.56 28.66 -16.63
C ALA F 352 -18.67 29.01 -15.42
N PHE F 353 -19.22 28.84 -14.22
CA PHE F 353 -18.55 29.21 -12.98
C PHE F 353 -18.42 27.99 -12.03
N ASP F 354 -17.29 27.91 -11.31
CA ASP F 354 -17.17 26.95 -10.19
C ASP F 354 -18.35 27.11 -9.24
N GLU F 355 -18.89 25.99 -8.84
CA GLU F 355 -20.07 25.94 -7.95
C GLU F 355 -19.71 25.09 -6.74
N PRO F 356 -19.36 25.74 -5.63
CA PRO F 356 -18.85 24.97 -4.49
C PRO F 356 -19.88 24.23 -3.61
N TRP F 357 -21.16 24.27 -3.94
CA TRP F 357 -22.17 23.45 -3.24
C TRP F 357 -22.23 22.00 -3.68
N LYS F 358 -21.58 21.65 -4.78
CA LYS F 358 -21.76 20.35 -5.43
C LYS F 358 -21.08 19.23 -4.67
N ASP F 359 -19.90 19.53 -4.12
CA ASP F 359 -19.27 18.66 -3.13
C ASP F 359 -19.01 19.58 -1.90
N ALA F 360 -20.09 19.85 -1.19
CA ALA F 360 -20.12 20.87 -0.15
C ALA F 360 -19.08 20.63 0.94
N HIS F 361 -18.94 19.38 1.40
CA HIS F 361 -18.06 19.02 2.51
C HIS F 361 -16.63 18.78 2.11
N ASN F 362 -16.30 18.96 0.84
CA ASN F 362 -14.92 18.78 0.39
C ASN F 362 -14.60 19.75 -0.74
N SER F 363 -14.05 20.91 -0.40
CA SER F 363 -13.81 21.96 -1.40
C SER F 363 -12.85 21.57 -2.54
N GLY F 364 -11.89 20.67 -2.28
CA GLY F 364 -11.04 20.11 -3.30
C GLY F 364 -11.65 19.05 -4.24
N GLY F 365 -12.89 18.64 -3.97
CA GLY F 365 -13.61 17.74 -4.88
C GLY F 365 -13.81 18.34 -6.28
N SER F 366 -13.61 17.53 -7.31
CA SER F 366 -13.65 17.99 -8.68
C SER F 366 -14.99 18.60 -9.09
N GLU F 367 -16.08 18.13 -8.49
CA GLU F 367 -17.39 18.74 -8.74
C GLU F 367 -17.44 20.27 -8.56
N ASN F 368 -16.62 20.80 -7.67
CA ASN F 368 -16.54 22.24 -7.38
C ASN F 368 -15.61 23.00 -8.33
N HIS F 369 -15.05 22.35 -9.35
CA HIS F 369 -14.01 22.99 -10.13
C HIS F 369 -14.21 22.90 -11.64
N PHE F 370 -15.46 22.81 -12.06
CA PHE F 370 -15.73 22.67 -13.50
C PHE F 370 -15.88 23.97 -14.25
N GLY F 371 -15.83 25.08 -13.53
CA GLY F 371 -15.95 26.39 -14.15
C GLY F 371 -14.86 26.76 -15.15
N LEU F 372 -15.20 27.68 -16.05
CA LEU F 372 -14.21 28.46 -16.79
C LEU F 372 -13.69 29.61 -15.91
N PHE F 373 -14.53 30.05 -14.98
CA PHE F 373 -14.19 31.05 -13.97
C PHE F 373 -14.25 30.43 -12.58
N THR F 374 -13.52 31.05 -11.66
CA THR F 374 -13.50 30.65 -10.24
C THR F 374 -14.75 31.21 -9.62
N VAL F 375 -15.07 30.80 -8.40
CA VAL F 375 -16.21 31.38 -7.70
C VAL F 375 -16.07 32.93 -7.60
N ASP F 376 -14.85 33.42 -7.34
CA ASP F 376 -14.57 34.86 -7.18
C ASP F 376 -14.48 35.65 -8.48
N GLY F 377 -14.66 34.99 -9.62
CA GLY F 377 -14.69 35.66 -10.91
C GLY F 377 -13.34 35.77 -11.57
N LYS F 378 -12.36 35.01 -11.11
CA LYS F 378 -11.10 34.92 -11.82
C LYS F 378 -11.25 34.03 -13.06
N ALA F 379 -10.67 34.46 -14.17
CA ALA F 379 -10.65 33.69 -15.39
C ALA F 379 -9.51 32.67 -15.35
N LYS F 380 -9.87 31.40 -15.50
CA LYS F 380 -8.88 30.32 -15.57
C LYS F 380 -8.15 30.35 -16.91
N TYR F 381 -7.04 29.64 -16.97
CA TYR F 381 -6.17 29.63 -18.14
C TYR F 381 -6.90 29.69 -19.48
N VAL F 382 -7.91 28.87 -19.61
CA VAL F 382 -8.72 28.78 -20.82
C VAL F 382 -9.18 30.15 -21.36
N LEU F 383 -9.48 31.11 -20.48
CA LEU F 383 -9.96 32.45 -20.86
C LEU F 383 -8.99 33.60 -20.65
N TRP F 384 -7.75 33.33 -20.27
CA TRP F 384 -6.74 34.38 -20.13
C TRP F 384 -6.65 35.27 -21.37
N ASP F 385 -6.70 34.65 -22.55
CA ASP F 385 -6.54 35.35 -23.79
C ASP F 385 -7.62 36.42 -23.92
N LEU F 386 -8.85 36.05 -23.57
CA LEU F 386 -9.96 37.01 -23.58
C LEU F 386 -9.83 38.15 -22.58
N VAL F 387 -9.28 37.88 -21.40
CA VAL F 387 -9.04 38.97 -20.44
C VAL F 387 -8.09 40.00 -21.06
N ASP F 388 -7.04 39.53 -21.71
CA ASP F 388 -6.04 40.39 -22.37
C ASP F 388 -6.62 41.23 -23.50
N LYS F 389 -7.56 40.67 -24.25
CA LYS F 389 -8.22 41.44 -25.31
C LYS F 389 -9.19 42.48 -24.75
N GLY F 390 -9.45 42.48 -23.45
CA GLY F 390 -10.34 43.46 -22.84
C GLY F 390 -11.83 43.13 -22.82
N VAL F 391 -12.17 41.89 -23.17
CA VAL F 391 -13.55 41.46 -23.30
C VAL F 391 -14.38 41.67 -22.04
N PHE F 392 -13.76 41.55 -20.86
CA PHE F 392 -14.48 41.72 -19.60
C PHE F 392 -14.24 43.06 -18.92
N GLU F 393 -13.68 44.05 -19.64
CA GLU F 393 -13.41 45.39 -19.03
C GLU F 393 -14.69 46.05 -18.55
N GLY F 394 -14.67 46.55 -17.33
CA GLY F 394 -15.82 47.20 -16.71
C GLY F 394 -16.76 46.26 -15.99
N LEU F 395 -16.58 44.96 -16.16
CA LEU F 395 -17.45 43.96 -15.59
C LEU F 395 -16.89 43.45 -14.27
N THR F 396 -17.80 42.99 -13.42
CA THR F 396 -17.49 42.70 -12.02
C THR F 396 -18.31 41.39 -11.63
N ARG F 397 -17.76 40.55 -10.74
CA ARG F 397 -18.54 39.53 -10.02
C ARG F 397 -18.34 39.70 -8.52
N GLY F 398 -19.41 40.02 -7.81
CA GLY F 398 -19.38 40.22 -6.35
C GLY F 398 -18.43 41.30 -5.89
N GLY F 399 -18.27 42.34 -6.70
CA GLY F 399 -17.26 43.37 -6.46
C GLY F 399 -15.91 43.18 -7.13
N ASN F 400 -15.55 41.98 -7.55
CA ASN F 400 -14.20 41.74 -8.13
C ASN F 400 -14.15 41.96 -9.64
N PRO F 401 -13.12 42.66 -10.14
CA PRO F 401 -12.93 42.62 -11.56
C PRO F 401 -12.48 41.23 -12.07
N ILE F 402 -12.63 41.01 -13.37
CA ILE F 402 -12.27 39.74 -13.96
C ILE F 402 -10.76 39.70 -14.24
N THR F 403 -10.10 39.01 -13.33
CA THR F 403 -8.64 38.87 -13.28
C THR F 403 -8.23 37.49 -13.79
N LYS F 404 -7.03 37.38 -14.31
CA LYS F 404 -6.43 36.07 -14.62
C LYS F 404 -6.04 35.29 -13.35
N THR F 405 -6.31 33.98 -13.33
CA THR F 405 -5.74 33.06 -12.30
C THR F 405 -4.22 33.02 -12.47
N TYR F 406 -3.47 32.67 -11.40
CA TYR F 406 -1.99 32.66 -11.42
C TYR F 406 -1.30 34.00 -11.81
N ASN F 407 -2.03 35.12 -11.77
CA ASN F 407 -1.53 36.39 -12.32
C ASN F 407 -1.13 36.34 -13.77
N GLY F 408 -1.74 35.44 -14.52
CA GLY F 408 -1.40 35.28 -15.92
C GLY F 408 -0.03 34.73 -16.18
N ASN F 409 0.53 34.05 -15.19
CA ASN F 409 1.87 33.49 -15.28
C ASN F 409 1.84 32.03 -15.68
N LYS F 410 2.11 31.81 -16.96
CA LYS F 410 2.03 30.48 -17.54
C LYS F 410 3.03 29.51 -16.89
N GLU F 411 4.22 30.00 -16.55
CA GLU F 411 5.21 29.18 -15.89
C GLU F 411 4.70 28.67 -14.56
N ALA F 412 4.03 29.52 -13.79
CA ALA F 412 3.51 29.11 -12.49
C ALA F 412 2.45 28.02 -12.62
N LEU F 413 1.67 28.08 -13.69
CA LEU F 413 0.71 27.05 -13.97
C LEU F 413 1.39 25.72 -14.32
N PHE F 414 2.33 25.79 -15.24
CA PHE F 414 3.02 24.62 -15.73
C PHE F 414 3.72 23.82 -14.63
N LEU F 415 4.25 24.49 -13.61
CA LEU F 415 4.82 23.79 -12.47
C LEU F 415 3.81 22.88 -11.76
N GLU F 416 2.57 23.36 -11.63
CA GLU F 416 1.51 22.59 -10.99
C GLU F 416 0.96 21.49 -11.88
N VAL F 417 1.01 21.63 -13.21
CA VAL F 417 0.44 20.58 -14.07
C VAL F 417 1.37 19.32 -14.09
N GLU F 418 0.74 18.15 -13.99
CA GLU F 418 1.44 16.86 -14.07
C GLU F 418 1.13 16.21 -15.40
N LEU F 419 2.01 15.31 -15.85
CA LEU F 419 1.76 14.57 -17.08
C LEU F 419 0.84 13.39 -16.83
N PRO F 420 0.13 12.94 -17.87
CA PRO F 420 -0.61 11.71 -17.72
C PRO F 420 0.30 10.51 -17.36
N PRO F 421 -0.27 9.48 -16.74
CA PRO F 421 0.56 8.35 -16.35
C PRO F 421 1.05 7.59 -17.58
N VAL F 422 2.28 7.07 -17.48
CA VAL F 422 2.90 6.24 -18.52
C VAL F 422 2.20 4.86 -18.53
N LYS F 423 1.82 4.38 -19.71
CA LYS F 423 1.24 3.04 -19.83
C LYS F 423 1.93 2.17 -20.87
N LYS F 424 1.83 0.87 -20.52
CA LYS F 424 2.08 -0.34 -21.35
C LYS F 424 1.31 -0.29 -22.62
N GLU F 425 2.02 -0.34 -23.75
CA GLU F 425 1.41 -0.57 -25.06
C GLU F 425 1.74 -1.97 -25.57
N ILE F 426 0.73 -2.80 -25.75
CA ILE F 426 0.86 -4.09 -26.44
C ILE F 426 0.64 -3.85 -27.94
N THR F 427 1.49 -4.41 -28.79
CA THR F 427 1.30 -4.36 -30.23
C THR F 427 0.52 -5.62 -30.65
N LYS F 428 -0.58 -5.43 -31.38
CA LYS F 428 -1.31 -6.52 -31.97
C LYS F 428 -0.70 -6.89 -33.31
N ASN F 429 -0.91 -8.12 -33.76
CA ASN F 429 -0.30 -8.61 -35.00
C ASN F 429 -1.09 -8.25 -36.26
N HIS F 430 -1.38 -6.96 -36.39
CA HIS F 430 -2.24 -6.46 -37.47
C HIS F 430 -1.40 -5.94 -38.60
#